data_5CRZ
# 
_entry.id   5CRZ 
# 
_audit_conform.dict_name       mmcif_pdbx.dic 
_audit_conform.dict_version    5.380 
_audit_conform.dict_location   http://mmcif.pdb.org/dictionaries/ascii/mmcif_pdbx.dic 
# 
loop_
_database_2.database_id 
_database_2.database_code 
_database_2.pdbx_database_accession 
_database_2.pdbx_DOI 
PDB   5CRZ         pdb_00005crz 10.2210/pdb5crz/pdb 
WWPDB D_1000212097 ?            ?                   
# 
loop_
_pdbx_database_related.db_name 
_pdbx_database_related.details 
_pdbx_database_related.db_id 
_pdbx_database_related.content_type 
PDB . 5CP5 unspecified 
PDB . 5CPE unspecified 
PDB . 5CQT unspecified 
PDB . 5COI unspecified 
PDB . 5CRM unspecified 
PDB . 5CS8 unspecified 
PDB . 5CTL unspecified 
# 
_pdbx_database_status.status_code                     REL 
_pdbx_database_status.status_code_sf                  REL 
_pdbx_database_status.status_code_mr                  ? 
_pdbx_database_status.entry_id                        5CRZ 
_pdbx_database_status.recvd_initial_deposition_date   2015-07-23 
_pdbx_database_status.SG_entry                        N 
_pdbx_database_status.deposit_site                    RCSB 
_pdbx_database_status.process_site                    PDBJ 
_pdbx_database_status.status_code_cs                  ? 
_pdbx_database_status.methods_development_category    ? 
_pdbx_database_status.pdb_format_compatible           Y 
_pdbx_database_status.status_code_nmr_data            ? 
# 
loop_
_audit_author.name 
_audit_author.pdbx_ordinal 
'Zhang, Y.' 1 
'Song, M.'  2 
'Liu, Z.'   3 
'Xue, X.'   4 
'Xu, Y.'    5 
# 
_citation.abstract                  ? 
_citation.abstract_id_CAS           ? 
_citation.book_id_ISBN              ? 
_citation.book_publisher            ? 
_citation.book_publisher_city       ? 
_citation.book_title                ? 
_citation.coordinate_linkage        ? 
_citation.country                   US 
_citation.database_id_Medline       ? 
_citation.details                   ? 
_citation.id                        primary 
_citation.journal_abbrev            J.Med.Chem. 
_citation.journal_id_ASTM           JMCMAR 
_citation.journal_id_CSD            0151 
_citation.journal_id_ISSN           0022-2623 
_citation.journal_full              ? 
_citation.journal_issue             ? 
_citation.journal_volume            59 
_citation.language                  ? 
_citation.page_first                1565 
_citation.page_last                 1579 
_citation.title                     
;Discovery of Benzo[cd]indol-2(1H)-ones as Potent and Specific BET Bromodomain Inhibitors: Structure-Based Virtual Screening, Optimization, and Biological Evaluation
;
_citation.year                      2016 
_citation.database_id_CSD           ? 
_citation.pdbx_database_id_DOI      10.1021/acs.jmedchem.5b01511 
_citation.pdbx_database_id_PubMed   26731490 
_citation.unpublished_flag          ? 
# 
loop_
_citation_author.citation_id 
_citation_author.name 
_citation_author.ordinal 
_citation_author.identifier_ORCID 
primary 'Xue, X.'   1  ? 
primary 'Zhang, Y.' 2  ? 
primary 'Liu, Z.'   3  ? 
primary 'Song, M.'  4  ? 
primary 'Xing, Y.'  5  ? 
primary 'Xiang, Q.' 6  ? 
primary 'Wang, Z.'  7  ? 
primary 'Tu, Z.'    8  ? 
primary 'Zhou, Y.'  9  ? 
primary 'Ding, K.'  10 ? 
primary 'Xu, Y.'    11 ? 
# 
_cell.length_a           34.920 
_cell.length_b           47.340 
_cell.length_c           78.370 
_cell.angle_alpha        90.000 
_cell.angle_beta         90.000 
_cell.angle_gamma        90.000 
_cell.entry_id           5CRZ 
_cell.Z_PDB              4 
_cell.pdbx_unique_axis   ? 
# 
_symmetry.space_group_name_H-M             'P 21 21 21' 
_symmetry.entry_id                         5CRZ 
_symmetry.Int_Tables_number                19 
_symmetry.pdbx_full_space_group_name_H-M   ? 
_symmetry.cell_setting                     ? 
# 
loop_
_entity.id 
_entity.type 
_entity.src_method 
_entity.pdbx_description 
_entity.formula_weight 
_entity.pdbx_number_of_molecules 
_entity.pdbx_ec 
_entity.pdbx_mutation 
_entity.pdbx_fragment 
_entity.details 
1 polymer     man 'Bromodomain-containing protein 4'                                                     16767.326 1  ? ? 
'N-TERMINAL BROMODOMAIN, UNP RESIDUES 44-168' ? 
2 non-polymer syn 1,2-ETHANEDIOL                                                                         62.068    2  ? ? ? ? 
3 non-polymer syn 'NITRATE ION'                                                                          62.005    1  ? ? ? ? 
4 non-polymer syn '2-chloro-N-(1-ethyl-2-oxo-1,2-dihydrobenzo[cd]indol-6-yl)-4-fluorobenzenesulfonamide' 404.842   1  ? ? ? ? 
5 non-polymer syn GLYCEROL                                                                               92.094    1  ? ? ? ? 
6 water       nat water                                                                                  18.015    34 ? ? ? ? 
# 
_entity_name_com.entity_id   1 
_entity_name_com.name        'Protein HUNK1' 
# 
_entity_poly.entity_id                      1 
_entity_poly.type                           'polypeptide(L)' 
_entity_poly.nstd_linkage                   no 
_entity_poly.nstd_monomer                   no 
_entity_poly.pdbx_seq_one_letter_code       
;MKKGHHHHHHLVPRGSNPPPPETSNPNKPKRQTNQLQYLLRVVLKTLWKHQFAWPFQQPVDAVKLNLPDYYKIIKTPMDM
GTIKKRLENNYYWNAQECIQDFNTMFTNCYIYNKPGDDIVLMAEALEKLFLQKINELPTEE
;
_entity_poly.pdbx_seq_one_letter_code_can   
;MKKGHHHHHHLVPRGSNPPPPETSNPNKPKRQTNQLQYLLRVVLKTLWKHQFAWPFQQPVDAVKLNLPDYYKIIKTPMDM
GTIKKRLENNYYWNAQECIQDFNTMFTNCYIYNKPGDDIVLMAEALEKLFLQKINELPTEE
;
_entity_poly.pdbx_strand_id                 A 
_entity_poly.pdbx_target_identifier         ? 
# 
loop_
_entity_poly_seq.entity_id 
_entity_poly_seq.num 
_entity_poly_seq.mon_id 
_entity_poly_seq.hetero 
1 1   MET n 
1 2   LYS n 
1 3   LYS n 
1 4   GLY n 
1 5   HIS n 
1 6   HIS n 
1 7   HIS n 
1 8   HIS n 
1 9   HIS n 
1 10  HIS n 
1 11  LEU n 
1 12  VAL n 
1 13  PRO n 
1 14  ARG n 
1 15  GLY n 
1 16  SER n 
1 17  ASN n 
1 18  PRO n 
1 19  PRO n 
1 20  PRO n 
1 21  PRO n 
1 22  GLU n 
1 23  THR n 
1 24  SER n 
1 25  ASN n 
1 26  PRO n 
1 27  ASN n 
1 28  LYS n 
1 29  PRO n 
1 30  LYS n 
1 31  ARG n 
1 32  GLN n 
1 33  THR n 
1 34  ASN n 
1 35  GLN n 
1 36  LEU n 
1 37  GLN n 
1 38  TYR n 
1 39  LEU n 
1 40  LEU n 
1 41  ARG n 
1 42  VAL n 
1 43  VAL n 
1 44  LEU n 
1 45  LYS n 
1 46  THR n 
1 47  LEU n 
1 48  TRP n 
1 49  LYS n 
1 50  HIS n 
1 51  GLN n 
1 52  PHE n 
1 53  ALA n 
1 54  TRP n 
1 55  PRO n 
1 56  PHE n 
1 57  GLN n 
1 58  GLN n 
1 59  PRO n 
1 60  VAL n 
1 61  ASP n 
1 62  ALA n 
1 63  VAL n 
1 64  LYS n 
1 65  LEU n 
1 66  ASN n 
1 67  LEU n 
1 68  PRO n 
1 69  ASP n 
1 70  TYR n 
1 71  TYR n 
1 72  LYS n 
1 73  ILE n 
1 74  ILE n 
1 75  LYS n 
1 76  THR n 
1 77  PRO n 
1 78  MET n 
1 79  ASP n 
1 80  MET n 
1 81  GLY n 
1 82  THR n 
1 83  ILE n 
1 84  LYS n 
1 85  LYS n 
1 86  ARG n 
1 87  LEU n 
1 88  GLU n 
1 89  ASN n 
1 90  ASN n 
1 91  TYR n 
1 92  TYR n 
1 93  TRP n 
1 94  ASN n 
1 95  ALA n 
1 96  GLN n 
1 97  GLU n 
1 98  CYS n 
1 99  ILE n 
1 100 GLN n 
1 101 ASP n 
1 102 PHE n 
1 103 ASN n 
1 104 THR n 
1 105 MET n 
1 106 PHE n 
1 107 THR n 
1 108 ASN n 
1 109 CYS n 
1 110 TYR n 
1 111 ILE n 
1 112 TYR n 
1 113 ASN n 
1 114 LYS n 
1 115 PRO n 
1 116 GLY n 
1 117 ASP n 
1 118 ASP n 
1 119 ILE n 
1 120 VAL n 
1 121 LEU n 
1 122 MET n 
1 123 ALA n 
1 124 GLU n 
1 125 ALA n 
1 126 LEU n 
1 127 GLU n 
1 128 LYS n 
1 129 LEU n 
1 130 PHE n 
1 131 LEU n 
1 132 GLN n 
1 133 LYS n 
1 134 ILE n 
1 135 ASN n 
1 136 GLU n 
1 137 LEU n 
1 138 PRO n 
1 139 THR n 
1 140 GLU n 
1 141 GLU n 
# 
_entity_src_gen.entity_id                          1 
_entity_src_gen.pdbx_src_id                        1 
_entity_src_gen.pdbx_alt_source_flag               sample 
_entity_src_gen.pdbx_seq_type                      'Biological sequence' 
_entity_src_gen.pdbx_beg_seq_num                   1 
_entity_src_gen.pdbx_end_seq_num                   141 
_entity_src_gen.gene_src_common_name               Human 
_entity_src_gen.gene_src_genus                     ? 
_entity_src_gen.pdbx_gene_src_gene                 'BRD4, HUNK1' 
_entity_src_gen.gene_src_species                   ? 
_entity_src_gen.gene_src_strain                    ? 
_entity_src_gen.gene_src_tissue                    ? 
_entity_src_gen.gene_src_tissue_fraction           ? 
_entity_src_gen.gene_src_details                   ? 
_entity_src_gen.pdbx_gene_src_fragment             ? 
_entity_src_gen.pdbx_gene_src_scientific_name      'Homo sapiens' 
_entity_src_gen.pdbx_gene_src_ncbi_taxonomy_id     9606 
_entity_src_gen.pdbx_gene_src_variant              ? 
_entity_src_gen.pdbx_gene_src_cell_line            ? 
_entity_src_gen.pdbx_gene_src_atcc                 ? 
_entity_src_gen.pdbx_gene_src_organ                ? 
_entity_src_gen.pdbx_gene_src_organelle            ? 
_entity_src_gen.pdbx_gene_src_cell                 ? 
_entity_src_gen.pdbx_gene_src_cellular_location    ? 
_entity_src_gen.host_org_common_name               ? 
_entity_src_gen.pdbx_host_org_scientific_name      'Escherichia coli BL21(DE3)' 
_entity_src_gen.pdbx_host_org_ncbi_taxonomy_id     469008 
_entity_src_gen.host_org_genus                     ? 
_entity_src_gen.pdbx_host_org_gene                 ? 
_entity_src_gen.pdbx_host_org_organ                ? 
_entity_src_gen.host_org_species                   ? 
_entity_src_gen.pdbx_host_org_tissue               ? 
_entity_src_gen.pdbx_host_org_tissue_fraction      ? 
_entity_src_gen.pdbx_host_org_strain               'BL21(DE3)' 
_entity_src_gen.pdbx_host_org_variant              ? 
_entity_src_gen.pdbx_host_org_cell_line            ? 
_entity_src_gen.pdbx_host_org_atcc                 ? 
_entity_src_gen.pdbx_host_org_culture_collection   ? 
_entity_src_gen.pdbx_host_org_cell                 ? 
_entity_src_gen.pdbx_host_org_organelle            ? 
_entity_src_gen.pdbx_host_org_cellular_location    ? 
_entity_src_gen.pdbx_host_org_vector_type          plasmid 
_entity_src_gen.pdbx_host_org_vector               ? 
_entity_src_gen.host_org_details                   ? 
_entity_src_gen.expression_system_id               ? 
_entity_src_gen.plasmid_name                       pET24a 
_entity_src_gen.plasmid_details                    ? 
_entity_src_gen.pdbx_description                   ? 
# 
_struct_ref.id                         1 
_struct_ref.db_name                    UNP 
_struct_ref.db_code                    BRD4_HUMAN 
_struct_ref.pdbx_db_accession          O60885 
_struct_ref.pdbx_db_isoform            ? 
_struct_ref.entity_id                  1 
_struct_ref.pdbx_seq_one_letter_code   
;NPPPPETSNPNKPKRQTNQLQYLLRVVLKTLWKHQFAWPFQQPVDAVKLNLPDYYKIIKTPMDMGTIKKRLENNYYWNAQ
ECIQDFNTMFTNCYIYNKPGDDIVLMAEALEKLFLQKINELPTEE
;
_struct_ref.pdbx_align_begin           44 
# 
_struct_ref_seq.align_id                      1 
_struct_ref_seq.ref_id                        1 
_struct_ref_seq.pdbx_PDB_id_code              5CRZ 
_struct_ref_seq.pdbx_strand_id                A 
_struct_ref_seq.seq_align_beg                 17 
_struct_ref_seq.pdbx_seq_align_beg_ins_code   ? 
_struct_ref_seq.seq_align_end                 141 
_struct_ref_seq.pdbx_seq_align_end_ins_code   ? 
_struct_ref_seq.pdbx_db_accession             O60885 
_struct_ref_seq.db_align_beg                  44 
_struct_ref_seq.pdbx_db_align_beg_ins_code    ? 
_struct_ref_seq.db_align_end                  168 
_struct_ref_seq.pdbx_db_align_end_ins_code    ? 
_struct_ref_seq.pdbx_auth_seq_align_beg       44 
_struct_ref_seq.pdbx_auth_seq_align_end       168 
# 
loop_
_struct_ref_seq_dif.align_id 
_struct_ref_seq_dif.pdbx_pdb_id_code 
_struct_ref_seq_dif.mon_id 
_struct_ref_seq_dif.pdbx_pdb_strand_id 
_struct_ref_seq_dif.seq_num 
_struct_ref_seq_dif.pdbx_pdb_ins_code 
_struct_ref_seq_dif.pdbx_seq_db_name 
_struct_ref_seq_dif.pdbx_seq_db_accession_code 
_struct_ref_seq_dif.db_mon_id 
_struct_ref_seq_dif.pdbx_seq_db_seq_num 
_struct_ref_seq_dif.details 
_struct_ref_seq_dif.pdbx_auth_seq_num 
_struct_ref_seq_dif.pdbx_ordinal 
1 5CRZ MET A 1  ? UNP O60885 ? ? 'initiating methionine' 28 1  
1 5CRZ LYS A 2  ? UNP O60885 ? ? 'expression tag'        29 2  
1 5CRZ LYS A 3  ? UNP O60885 ? ? 'expression tag'        30 3  
1 5CRZ GLY A 4  ? UNP O60885 ? ? 'expression tag'        31 4  
1 5CRZ HIS A 5  ? UNP O60885 ? ? 'expression tag'        32 5  
1 5CRZ HIS A 6  ? UNP O60885 ? ? 'expression tag'        33 6  
1 5CRZ HIS A 7  ? UNP O60885 ? ? 'expression tag'        34 7  
1 5CRZ HIS A 8  ? UNP O60885 ? ? 'expression tag'        35 8  
1 5CRZ HIS A 9  ? UNP O60885 ? ? 'expression tag'        36 9  
1 5CRZ HIS A 10 ? UNP O60885 ? ? 'expression tag'        37 10 
1 5CRZ LEU A 11 ? UNP O60885 ? ? 'expression tag'        38 11 
1 5CRZ VAL A 12 ? UNP O60885 ? ? 'expression tag'        39 12 
1 5CRZ PRO A 13 ? UNP O60885 ? ? 'expression tag'        40 13 
1 5CRZ ARG A 14 ? UNP O60885 ? ? 'expression tag'        41 14 
1 5CRZ GLY A 15 ? UNP O60885 ? ? 'expression tag'        42 15 
1 5CRZ SER A 16 ? UNP O60885 ? ? 'expression tag'        43 16 
# 
loop_
_chem_comp.id 
_chem_comp.type 
_chem_comp.mon_nstd_flag 
_chem_comp.name 
_chem_comp.pdbx_synonyms 
_chem_comp.formula 
_chem_comp.formula_weight 
ALA 'L-peptide linking' y ALANINE                                                                                ? 'C3 H7 N O2' 
89.093  
ARG 'L-peptide linking' y ARGININE                                                                               ? 
'C6 H15 N4 O2 1'       175.209 
ASN 'L-peptide linking' y ASPARAGINE                                                                             ? 'C4 H8 N2 O3' 
132.118 
ASP 'L-peptide linking' y 'ASPARTIC ACID'                                                                        ? 'C4 H7 N O4' 
133.103 
CYS 'L-peptide linking' y CYSTEINE                                                                               ? 'C3 H7 N O2 S' 
121.158 
EB7 non-polymer         . '2-chloro-N-(1-ethyl-2-oxo-1,2-dihydrobenzo[cd]indol-6-yl)-4-fluorobenzenesulfonamide' ? 
'C19 H14 Cl F N2 O3 S' 404.842 
EDO non-polymer         . 1,2-ETHANEDIOL                                                                         'ETHYLENE GLYCOL' 
'C2 H6 O2'             62.068  
GLN 'L-peptide linking' y GLUTAMINE                                                                              ? 'C5 H10 N2 O3' 
146.144 
GLU 'L-peptide linking' y 'GLUTAMIC ACID'                                                                        ? 'C5 H9 N O4' 
147.129 
GLY 'peptide linking'   y GLYCINE                                                                                ? 'C2 H5 N O2' 
75.067  
GOL non-polymer         . GLYCEROL                                                                               
'GLYCERIN; PROPANE-1,2,3-TRIOL' 'C3 H8 O3'             92.094  
HIS 'L-peptide linking' y HISTIDINE                                                                              ? 
'C6 H10 N3 O2 1'       156.162 
HOH non-polymer         . WATER                                                                                  ? 'H2 O' 18.015  
ILE 'L-peptide linking' y ISOLEUCINE                                                                             ? 'C6 H13 N O2' 
131.173 
LEU 'L-peptide linking' y LEUCINE                                                                                ? 'C6 H13 N O2' 
131.173 
LYS 'L-peptide linking' y LYSINE                                                                                 ? 
'C6 H15 N2 O2 1'       147.195 
MET 'L-peptide linking' y METHIONINE                                                                             ? 'C5 H11 N O2 S' 
149.211 
NO3 non-polymer         . 'NITRATE ION'                                                                          ? 'N O3 -1' 
62.005  
PHE 'L-peptide linking' y PHENYLALANINE                                                                          ? 'C9 H11 N O2' 
165.189 
PRO 'L-peptide linking' y PROLINE                                                                                ? 'C5 H9 N O2' 
115.130 
SER 'L-peptide linking' y SERINE                                                                                 ? 'C3 H7 N O3' 
105.093 
THR 'L-peptide linking' y THREONINE                                                                              ? 'C4 H9 N O3' 
119.119 
TRP 'L-peptide linking' y TRYPTOPHAN                                                                             ? 'C11 H12 N2 O2' 
204.225 
TYR 'L-peptide linking' y TYROSINE                                                                               ? 'C9 H11 N O3' 
181.189 
VAL 'L-peptide linking' y VALINE                                                                                 ? 'C5 H11 N O2' 
117.146 
# 
_exptl.absorpt_coefficient_mu     ? 
_exptl.absorpt_correction_T_max   ? 
_exptl.absorpt_correction_T_min   ? 
_exptl.absorpt_correction_type    ? 
_exptl.absorpt_process_details    ? 
_exptl.entry_id                   5CRZ 
_exptl.crystals_number            1 
_exptl.details                    ? 
_exptl.method                     'X-RAY DIFFRACTION' 
_exptl.method_details             ? 
# 
_exptl_crystal.colour                      ? 
_exptl_crystal.density_diffrn              ? 
_exptl_crystal.density_Matthews            1.94 
_exptl_crystal.density_method              ? 
_exptl_crystal.density_percent_sol         36.71 
_exptl_crystal.description                 ? 
_exptl_crystal.F_000                       ? 
_exptl_crystal.id                          1 
_exptl_crystal.preparation                 ? 
_exptl_crystal.size_max                    ? 
_exptl_crystal.size_mid                    ? 
_exptl_crystal.size_min                    ? 
_exptl_crystal.size_rad                    ? 
_exptl_crystal.colour_lustre               ? 
_exptl_crystal.colour_modifier             ? 
_exptl_crystal.colour_primary              ? 
_exptl_crystal.density_meas                ? 
_exptl_crystal.density_meas_esd            ? 
_exptl_crystal.density_meas_gt             ? 
_exptl_crystal.density_meas_lt             ? 
_exptl_crystal.density_meas_temp           ? 
_exptl_crystal.density_meas_temp_esd       ? 
_exptl_crystal.density_meas_temp_gt        ? 
_exptl_crystal.density_meas_temp_lt        ? 
_exptl_crystal.pdbx_crystal_image_url      ? 
_exptl_crystal.pdbx_crystal_image_format   ? 
_exptl_crystal.pdbx_mosaicity              ? 
_exptl_crystal.pdbx_mosaicity_esd          ? 
# 
_exptl_crystal_grow.apparatus       ? 
_exptl_crystal_grow.atmosphere      ? 
_exptl_crystal_grow.crystal_id      1 
_exptl_crystal_grow.details         ? 
_exptl_crystal_grow.method          'VAPOR DIFFUSION, SITTING DROP' 
_exptl_crystal_grow.method_ref      ? 
_exptl_crystal_grow.pH              8.0 
_exptl_crystal_grow.pressure        ? 
_exptl_crystal_grow.pressure_esd    ? 
_exptl_crystal_grow.seeding         ? 
_exptl_crystal_grow.seeding_ref     ? 
_exptl_crystal_grow.temp            277 
_exptl_crystal_grow.temp_details    ? 
_exptl_crystal_grow.temp_esd        ? 
_exptl_crystal_grow.time            ? 
_exptl_crystal_grow.pdbx_details    '20% PEG3350, 0.2M NaNO3, 0.1M HEPES, 10% EtGhly, pH 8.0' 
_exptl_crystal_grow.pdbx_pH_range   ? 
# 
_diffrn.ambient_environment    ? 
_diffrn.ambient_temp           100 
_diffrn.ambient_temp_details   ? 
_diffrn.ambient_temp_esd       ? 
_diffrn.crystal_id             1 
_diffrn.crystal_support        ? 
_diffrn.crystal_treatment      ? 
_diffrn.details                ? 
_diffrn.id                     1 
_diffrn.ambient_pressure       ? 
_diffrn.ambient_pressure_esd   ? 
_diffrn.ambient_pressure_gt    ? 
_diffrn.ambient_pressure_lt    ? 
_diffrn.ambient_temp_gt        ? 
_diffrn.ambient_temp_lt        ? 
# 
_diffrn_detector.details                      ? 
_diffrn_detector.detector                     PIXEL 
_diffrn_detector.diffrn_id                    1 
_diffrn_detector.type                         'PSI PILATUS 6M' 
_diffrn_detector.area_resol_mean              ? 
_diffrn_detector.dtime                        ? 
_diffrn_detector.pdbx_frames_total            ? 
_diffrn_detector.pdbx_collection_time_total   ? 
_diffrn_detector.pdbx_collection_date         2015-06-22 
# 
_diffrn_radiation.collimation                      ? 
_diffrn_radiation.diffrn_id                        1 
_diffrn_radiation.filter_edge                      ? 
_diffrn_radiation.inhomogeneity                    ? 
_diffrn_radiation.monochromator                    ? 
_diffrn_radiation.polarisn_norm                    ? 
_diffrn_radiation.polarisn_ratio                   ? 
_diffrn_radiation.probe                            ? 
_diffrn_radiation.type                             ? 
_diffrn_radiation.xray_symbol                      ? 
_diffrn_radiation.wavelength_id                    1 
_diffrn_radiation.pdbx_monochromatic_or_laue_m_l   M 
_diffrn_radiation.pdbx_wavelength_list             ? 
_diffrn_radiation.pdbx_wavelength                  ? 
_diffrn_radiation.pdbx_diffrn_protocol             'SINGLE WAVELENGTH' 
_diffrn_radiation.pdbx_analyzer                    ? 
_diffrn_radiation.pdbx_scattering_type             x-ray 
# 
_diffrn_radiation_wavelength.id           1 
_diffrn_radiation_wavelength.wavelength   0.97852 
_diffrn_radiation_wavelength.wt           1.0 
# 
_diffrn_source.current                     ? 
_diffrn_source.details                     ? 
_diffrn_source.diffrn_id                   1 
_diffrn_source.power                       ? 
_diffrn_source.size                        ? 
_diffrn_source.source                      SYNCHROTRON 
_diffrn_source.target                      ? 
_diffrn_source.type                        OTHER 
_diffrn_source.voltage                     ? 
_diffrn_source.take-off_angle              ? 
_diffrn_source.pdbx_wavelength_list        0.97852 
_diffrn_source.pdbx_wavelength             ? 
_diffrn_source.pdbx_synchrotron_beamline   ? 
_diffrn_source.pdbx_synchrotron_site       ? 
# 
_reflns.d_resolution_high            2.120 
_reflns.d_resolution_low             78.370 
_reflns.pdbx_number_measured_all     54180 
_reflns.number_obs                   7346 
_reflns.pdbx_scaling_rejects         121 
_reflns.pdbx_Rmerge_I_obs            0.097 
_reflns.pdbx_netI_over_sigmaI        10.800 
_reflns.pdbx_redundancy              7.400 
_reflns.percent_possible_obs         94.100 
_reflns.pdbx_Rpim_I_all              0.039 
_reflns.pdbx_CC_half                 0.993 
_reflns.pdbx_diffrn_id               1 
_reflns.pdbx_ordinal                 1 
_reflns.entry_id                     5CRZ 
_reflns.observed_criterion_sigma_I   ? 
_reflns.observed_criterion_sigma_F   ? 
_reflns.number_all                   ? 
_reflns.pdbx_Rsym_value              ? 
_reflns.B_iso_Wilson_estimate        ? 
# 
loop_
_reflns_shell.pdbx_diffrn_id 
_reflns_shell.pdbx_ordinal 
_reflns_shell.d_res_high 
_reflns_shell.d_res_low 
_reflns_shell.number_measured_obs 
_reflns_shell.number_measured_all 
_reflns_shell.number_unique_obs 
_reflns_shell.pdbx_rejects 
_reflns_shell.Rmerge_I_obs 
_reflns_shell.meanI_over_sigI_obs 
_reflns_shell.pdbx_Rsym_value 
_reflns_shell.pdbx_chi_squared 
_reflns_shell.pdbx_redundancy 
_reflns_shell.percent_possible_obs 
_reflns_shell.pdbx_netI_over_sigmaI_obs 
_reflns_shell.number_possible 
_reflns_shell.number_unique_all 
_reflns_shell.Rmerge_F_all 
_reflns_shell.Rmerge_F_obs 
_reflns_shell.Rmerge_I_all 
_reflns_shell.meanI_over_sigI_all 
_reflns_shell.percent_possible_all 
_reflns_shell.pdbx_Rrim_I_all 
_reflns_shell.pdbx_Rpim_I_all 
_reflns_shell.pdbx_CC_half 
1 1 2.120 2.180  ? 5202 ? 0 0.251 5.700  ? ? 8.100 ? ? ? 640 ? ? ? ? 99.700 ? 0.094 0.985 
1 2 8.990 78.370 ? 863  ? 0 0.063 16.400 ? ? 6.500 ? ? ? 133 ? ? ? ? 97.800 ? 0.027 0.991 
# 
_refine.entry_id                                 5CRZ 
_refine.pdbx_refine_id                           'X-RAY DIFFRACTION' 
_refine.ls_d_res_high                            2.1200 
_refine.ls_d_res_low                             40.5200 
_refine.pdbx_ls_sigma_F                          0.000 
_refine.pdbx_data_cutoff_high_absF               ? 
_refine.pdbx_data_cutoff_low_absF                ? 
_refine.ls_percent_reflns_obs                    93.6000 
_refine.ls_number_reflns_obs                     6935 
_refine.ls_number_reflns_all                     ? 
_refine.pdbx_ls_cross_valid_method               THROUGHOUT 
_refine.ls_matrix_type                           ? 
_refine.pdbx_R_Free_selection_details            RANDOM 
_refine.details                                  
'HYDROGENS HAVE BEEN ADDED IN THE RIDING POSITIONS U VALUES      : REFINED INDIVIDUALLY' 
_refine.ls_R_factor_all                          ? 
_refine.ls_R_factor_obs                          0.2274 
_refine.ls_R_factor_R_work                       0.2258 
_refine.ls_wR_factor_R_work                      ? 
_refine.ls_R_factor_R_free                       0.2567 
_refine.ls_wR_factor_R_free                      ? 
_refine.ls_percent_reflns_R_free                 5.1000 
_refine.ls_number_reflns_R_free                  375 
_refine.ls_number_reflns_R_work                  ? 
_refine.ls_R_factor_R_free_error                 ? 
_refine.B_iso_mean                               32.1450 
_refine.solvent_model_param_bsol                 ? 
_refine.solvent_model_param_ksol                 ? 
_refine.pdbx_isotropic_thermal_model             ? 
_refine.aniso_B[1][1]                            6.5500 
_refine.aniso_B[2][2]                            -2.8200 
_refine.aniso_B[3][3]                            -3.7200 
_refine.aniso_B[1][2]                            0.0000 
_refine.aniso_B[1][3]                            0.0000 
_refine.aniso_B[2][3]                            0.0000 
_refine.correlation_coeff_Fo_to_Fc               0.9320 
_refine.correlation_coeff_Fo_to_Fc_free          0.9210 
_refine.overall_SU_R_Cruickshank_DPI             ? 
_refine.pdbx_overall_SU_R_free_Cruickshank_DPI   ? 
_refine.pdbx_overall_SU_R_Blow_DPI               ? 
_refine.pdbx_overall_SU_R_free_Blow_DPI          ? 
_refine.overall_SU_R_free                        ? 
_refine.pdbx_overall_ESU_R                       0.3700 
_refine.pdbx_overall_ESU_R_Free                  0.2350 
_refine.overall_SU_ML                            0.1700 
_refine.overall_SU_B                             6.7990 
_refine.solvent_model_details                    MASK 
_refine.pdbx_solvent_vdw_probe_radii             1.2000 
_refine.pdbx_solvent_ion_probe_radii             0.8000 
_refine.pdbx_solvent_shrinkage_radii             0.8000 
_refine.ls_number_parameters                     ? 
_refine.ls_number_restraints                     ? 
_refine.pdbx_starting_model                      3MXF 
_refine.pdbx_method_to_determine_struct          'MOLECULAR REPLACEMENT' 
_refine.pdbx_stereochemistry_target_values       'MAXIMUM LIKELIHOOD' 
_refine.pdbx_stereochem_target_val_spec_case     ? 
_refine.overall_FOM_work_R_set                   ? 
_refine.B_iso_max                                80.160 
_refine.B_iso_min                                15.330 
_refine.pdbx_overall_phase_error                 ? 
_refine.occupancy_max                            ? 
_refine.occupancy_min                            ? 
_refine.pdbx_diffrn_id                           1 
_refine.pdbx_TLS_residual_ADP_flag               ? 
_refine.pdbx_ls_sigma_I                          ? 
_refine.pdbx_data_cutoff_high_rms_absF           ? 
_refine.ls_R_factor_R_free_error_details         ? 
# 
_refine_hist.cycle_id                         final 
_refine_hist.pdbx_refine_id                   'X-RAY DIFFRACTION' 
_refine_hist.d_res_high                       2.1200 
_refine_hist.d_res_low                        40.5200 
_refine_hist.pdbx_number_atoms_ligand         45 
_refine_hist.number_atoms_solvent             34 
_refine_hist.number_atoms_total               1194 
_refine_hist.pdbx_number_residues_total       133 
_refine_hist.pdbx_B_iso_mean_ligand           33.23 
_refine_hist.pdbx_B_iso_mean_solvent          33.70 
_refine_hist.pdbx_number_atoms_protein        1115 
_refine_hist.pdbx_number_atoms_nucleic_acid   0 
# 
loop_
_refine_ls_restr.pdbx_refine_id 
_refine_ls_restr.type 
_refine_ls_restr.number 
_refine_ls_restr.dev_ideal 
_refine_ls_restr.dev_ideal_target 
_refine_ls_restr.weight 
_refine_ls_restr.pdbx_restraint_function 
'X-RAY DIFFRACTION' r_bond_refined_d       1195 0.007  0.020  ? ? 
'X-RAY DIFFRACTION' r_bond_other_d         1127 0.002  0.020  ? ? 
'X-RAY DIFFRACTION' r_angle_refined_deg    1624 1.108  1.989  ? ? 
'X-RAY DIFFRACTION' r_angle_other_deg      2598 0.883  3.004  ? ? 
'X-RAY DIFFRACTION' r_dihedral_angle_1_deg 132  5.243  5.000  ? ? 
'X-RAY DIFFRACTION' r_dihedral_angle_2_deg 58   30.983 25.000 ? ? 
'X-RAY DIFFRACTION' r_dihedral_angle_3_deg 200  12.855 15.000 ? ? 
'X-RAY DIFFRACTION' r_dihedral_angle_4_deg 4    10.809 15.000 ? ? 
'X-RAY DIFFRACTION' r_chiral_restr         166  0.054  0.200  ? ? 
'X-RAY DIFFRACTION' r_gen_planes_refined   1319 0.004  0.021  ? ? 
'X-RAY DIFFRACTION' r_gen_planes_other     281  0.001  0.020  ? ? 
'X-RAY DIFFRACTION' r_mcbond_it            531  0.725  3.152  ? ? 
'X-RAY DIFFRACTION' r_mcbond_other         530  0.726  3.150  ? ? 
'X-RAY DIFFRACTION' r_mcangle_it           662  1.306  4.718  ? ? 
# 
_refine_ls_shell.d_res_high                       2.1200 
_refine_ls_shell.d_res_low                        2.1750 
_refine_ls_shell.pdbx_total_number_of_bins_used   20 
_refine_ls_shell.percent_reflns_obs               99.4800 
_refine_ls_shell.number_reflns_R_work             543 
_refine_ls_shell.R_factor_all                     ? 
_refine_ls_shell.R_factor_R_work                  0.2590 
_refine_ls_shell.R_factor_R_free                  0.3080 
_refine_ls_shell.percent_reflns_R_free            ? 
_refine_ls_shell.number_reflns_R_free             26 
_refine_ls_shell.R_factor_R_free_error            ? 
_refine_ls_shell.number_reflns_all                569 
_refine_ls_shell.number_reflns_obs                ? 
_refine_ls_shell.pdbx_refine_id                   'X-RAY DIFFRACTION' 
_refine_ls_shell.R_factor_obs                     ? 
# 
_struct.entry_id                     5CRZ 
_struct.title                        
'Crystal Structure of the first bromodomain of human BRD4 in complex with benzo[cd]indol-2(1H)-one ligand' 
_struct.pdbx_model_details           ? 
_struct.pdbx_formula_weight          ? 
_struct.pdbx_formula_weight_method   ? 
_struct.pdbx_model_type_details      ? 
_struct.pdbx_CASP_flag               ? 
# 
_struct_keywords.entry_id        5CRZ 
_struct_keywords.text            'BRD4, Bromodomain, Four Alpha Helices, SIGNALING PROTEIN-INHIBITOR complex' 
_struct_keywords.pdbx_keywords   'SIGNALING PROTEIN/INHIBITOR' 
# 
loop_
_struct_asym.id 
_struct_asym.pdbx_blank_PDB_chainid_flag 
_struct_asym.pdbx_modified 
_struct_asym.entity_id 
_struct_asym.details 
A N N 1 ? 
B N N 2 ? 
C N N 2 ? 
D N N 3 ? 
E N N 4 ? 
F N N 5 ? 
G N N 6 ? 
# 
loop_
_struct_conf.conf_type_id 
_struct_conf.id 
_struct_conf.pdbx_PDB_helix_id 
_struct_conf.beg_label_comp_id 
_struct_conf.beg_label_asym_id 
_struct_conf.beg_label_seq_id 
_struct_conf.pdbx_beg_PDB_ins_code 
_struct_conf.end_label_comp_id 
_struct_conf.end_label_asym_id 
_struct_conf.end_label_seq_id 
_struct_conf.pdbx_end_PDB_ins_code 
_struct_conf.beg_auth_comp_id 
_struct_conf.beg_auth_asym_id 
_struct_conf.beg_auth_seq_id 
_struct_conf.end_auth_comp_id 
_struct_conf.end_auth_asym_id 
_struct_conf.end_auth_seq_id 
_struct_conf.pdbx_PDB_helix_class 
_struct_conf.details 
_struct_conf.pdbx_PDB_helix_length 
HELX_P HELX_P1 AA1 THR A 33  ? VAL A 42  ? THR A 60  VAL A 69  1 ? 10 
HELX_P HELX_P2 AA2 VAL A 42  ? HIS A 50  ? VAL A 69  HIS A 77  1 ? 9  
HELX_P HELX_P3 AA3 ALA A 53  ? GLN A 57  ? ALA A 80  GLN A 84  5 ? 5  
HELX_P HELX_P4 AA4 ASP A 69  ? ILE A 74  ? ASP A 96  ILE A 101 1 ? 6  
HELX_P HELX_P5 AA5 ASP A 79  ? ASN A 89  ? ASP A 106 ASN A 116 1 ? 11 
HELX_P HELX_P6 AA6 ASN A 94  ? ASN A 113 ? ASN A 121 ASN A 140 1 ? 20 
HELX_P HELX_P7 AA7 ASP A 117 ? GLU A 136 ? ASP A 144 GLU A 163 1 ? 20 
# 
_struct_conf_type.id          HELX_P 
_struct_conf_type.criteria    ? 
_struct_conf_type.reference   ? 
# 
_struct_mon_prot_cis.pdbx_id                1 
_struct_mon_prot_cis.label_comp_id          VAL 
_struct_mon_prot_cis.label_seq_id           12 
_struct_mon_prot_cis.label_asym_id          A 
_struct_mon_prot_cis.label_alt_id           . 
_struct_mon_prot_cis.pdbx_PDB_ins_code      ? 
_struct_mon_prot_cis.auth_comp_id           VAL 
_struct_mon_prot_cis.auth_seq_id            39 
_struct_mon_prot_cis.auth_asym_id           A 
_struct_mon_prot_cis.pdbx_label_comp_id_2   PRO 
_struct_mon_prot_cis.pdbx_label_seq_id_2    13 
_struct_mon_prot_cis.pdbx_label_asym_id_2   A 
_struct_mon_prot_cis.pdbx_PDB_ins_code_2    ? 
_struct_mon_prot_cis.pdbx_auth_comp_id_2    PRO 
_struct_mon_prot_cis.pdbx_auth_seq_id_2     40 
_struct_mon_prot_cis.pdbx_auth_asym_id_2    A 
_struct_mon_prot_cis.pdbx_PDB_model_num     1 
_struct_mon_prot_cis.pdbx_omega_angle       8.28 
# 
loop_
_struct_site.id 
_struct_site.pdbx_evidence_code 
_struct_site.pdbx_auth_asym_id 
_struct_site.pdbx_auth_comp_id 
_struct_site.pdbx_auth_seq_id 
_struct_site.pdbx_auth_ins_code 
_struct_site.pdbx_num_residues 
_struct_site.details 
AC1 Software A EDO 201 ? 5  'binding site for residue EDO A 201' 
AC2 Software A EDO 202 ? 4  'binding site for residue EDO A 202' 
AC3 Software A NO3 203 ? 9  'binding site for residue NO3 A 203' 
AC4 Software A EB7 204 ? 12 'binding site for residue EB7 A 204' 
AC5 Software A GOL 205 ? 8  'binding site for residue GOL A 205' 
# 
loop_
_struct_site_gen.id 
_struct_site_gen.site_id 
_struct_site_gen.pdbx_num_res 
_struct_site_gen.label_comp_id 
_struct_site_gen.label_asym_id 
_struct_site_gen.label_seq_id 
_struct_site_gen.pdbx_auth_ins_code 
_struct_site_gen.auth_comp_id 
_struct_site_gen.auth_asym_id 
_struct_site_gen.auth_seq_id 
_struct_site_gen.label_atom_id 
_struct_site_gen.label_alt_id 
_struct_site_gen.symmetry 
_struct_site_gen.details 
1  AC1 5  ILE A 73  ? ILE A 100 . ? 1_555 ? 
2  AC1 5  ILE A 74  ? ILE A 101 . ? 1_555 ? 
3  AC1 5  LYS A 75  ? LYS A 102 . ? 1_555 ? 
4  AC1 5  THR A 76  ? THR A 103 . ? 1_555 ? 
5  AC1 5  ASN A 108 ? ASN A 135 . ? 1_555 ? 
6  AC2 4  PRO A 59  ? PRO A 86  . ? 1_555 ? 
7  AC2 4  ASP A 79  ? ASP A 106 . ? 1_555 ? 
8  AC2 4  GLY A 81  ? GLY A 108 . ? 1_555 ? 
9  AC2 4  HOH G .   ? HOH A 301 . ? 1_555 ? 
10 AC3 9  HIS A 7   ? HIS A 34  . ? 1_555 ? 
11 AC3 9  HIS A 8   ? HIS A 35  . ? 1_555 ? 
12 AC3 9  HIS A 9   ? HIS A 36  . ? 1_555 ? 
13 AC3 9  HIS A 10  ? HIS A 37  . ? 1_555 ? 
14 AC3 9  LEU A 11  ? LEU A 38  . ? 1_555 ? 
15 AC3 9  VAL A 12  ? VAL A 39  . ? 1_555 ? 
16 AC3 9  GLN A 96  ? GLN A 123 . ? 1_565 ? 
17 AC3 9  ILE A 99  ? ILE A 126 . ? 1_565 ? 
18 AC3 9  ASN A 103 ? ASN A 130 . ? 1_565 ? 
19 AC4 12 TRP A 54  ? TRP A 81  . ? 1_555 ? 
20 AC4 12 PHE A 56  ? PHE A 83  . ? 1_555 ? 
21 AC4 12 VAL A 60  ? VAL A 87  . ? 1_555 ? 
22 AC4 12 LEU A 65  ? LEU A 92  . ? 1_555 ? 
23 AC4 12 ASP A 69  ? ASP A 96  . ? 4_455 ? 
24 AC4 12 LYS A 72  ? LYS A 99  . ? 4_455 ? 
25 AC4 12 ASN A 113 ? ASN A 140 . ? 1_555 ? 
26 AC4 12 ASP A 118 ? ASP A 145 . ? 1_555 ? 
27 AC4 12 ILE A 119 ? ILE A 146 . ? 1_555 ? 
28 AC4 12 MET A 122 ? MET A 149 . ? 1_555 ? 
29 AC4 12 HOH G .   ? HOH A 302 . ? 1_555 ? 
30 AC4 12 HOH G .   ? HOH A 318 . ? 1_555 ? 
31 AC5 8  PRO A 19  ? PRO A 46  . ? 1_555 ? 
32 AC5 8  PRO A 20  ? PRO A 47  . ? 1_555 ? 
33 AC5 8  ARG A 31  ? ARG A 58  . ? 3_654 ? 
34 AC5 8  PRO A 77  ? PRO A 104 . ? 1_555 ? 
35 AC5 8  TRP A 93  ? TRP A 120 . ? 3_654 ? 
36 AC5 8  ASN A 94  ? ASN A 121 . ? 3_654 ? 
37 AC5 8  HOH G .   ? HOH A 303 . ? 1_555 ? 
38 AC5 8  HOH G .   ? HOH A 322 . ? 1_555 ? 
# 
_atom_sites.entry_id                    5CRZ 
_atom_sites.fract_transf_matrix[1][1]   0.00956605 
_atom_sites.fract_transf_matrix[1][2]   -0.01851610 
_atom_sites.fract_transf_matrix[1][3]   -0.01963983 
_atom_sites.fract_transf_matrix[2][1]   0.01466684 
_atom_sites.fract_transf_matrix[2][2]   0.01396041 
_atom_sites.fract_transf_matrix[2][3]   -0.00601781 
_atom_sites.fract_transf_matrix[3][1]   0.00813376 
_atom_sites.fract_transf_matrix[3][2]   -0.00486177 
_atom_sites.fract_transf_matrix[3][3]   0.00854534 
_atom_sites.fract_transf_vector[1]      0.338428 
_atom_sites.fract_transf_vector[2]      -0.005391 
_atom_sites.fract_transf_vector[3]      -0.106428 
# 
loop_
_atom_type.symbol 
C  
CL 
F  
N  
O  
S  
# 
loop_
_atom_site.group_PDB 
_atom_site.id 
_atom_site.type_symbol 
_atom_site.label_atom_id 
_atom_site.label_alt_id 
_atom_site.label_comp_id 
_atom_site.label_asym_id 
_atom_site.label_entity_id 
_atom_site.label_seq_id 
_atom_site.pdbx_PDB_ins_code 
_atom_site.Cartn_x 
_atom_site.Cartn_y 
_atom_site.Cartn_z 
_atom_site.occupancy 
_atom_site.B_iso_or_equiv 
_atom_site.pdbx_formal_charge 
_atom_site.auth_seq_id 
_atom_site.auth_comp_id 
_atom_site.auth_asym_id 
_atom_site.auth_atom_id 
_atom_site.pdbx_PDB_model_num 
ATOM   1    N  N   . HIS A 1 6   ? 34.561  17.751  -22.080 1.00 74.64 ? 33  HIS A N   1 
ATOM   2    C  CA  . HIS A 1 6   ? 33.186  18.337  -22.086 1.00 74.78 ? 33  HIS A CA  1 
ATOM   3    C  C   . HIS A 1 6   ? 32.680  18.564  -20.658 1.00 73.84 ? 33  HIS A C   1 
ATOM   4    O  O   . HIS A 1 6   ? 32.904  17.732  -19.775 1.00 72.90 ? 33  HIS A O   1 
ATOM   5    C  CB  . HIS A 1 6   ? 32.224  17.429  -22.863 1.00 76.42 ? 33  HIS A CB  1 
ATOM   6    C  CG  . HIS A 1 6   ? 30.911  18.071  -23.192 1.00 78.54 ? 33  HIS A CG  1 
ATOM   7    N  ND1 . HIS A 1 6   ? 29.704  17.428  -23.021 1.00 79.78 ? 33  HIS A ND1 1 
ATOM   8    C  CD2 . HIS A 1 6   ? 30.617  19.298  -23.682 1.00 79.52 ? 33  HIS A CD2 1 
ATOM   9    C  CE1 . HIS A 1 6   ? 28.724  18.231  -23.394 1.00 80.15 ? 33  HIS A CE1 1 
ATOM   10   N  NE2 . HIS A 1 6   ? 29.250  19.373  -23.797 1.00 80.16 ? 33  HIS A NE2 1 
ATOM   11   N  N   . HIS A 1 7   ? 31.990  19.687  -20.452 1.00 72.72 ? 34  HIS A N   1 
ATOM   12   C  CA  . HIS A 1 7   ? 31.585  20.144  -19.113 1.00 71.72 ? 34  HIS A CA  1 
ATOM   13   C  C   . HIS A 1 7   ? 30.214  19.636  -18.639 1.00 71.56 ? 34  HIS A C   1 
ATOM   14   O  O   . HIS A 1 7   ? 29.773  19.996  -17.541 1.00 71.53 ? 34  HIS A O   1 
ATOM   15   C  CB  . HIS A 1 7   ? 31.618  21.677  -19.058 1.00 71.59 ? 34  HIS A CB  1 
ATOM   16   C  CG  . HIS A 1 7   ? 32.951  22.264  -19.408 1.00 71.98 ? 34  HIS A CG  1 
ATOM   17   N  ND1 . HIS A 1 7   ? 33.151  23.039  -20.530 1.00 72.08 ? 34  HIS A ND1 1 
ATOM   18   C  CD2 . HIS A 1 7   ? 34.152  22.178  -18.790 1.00 72.30 ? 34  HIS A CD2 1 
ATOM   19   C  CE1 . HIS A 1 7   ? 34.417  23.412  -20.584 1.00 72.52 ? 34  HIS A CE1 1 
ATOM   20   N  NE2 . HIS A 1 7   ? 35.046  22.904  -19.539 1.00 72.85 ? 34  HIS A NE2 1 
ATOM   21   N  N   . HIS A 1 8   ? 29.545  18.811  -19.448 1.00 70.72 ? 35  HIS A N   1 
ATOM   22   C  CA  . HIS A 1 8   ? 28.289  18.171  -19.045 1.00 70.78 ? 35  HIS A CA  1 
ATOM   23   C  C   . HIS A 1 8   ? 28.585  16.933  -18.190 1.00 68.41 ? 35  HIS A C   1 
ATOM   24   O  O   . HIS A 1 8   ? 28.887  15.863  -18.724 1.00 68.49 ? 35  HIS A O   1 
ATOM   25   C  CB  . HIS A 1 8   ? 27.457  17.798  -20.279 1.00 72.37 ? 35  HIS A CB  1 
ATOM   26   C  CG  . HIS A 1 8   ? 26.147  17.147  -19.955 1.00 74.34 ? 35  HIS A CG  1 
ATOM   27   N  ND1 . HIS A 1 8   ? 25.240  17.696  -19.074 1.00 75.26 ? 35  HIS A ND1 1 
ATOM   28   C  CD2 . HIS A 1 8   ? 25.589  15.998  -20.402 1.00 75.26 ? 35  HIS A CD2 1 
ATOM   29   C  CE1 . HIS A 1 8   ? 24.182  16.910  -18.988 1.00 75.66 ? 35  HIS A CE1 1 
ATOM   30   N  NE2 . HIS A 1 8   ? 24.367  15.873  -19.785 1.00 75.81 ? 35  HIS A NE2 1 
ATOM   31   N  N   . HIS A 1 9   ? 28.493  17.092  -16.867 1.00 65.63 ? 36  HIS A N   1 
ATOM   32   C  CA  . HIS A 1 9   ? 28.776  16.007  -15.911 1.00 64.31 ? 36  HIS A CA  1 
ATOM   33   C  C   . HIS A 1 9   ? 27.541  15.200  -15.466 1.00 62.57 ? 36  HIS A C   1 
ATOM   34   O  O   . HIS A 1 9   ? 27.663  14.333  -14.600 1.00 61.11 ? 36  HIS A O   1 
ATOM   35   C  CB  . HIS A 1 9   ? 29.510  16.565  -14.679 1.00 63.83 ? 36  HIS A CB  1 
ATOM   36   C  CG  . HIS A 1 9   ? 30.849  17.159  -14.990 1.00 63.72 ? 36  HIS A CG  1 
ATOM   37   N  ND1 . HIS A 1 9   ? 31.374  18.221  -14.287 1.00 63.10 ? 36  HIS A ND1 1 
ATOM   38   C  CD2 . HIS A 1 9   ? 31.767  16.843  -15.935 1.00 63.73 ? 36  HIS A CD2 1 
ATOM   39   C  CE1 . HIS A 1 9   ? 32.560  18.530  -14.779 1.00 62.72 ? 36  HIS A CE1 1 
ATOM   40   N  NE2 . HIS A 1 9   ? 32.822  17.710  -15.781 1.00 63.30 ? 36  HIS A NE2 1 
ATOM   41   N  N   . HIS A 1 10  ? 26.375  15.473  -16.061 1.00 61.37 ? 37  HIS A N   1 
ATOM   42   C  CA  . HIS A 1 10  ? 25.124  14.729  -15.807 1.00 60.67 ? 37  HIS A CA  1 
ATOM   43   C  C   . HIS A 1 10  ? 24.588  14.852  -14.367 1.00 58.73 ? 37  HIS A C   1 
ATOM   44   O  O   . HIS A 1 10  ? 24.001  13.905  -13.829 1.00 56.66 ? 37  HIS A O   1 
ATOM   45   C  CB  . HIS A 1 10  ? 25.267  13.248  -16.208 1.00 61.77 ? 37  HIS A CB  1 
ATOM   46   C  CG  . HIS A 1 10  ? 25.885  13.042  -17.557 1.00 63.43 ? 37  HIS A CG  1 
ATOM   47   N  ND1 . HIS A 1 10  ? 27.240  12.866  -17.736 1.00 64.66 ? 37  HIS A ND1 1 
ATOM   48   C  CD2 . HIS A 1 10  ? 25.331  12.983  -18.791 1.00 64.25 ? 37  HIS A CD2 1 
ATOM   49   C  CE1 . HIS A 1 10  ? 27.495  12.709  -19.023 1.00 65.26 ? 37  HIS A CE1 1 
ATOM   50   N  NE2 . HIS A 1 10  ? 26.354  12.777  -19.685 1.00 65.45 ? 37  HIS A NE2 1 
ATOM   51   N  N   . LEU A 1 11  ? 24.783  16.024  -13.758 1.00 57.27 ? 38  LEU A N   1 
ATOM   52   C  CA  . LEU A 1 11  ? 24.181  16.354  -12.456 1.00 55.47 ? 38  LEU A CA  1 
ATOM   53   C  C   . LEU A 1 11  ? 22.679  16.639  -12.579 1.00 54.96 ? 38  LEU A C   1 
ATOM   54   O  O   . LEU A 1 11  ? 21.960  16.593  -11.585 1.00 54.09 ? 38  LEU A O   1 
ATOM   55   C  CB  . LEU A 1 11  ? 24.896  17.546  -11.813 1.00 54.62 ? 38  LEU A CB  1 
ATOM   56   C  CG  . LEU A 1 11  ? 26.365  17.311  -11.445 1.00 53.80 ? 38  LEU A CG  1 
ATOM   57   C  CD1 . LEU A 1 11  ? 27.086  18.627  -11.201 1.00 53.30 ? 38  LEU A CD1 1 
ATOM   58   C  CD2 . LEU A 1 11  ? 26.479  16.403  -10.229 1.00 53.97 ? 38  LEU A CD2 1 
ATOM   59   N  N   . VAL A 1 12  ? 22.232  16.967  -13.791 1.00 55.30 ? 39  VAL A N   1 
ATOM   60   C  CA  . VAL A 1 12  ? 20.815  16.916  -14.180 1.00 55.75 ? 39  VAL A CA  1 
ATOM   61   C  C   . VAL A 1 12  ? 20.745  16.145  -15.509 1.00 56.27 ? 39  VAL A C   1 
ATOM   62   O  O   . VAL A 1 12  ? 21.716  16.173  -16.268 1.00 57.49 ? 39  VAL A O   1 
ATOM   63   C  CB  . VAL A 1 12  ? 20.185  18.325  -14.318 1.00 55.20 ? 39  VAL A CB  1 
ATOM   64   C  CG1 . VAL A 1 12  ? 19.957  18.941  -12.946 1.00 55.09 ? 39  VAL A CG1 1 
ATOM   65   C  CG2 . VAL A 1 12  ? 21.039  19.249  -15.178 1.00 55.00 ? 39  VAL A CG2 1 
ATOM   66   N  N   . PRO A 1 13  ? 19.637  15.466  -15.827 1.00 56.71 ? 40  PRO A N   1 
ATOM   67   C  CA  . PRO A 1 13  ? 18.356  15.492  -15.111 1.00 56.37 ? 40  PRO A CA  1 
ATOM   68   C  C   . PRO A 1 13  ? 18.317  14.654  -13.830 1.00 54.91 ? 40  PRO A C   1 
ATOM   69   O  O   . PRO A 1 13  ? 19.066  13.681  -13.700 1.00 55.20 ? 40  PRO A O   1 
ATOM   70   C  CB  . PRO A 1 13  ? 17.407  14.884  -16.139 1.00 56.79 ? 40  PRO A CB  1 
ATOM   71   C  CG  . PRO A 1 13  ? 18.259  13.864  -16.832 1.00 57.33 ? 40  PRO A CG  1 
ATOM   72   C  CD  . PRO A 1 13  ? 19.658  14.417  -16.862 1.00 57.23 ? 40  PRO A CD  1 
ATOM   73   N  N   . ARG A 1 14  ? 17.423  15.029  -12.915 1.00 53.04 ? 41  ARG A N   1 
ATOM   74   C  CA  . ARG A 1 14  ? 17.329  14.409  -11.591 1.00 51.32 ? 41  ARG A CA  1 
ATOM   75   C  C   . ARG A 1 14  ? 16.357  13.235  -11.556 1.00 50.25 ? 41  ARG A C   1 
ATOM   76   O  O   . ARG A 1 14  ? 15.522  13.069  -12.450 1.00 49.15 ? 41  ARG A O   1 
ATOM   77   C  CB  . ARG A 1 14  ? 16.882  15.440  -10.547 1.00 51.15 ? 41  ARG A CB  1 
ATOM   78   C  CG  . ARG A 1 14  ? 17.733  16.702  -10.463 1.00 50.80 ? 41  ARG A CG  1 
ATOM   79   C  CD  . ARG A 1 14  ? 19.190  16.420  -10.122 1.00 50.44 ? 41  ARG A CD  1 
ATOM   80   N  NE  . ARG A 1 14  ? 19.358  15.712  -8.852  1.00 50.08 ? 41  ARG A NE  1 
ATOM   81   C  CZ  . ARG A 1 14  ? 20.534  15.356  -8.327  1.00 50.32 ? 41  ARG A CZ  1 
ATOM   82   N  NH1 . ARG A 1 14  ? 20.563  14.711  -7.163  1.00 50.04 ? 41  ARG A NH1 1 
ATOM   83   N  NH2 . ARG A 1 14  ? 21.683  15.641  -8.945  1.00 49.82 ? 41  ARG A NH2 1 
ATOM   84   N  N   . GLY A 1 15  ? 16.480  12.432  -10.501 1.00 48.99 ? 42  GLY A N   1 
ATOM   85   C  CA  . GLY A 1 15  ? 15.538  11.354  -10.214 1.00 47.48 ? 42  GLY A CA  1 
ATOM   86   C  C   . GLY A 1 15  ? 14.244  11.880  -9.622  1.00 46.18 ? 42  GLY A C   1 
ATOM   87   O  O   . GLY A 1 15  ? 14.148  13.056  -9.258  1.00 46.31 ? 42  GLY A O   1 
ATOM   88   N  N   . SER A 1 16  ? 13.251  11.000  -9.524  1.00 43.38 ? 43  SER A N   1 
ATOM   89   C  CA  . SER A 1 16  ? 11.941  11.367  -8.992  1.00 41.81 ? 43  SER A CA  1 
ATOM   90   C  C   . SER A 1 16  ? 11.122  10.147  -8.583  1.00 39.53 ? 43  SER A C   1 
ATOM   91   O  O   . SER A 1 16  ? 11.499  9.004   -8.858  1.00 39.51 ? 43  SER A O   1 
ATOM   92   C  CB  . SER A 1 16  ? 11.163  12.188  -10.028 1.00 42.50 ? 43  SER A CB  1 
ATOM   93   O  OG  . SER A 1 16  ? 11.071  11.494  -11.262 1.00 43.55 ? 43  SER A OG  1 
ATOM   94   N  N   . ASN A 1 17  ? 10.012  10.411  -7.903  1.00 37.16 ? 44  ASN A N   1 
ATOM   95   C  CA  . ASN A 1 17  ? 9.020   9.389   -7.586  1.00 35.08 ? 44  ASN A CA  1 
ATOM   96   C  C   . ASN A 1 17  ? 8.017   9.299   -8.727  1.00 33.18 ? 44  ASN A C   1 
ATOM   97   O  O   . ASN A 1 17  ? 7.730   10.311  -9.371  1.00 32.70 ? 44  ASN A O   1 
ATOM   98   C  CB  . ASN A 1 17  ? 8.286   9.733   -6.289  1.00 34.92 ? 44  ASN A CB  1 
ATOM   99   C  CG  . ASN A 1 17  ? 9.188   9.666   -5.075  1.00 34.68 ? 44  ASN A CG  1 
ATOM   100  O  OD1 . ASN A 1 17  ? 9.842   8.655   -4.836  1.00 34.29 ? 44  ASN A OD1 1 
ATOM   101  N  ND2 . ASN A 1 17  ? 9.218   10.739  -4.293  1.00 34.81 ? 44  ASN A ND2 1 
ATOM   102  N  N   . PRO A 1 18  ? 7.463   8.096   -8.975  1.00 31.48 ? 45  PRO A N   1 
ATOM   103  C  CA  . PRO A 1 18  ? 6.445   7.990   -10.009 1.00 30.61 ? 45  PRO A CA  1 
ATOM   104  C  C   . PRO A 1 18  ? 5.132   8.605   -9.533  1.00 29.80 ? 45  PRO A C   1 
ATOM   105  O  O   . PRO A 1 18  ? 5.003   8.921   -8.343  1.00 29.58 ? 45  PRO A O   1 
ATOM   106  C  CB  . PRO A 1 18  ? 6.290   6.480   -10.180 1.00 30.56 ? 45  PRO A CB  1 
ATOM   107  C  CG  . PRO A 1 18  ? 6.542   5.947   -8.818  1.00 30.73 ? 45  PRO A CG  1 
ATOM   108  C  CD  . PRO A 1 18  ? 7.618   6.827   -8.239  1.00 31.16 ? 45  PRO A CD  1 
ATOM   109  N  N   . PRO A 1 19  ? 4.162   8.788   -10.448 1.00 28.86 ? 46  PRO A N   1 
ATOM   110  C  CA  . PRO A 1 19  ? 2.840   9.198   -9.978  1.00 28.35 ? 46  PRO A CA  1 
ATOM   111  C  C   . PRO A 1 19  ? 2.240   8.101   -9.085  1.00 27.51 ? 46  PRO A C   1 
ATOM   112  O  O   . PRO A 1 19  ? 2.374   6.918   -9.417  1.00 27.63 ? 46  PRO A O   1 
ATOM   113  C  CB  . PRO A 1 19  ? 2.036   9.366   -11.274 1.00 28.42 ? 46  PRO A CB  1 
ATOM   114  C  CG  . PRO A 1 19  ? 2.759   8.550   -12.287 1.00 28.63 ? 46  PRO A CG  1 
ATOM   115  C  CD  . PRO A 1 19  ? 4.205   8.624   -11.912 1.00 28.60 ? 46  PRO A CD  1 
ATOM   116  N  N   . PRO A 1 20  ? 1.609   8.480   -7.953  1.00 26.37 ? 47  PRO A N   1 
ATOM   117  C  CA  . PRO A 1 20  ? 1.048   7.464   -7.062  1.00 26.01 ? 47  PRO A CA  1 
ATOM   118  C  C   . PRO A 1 20  ? -0.154  6.747   -7.684  1.00 25.53 ? 47  PRO A C   1 
ATOM   119  O  O   . PRO A 1 20  ? -0.677  7.216   -8.697  1.00 25.18 ? 47  PRO A O   1 
ATOM   120  C  CB  . PRO A 1 20  ? 0.628   8.270   -5.828  1.00 25.92 ? 47  PRO A CB  1 
ATOM   121  C  CG  . PRO A 1 20  ? 0.371   9.636   -6.341  1.00 26.09 ? 47  PRO A CG  1 
ATOM   122  C  CD  . PRO A 1 20  ? 1.356   9.844   -7.454  1.00 26.33 ? 47  PRO A CD  1 
ATOM   123  N  N   . PRO A 1 21  ? -0.585  5.614   -7.093  1.00 25.65 ? 48  PRO A N   1 
ATOM   124  C  CA  . PRO A 1 21  ? -1.734  4.893   -7.661  1.00 25.61 ? 48  PRO A CA  1 
ATOM   125  C  C   . PRO A 1 21  ? -3.027  5.707   -7.612  1.00 25.66 ? 48  PRO A C   1 
ATOM   126  O  O   . PRO A 1 21  ? -3.202  6.533   -6.715  1.00 25.30 ? 48  PRO A O   1 
ATOM   127  C  CB  . PRO A 1 21  ? -1.850  3.640   -6.782  1.00 25.44 ? 48  PRO A CB  1 
ATOM   128  C  CG  . PRO A 1 21  ? -0.556  3.529   -6.052  1.00 25.42 ? 48  PRO A CG  1 
ATOM   129  C  CD  . PRO A 1 21  ? -0.023  4.918   -5.921  1.00 25.51 ? 48  PRO A CD  1 
ATOM   130  N  N   . GLU A 1 22  ? -3.912  5.478   -8.578  1.00 26.37 ? 49  GLU A N   1 
ATOM   131  C  CA  . GLU A 1 22  ? -5.185  6.192   -8.631  1.00 27.26 ? 49  GLU A CA  1 
ATOM   132  C  C   . GLU A 1 22  ? -6.079  5.840   -7.443  1.00 26.84 ? 49  GLU A C   1 
ATOM   133  O  O   . GLU A 1 22  ? -6.152  4.675   -7.037  1.00 26.46 ? 49  GLU A O   1 
ATOM   134  C  CB  . GLU A 1 22  ? -5.927  5.927   -9.949  1.00 28.64 ? 49  GLU A CB  1 
ATOM   135  C  CG  . GLU A 1 22  ? -6.444  4.503   -10.158 1.00 29.95 ? 49  GLU A CG  1 
ATOM   136  C  CD  . GLU A 1 22  ? -7.230  4.342   -11.447 1.00 31.20 ? 49  GLU A CD  1 
ATOM   137  O  OE1 . GLU A 1 22  ? -7.549  3.191   -11.816 1.00 32.35 ? 49  GLU A OE1 1 
ATOM   138  O  OE2 . GLU A 1 22  ? -7.538  5.364   -12.090 1.00 31.78 ? 49  GLU A OE2 1 
ATOM   139  N  N   . THR A 1 23  ? -6.722  6.859   -6.878  1.00 26.48 ? 50  THR A N   1 
ATOM   140  C  CA  . THR A 1 23  ? -7.750  6.683   -5.852  1.00 26.57 ? 50  THR A CA  1 
ATOM   141  C  C   . THR A 1 23  ? -9.158  7.013   -6.371  1.00 26.89 ? 50  THR A C   1 
ATOM   142  O  O   . THR A 1 23  ? -10.140 6.831   -5.646  1.00 27.15 ? 50  THR A O   1 
ATOM   143  C  CB  . THR A 1 23  ? -7.437  7.547   -4.618  1.00 26.60 ? 50  THR A CB  1 
ATOM   144  O  OG1 . THR A 1 23  ? -7.370  8.925   -4.994  1.00 26.46 ? 50  THR A OG1 1 
ATOM   145  C  CG2 . THR A 1 23  ? -6.102  7.133   -4.000  1.00 26.62 ? 50  THR A CG2 1 
ATOM   146  N  N   . SER A 1 24  ? -9.246  7.498   -7.614  1.00 27.14 ? 51  SER A N   1 
ATOM   147  C  CA  . SER A 1 24  ? -10.514 7.775   -8.285  1.00 27.18 ? 51  SER A CA  1 
ATOM   148  C  C   . SER A 1 24  ? -10.452 7.335   -9.747  1.00 26.59 ? 51  SER A C   1 
ATOM   149  O  O   . SER A 1 24  ? -9.406  7.402   -10.392 1.00 26.26 ? 51  SER A O   1 
ATOM   150  C  CB  . SER A 1 24  ? -10.857 9.268   -8.208  1.00 27.74 ? 51  SER A CB  1 
ATOM   151  O  OG  . SER A 1 24  ? -11.666 9.546   -7.078  1.00 28.89 ? 51  SER A OG  1 
ATOM   152  N  N   . ASN A 1 25  ? -11.592 6.883   -10.249 1.00 26.22 ? 52  ASN A N   1 
ATOM   153  C  CA  . ASN A 1 25  ? -11.752 6.512   -11.648 1.00 26.21 ? 52  ASN A CA  1 
ATOM   154  C  C   . ASN A 1 25  ? -13.257 6.505   -11.947 1.00 26.29 ? 52  ASN A C   1 
ATOM   155  O  O   . ASN A 1 25  ? -13.938 5.524   -11.638 1.00 26.34 ? 52  ASN A O   1 
ATOM   156  C  CB  . ASN A 1 25  ? -11.114 5.142   -11.927 1.00 26.08 ? 52  ASN A CB  1 
ATOM   157  C  CG  . ASN A 1 25  ? -11.075 4.795   -13.409 1.00 26.14 ? 52  ASN A CG  1 
ATOM   158  O  OD1 . ASN A 1 25  ? -11.749 5.415   -14.233 1.00 26.55 ? 52  ASN A OD1 1 
ATOM   159  N  ND2 . ASN A 1 25  ? -10.278 3.791   -13.753 1.00 26.16 ? 52  ASN A ND2 1 
ATOM   160  N  N   . PRO A 1 26  ? -13.785 7.612   -12.514 1.00 26.21 ? 53  PRO A N   1 
ATOM   161  C  CA  . PRO A 1 26  ? -15.226 7.703   -12.799 1.00 26.13 ? 53  PRO A CA  1 
ATOM   162  C  C   . PRO A 1 26  ? -15.825 6.578   -13.662 1.00 25.88 ? 53  PRO A C   1 
ATOM   163  O  O   . PRO A 1 26  ? -16.955 6.166   -13.407 1.00 25.84 ? 53  PRO A O   1 
ATOM   164  C  CB  . PRO A 1 26  ? -15.356 9.054   -13.499 1.00 26.22 ? 53  PRO A CB  1 
ATOM   165  C  CG  . PRO A 1 26  ? -14.240 9.869   -12.946 1.00 26.20 ? 53  PRO A CG  1 
ATOM   166  C  CD  . PRO A 1 26  ? -13.108 8.905   -12.735 1.00 26.23 ? 53  PRO A CD  1 
ATOM   167  N  N   . ASN A 1 27  ? -15.078 6.091   -14.653 1.00 25.70 ? 54  ASN A N   1 
ATOM   168  C  CA  . ASN A 1 27  ? -15.539 4.988   -15.512 1.00 25.92 ? 54  ASN A CA  1 
ATOM   169  C  C   . ASN A 1 27  ? -15.423 3.578   -14.905 1.00 26.25 ? 54  ASN A C   1 
ATOM   170  O  O   . ASN A 1 27  ? -15.970 2.628   -15.468 1.00 26.84 ? 54  ASN A O   1 
ATOM   171  C  CB  . ASN A 1 27  ? -14.813 5.013   -16.868 1.00 26.02 ? 54  ASN A CB  1 
ATOM   172  C  CG  . ASN A 1 27  ? -15.301 6.126   -17.787 1.00 25.96 ? 54  ASN A CG  1 
ATOM   173  O  OD1 . ASN A 1 27  ? -16.488 6.447   -17.823 1.00 26.46 ? 54  ASN A OD1 1 
ATOM   174  N  ND2 . ASN A 1 27  ? -14.387 6.694   -18.562 1.00 26.09 ? 54  ASN A ND2 1 
ATOM   175  N  N   . LYS A 1 28  ? -14.724 3.430   -13.779 1.00 26.06 ? 55  LYS A N   1 
ATOM   176  C  CA  . LYS A 1 28  ? -14.582 2.124   -13.127 1.00 26.02 ? 55  LYS A CA  1 
ATOM   177  C  C   . LYS A 1 28  ? -15.906 1.679   -12.469 1.00 25.94 ? 55  LYS A C   1 
ATOM   178  O  O   . LYS A 1 28  ? -16.596 2.506   -11.873 1.00 25.37 ? 55  LYS A O   1 
ATOM   179  C  CB  . LYS A 1 28  ? -13.465 2.162   -12.075 1.00 25.80 ? 55  LYS A CB  1 
ATOM   180  C  CG  . LYS A 1 28  ? -13.087 0.793   -11.530 1.00 25.66 ? 55  LYS A CG  1 
ATOM   181  C  CD  . LYS A 1 28  ? -12.094 0.878   -10.384 1.00 25.31 ? 55  LYS A CD  1 
ATOM   182  C  CE  . LYS A 1 28  ? -11.887 -0.488  -9.746  1.00 25.16 ? 55  LYS A CE  1 
ATOM   183  N  NZ  . LYS A 1 28  ? -13.099 -0.996  -9.041  1.00 24.97 ? 55  LYS A NZ  1 
ATOM   184  N  N   . PRO A 1 29  ? -16.270 0.380   -12.591 1.00 26.40 ? 56  PRO A N   1 
ATOM   185  C  CA  . PRO A 1 29  ? -17.411 -0.162  -11.833 1.00 26.74 ? 56  PRO A CA  1 
ATOM   186  C  C   . PRO A 1 29  ? -17.179 -0.146  -10.320 1.00 27.05 ? 56  PRO A C   1 
ATOM   187  O  O   . PRO A 1 29  ? -16.102 -0.529  -9.862  1.00 27.56 ? 56  PRO A O   1 
ATOM   188  C  CB  . PRO A 1 29  ? -17.522 -1.607  -12.337 1.00 26.52 ? 56  PRO A CB  1 
ATOM   189  C  CG  . PRO A 1 29  ? -16.902 -1.588  -13.684 1.00 26.55 ? 56  PRO A CG  1 
ATOM   190  C  CD  . PRO A 1 29  ? -15.800 -0.576  -13.615 1.00 26.38 ? 56  PRO A CD  1 
ATOM   191  N  N   . LYS A 1 30  ? -18.195 0.281   -9.569  1.00 27.62 ? 57  LYS A N   1 
ATOM   192  C  CA  . LYS A 1 30  ? -18.101 0.493   -8.121  1.00 28.42 ? 57  LYS A CA  1 
ATOM   193  C  C   . LYS A 1 30  ? -19.347 -0.010  -7.392  1.00 28.88 ? 57  LYS A C   1 
ATOM   194  O  O   . LYS A 1 30  ? -20.450 0.029   -7.941  1.00 28.01 ? 57  LYS A O   1 
ATOM   195  C  CB  . LYS A 1 30  ? -17.947 1.986   -7.831  1.00 28.76 ? 57  LYS A CB  1 
ATOM   196  C  CG  . LYS A 1 30  ? -16.633 2.581   -8.303  1.00 29.24 ? 57  LYS A CG  1 
ATOM   197  C  CD  . LYS A 1 30  ? -16.613 4.096   -8.161  1.00 29.33 ? 57  LYS A CD  1 
ATOM   198  C  CE  . LYS A 1 30  ? -15.634 4.725   -9.135  1.00 29.41 ? 57  LYS A CE  1 
ATOM   199  N  NZ  . LYS A 1 30  ? -16.245 4.865   -10.484 1.00 29.60 ? 57  LYS A NZ  1 
ATOM   200  N  N   . ARG A 1 31  ? -19.158 -0.466  -6.153  1.00 29.98 ? 58  ARG A N   1 
ATOM   201  C  CA  . ARG A 1 31  ? -20.263 -0.822  -5.253  1.00 31.28 ? 58  ARG A CA  1 
ATOM   202  C  C   . ARG A 1 31  ? -19.936 -0.479  -3.803  1.00 33.39 ? 58  ARG A C   1 
ATOM   203  O  O   . ARG A 1 31  ? -18.770 -0.269  -3.448  1.00 34.25 ? 58  ARG A O   1 
ATOM   204  C  CB  . ARG A 1 31  ? -20.573 -2.317  -5.332  1.00 30.98 ? 58  ARG A CB  1 
ATOM   205  C  CG  . ARG A 1 31  ? -20.978 -2.806  -6.709  1.00 30.75 ? 58  ARG A CG  1 
ATOM   206  C  CD  . ARG A 1 31  ? -21.555 -4.210  -6.676  1.00 30.68 ? 58  ARG A CD  1 
ATOM   207  N  NE  . ARG A 1 31  ? -20.605 -5.198  -6.168  1.00 30.36 ? 58  ARG A NE  1 
ATOM   208  C  CZ  . ARG A 1 31  ? -20.824 -6.514  -6.121  1.00 30.35 ? 58  ARG A CZ  1 
ATOM   209  N  NH1 . ARG A 1 31  ? -21.966 -7.042  -6.563  1.00 30.51 ? 58  ARG A NH1 1 
ATOM   210  N  NH2 . ARG A 1 31  ? -19.884 -7.317  -5.632  1.00 30.23 ? 58  ARG A NH2 1 
ATOM   211  N  N   . GLN A 1 32  ? -20.982 -0.420  -2.981  1.00 35.95 ? 59  GLN A N   1 
ATOM   212  C  CA  . GLN A 1 32  ? -20.858 -0.366  -1.525  1.00 38.21 ? 59  GLN A CA  1 
ATOM   213  C  C   . GLN A 1 32  ? -21.449 -1.649  -0.946  1.00 38.69 ? 59  GLN A C   1 
ATOM   214  O  O   . GLN A 1 32  ? -22.668 -1.766  -0.819  1.00 40.25 ? 59  GLN A O   1 
ATOM   215  C  CB  . GLN A 1 32  ? -21.595 0.848   -0.952  1.00 39.78 ? 59  GLN A CB  1 
ATOM   216  C  CG  . GLN A 1 32  ? -20.888 2.178   -1.175  1.00 41.44 ? 59  GLN A CG  1 
ATOM   217  C  CD  . GLN A 1 32  ? -21.290 3.243   -0.162  1.00 43.33 ? 59  GLN A CD  1 
ATOM   218  O  OE1 . GLN A 1 32  ? -21.281 3.003   1.048   1.00 44.72 ? 59  GLN A OE1 1 
ATOM   219  N  NE2 . GLN A 1 32  ? -21.631 4.431   -0.652  1.00 44.40 ? 59  GLN A NE2 1 
ATOM   220  N  N   . THR A 1 33  ? -20.583 -2.608  -0.623  1.00 38.77 ? 60  THR A N   1 
ATOM   221  C  CA  . THR A 1 33  ? -20.988 -3.867  0.015   1.00 38.77 ? 60  THR A CA  1 
ATOM   222  C  C   . THR A 1 33  ? -20.645 -3.828  1.502   1.00 39.39 ? 60  THR A C   1 
ATOM   223  O  O   . THR A 1 33  ? -19.830 -3.008  1.937   1.00 40.09 ? 60  THR A O   1 
ATOM   224  C  CB  . THR A 1 33  ? -20.301 -5.083  -0.644  1.00 38.18 ? 60  THR A CB  1 
ATOM   225  O  OG1 . THR A 1 33  ? -18.885 -5.028  -0.431  1.00 37.55 ? 60  THR A OG1 1 
ATOM   226  C  CG2 . THR A 1 33  ? -20.583 -5.114  -2.138  1.00 37.84 ? 60  THR A CG2 1 
ATOM   227  N  N   . ASN A 1 34  ? -21.276 -4.712  2.276   1.00 39.57 ? 61  ASN A N   1 
ATOM   228  C  CA  . ASN A 1 34  ? -20.998 -4.833  3.715   1.00 39.62 ? 61  ASN A CA  1 
ATOM   229  C  C   . ASN A 1 34  ? -19.572 -5.302  4.014   1.00 38.38 ? 61  ASN A C   1 
ATOM   230  O  O   . ASN A 1 34  ? -18.983 -4.884  5.011   1.00 38.58 ? 61  ASN A O   1 
ATOM   231  C  CB  . ASN A 1 34  ? -22.007 -5.772  4.400   1.00 40.74 ? 61  ASN A CB  1 
ATOM   232  C  CG  . ASN A 1 34  ? -23.405 -5.176  4.490   1.00 41.95 ? 61  ASN A CG  1 
ATOM   233  O  OD1 . ASN A 1 34  ? -23.581 -3.957  4.564   1.00 42.51 ? 61  ASN A OD1 1 
ATOM   234  N  ND2 . ASN A 1 34  ? -24.413 -6.044  4.500   1.00 42.76 ? 61  ASN A ND2 1 
ATOM   235  N  N   . GLN A 1 35  ? -19.032 -6.170  3.158   1.00 36.95 ? 62  GLN A N   1 
ATOM   236  C  CA  . GLN A 1 35  ? -17.627 -6.585  3.249   1.00 36.39 ? 62  GLN A CA  1 
ATOM   237  C  C   . GLN A 1 35  ? -16.662 -5.406  3.061   1.00 36.03 ? 62  GLN A C   1 
ATOM   238  O  O   . GLN A 1 35  ? -15.699 -5.267  3.818   1.00 35.30 ? 62  GLN A O   1 
ATOM   239  C  CB  . GLN A 1 35  ? -17.317 -7.687  2.229   1.00 36.38 ? 62  GLN A CB  1 
ATOM   240  C  CG  . GLN A 1 35  ? -17.977 -9.024  2.537   1.00 36.32 ? 62  GLN A CG  1 
ATOM   241  C  CD  . GLN A 1 35  ? -17.531 -10.137 1.603   1.00 36.26 ? 62  GLN A CD  1 
ATOM   242  O  OE1 . GLN A 1 35  ? -17.267 -9.907  0.422   1.00 36.61 ? 62  GLN A OE1 1 
ATOM   243  N  NE2 . GLN A 1 35  ? -17.452 -11.355 2.126   1.00 36.02 ? 62  GLN A NE2 1 
ATOM   244  N  N   . LEU A 1 36  ? -16.927 -4.567  2.059   1.00 35.82 ? 63  LEU A N   1 
ATOM   245  C  CA  . LEU A 1 36  ? -16.114 -3.367  1.803   1.00 36.37 ? 63  LEU A CA  1 
ATOM   246  C  C   . LEU A 1 36  ? -16.236 -2.327  2.922   1.00 37.55 ? 63  LEU A C   1 
ATOM   247  O  O   . LEU A 1 36  ? -15.244 -1.695  3.291   1.00 37.03 ? 63  LEU A O   1 
ATOM   248  C  CB  . LEU A 1 36  ? -16.463 -2.731  0.448   1.00 35.89 ? 63  LEU A CB  1 
ATOM   249  C  CG  . LEU A 1 36  ? -15.867 -3.413  -0.792  1.00 35.49 ? 63  LEU A CG  1 
ATOM   250  C  CD1 . LEU A 1 36  ? -16.600 -2.987  -2.057  1.00 35.29 ? 63  LEU A CD1 1 
ATOM   251  C  CD2 . LEU A 1 36  ? -14.374 -3.126  -0.912  1.00 35.41 ? 63  LEU A CD2 1 
ATOM   252  N  N   . GLN A 1 37  ? -17.449 -2.152  3.448   1.00 38.88 ? 64  GLN A N   1 
ATOM   253  C  CA  . GLN A 1 37  ? -17.673 -1.294  4.620   1.00 40.06 ? 64  GLN A CA  1 
ATOM   254  C  C   . GLN A 1 37  ? -16.921 -1.809  5.853   1.00 39.38 ? 64  GLN A C   1 
ATOM   255  O  O   . GLN A 1 37  ? -16.314 -1.024  6.578   1.00 39.15 ? 64  GLN A O   1 
ATOM   256  C  CB  . GLN A 1 37  ? -19.169 -1.162  4.931   1.00 41.64 ? 64  GLN A CB  1 
ATOM   257  C  CG  . GLN A 1 37  ? -19.923 -0.285  3.940   1.00 43.12 ? 64  GLN A CG  1 
ATOM   258  C  CD  . GLN A 1 37  ? -21.429 -0.299  4.152   1.00 44.44 ? 64  GLN A CD  1 
ATOM   259  O  OE1 . GLN A 1 37  ? -21.923 -0.756  5.186   1.00 45.85 ? 64  GLN A OE1 1 
ATOM   260  N  NE2 . GLN A 1 37  ? -22.169 0.212   3.169   1.00 44.72 ? 64  GLN A NE2 1 
ATOM   261  N  N   . TYR A 1 38  ? -16.962 -3.123  6.075   1.00 39.12 ? 65  TYR A N   1 
ATOM   262  C  CA  . TYR A 1 38  ? -16.197 -3.772  7.150   1.00 39.14 ? 65  TYR A CA  1 
ATOM   263  C  C   . TYR A 1 38  ? -14.686 -3.609  6.957   1.00 38.51 ? 65  TYR A C   1 
ATOM   264  O  O   . TYR A 1 38  ? -13.959 -3.408  7.931   1.00 37.82 ? 65  TYR A O   1 
ATOM   265  C  CB  . TYR A 1 38  ? -16.558 -5.260  7.242   1.00 39.31 ? 65  TYR A CB  1 
ATOM   266  C  CG  . TYR A 1 38  ? -15.825 -6.034  8.324   1.00 40.13 ? 65  TYR A CG  1 
ATOM   267  C  CD1 . TYR A 1 38  ? -16.338 -6.119  9.620   1.00 40.41 ? 65  TYR A CD1 1 
ATOM   268  C  CD2 . TYR A 1 38  ? -14.627 -6.697  8.047   1.00 40.44 ? 65  TYR A CD2 1 
ATOM   269  C  CE1 . TYR A 1 38  ? -15.674 -6.837  10.610  1.00 40.51 ? 65  TYR A CE1 1 
ATOM   270  C  CE2 . TYR A 1 38  ? -13.955 -7.411  9.029   1.00 40.80 ? 65  TYR A CE2 1 
ATOM   271  C  CZ  . TYR A 1 38  ? -14.482 -7.479  10.309  1.00 40.91 ? 65  TYR A CZ  1 
ATOM   272  O  OH  . TYR A 1 38  ? -13.816 -8.193  11.281  1.00 41.71 ? 65  TYR A OH  1 
ATOM   273  N  N   . LEU A 1 39  ? -14.222 -3.711  5.708   1.00 37.55 ? 66  LEU A N   1 
ATOM   274  C  CA  . LEU A 1 39  ? -12.805 -3.502  5.382   1.00 36.98 ? 66  LEU A CA  1 
ATOM   275  C  C   . LEU A 1 39  ? -12.314 -2.094  5.735   1.00 37.05 ? 66  LEU A C   1 
ATOM   276  O  O   . LEU A 1 39  ? -11.163 -1.933  6.134   1.00 37.41 ? 66  LEU A O   1 
ATOM   277  C  CB  . LEU A 1 39  ? -12.512 -3.809  3.902   1.00 36.64 ? 66  LEU A CB  1 
ATOM   278  C  CG  . LEU A 1 39  ? -12.366 -5.290  3.530   1.00 36.59 ? 66  LEU A CG  1 
ATOM   279  C  CD1 . LEU A 1 39  ? -12.498 -5.483  2.027   1.00 36.44 ? 66  LEU A CD1 1 
ATOM   280  C  CD2 . LEU A 1 39  ? -11.044 -5.860  4.022   1.00 36.56 ? 66  LEU A CD2 1 
ATOM   281  N  N   . LEU A 1 40  ? -13.176 -1.088  5.590   1.00 37.05 ? 67  LEU A N   1 
ATOM   282  C  CA  . LEU A 1 40  ? -12.851 0.280   6.010   1.00 37.81 ? 67  LEU A CA  1 
ATOM   283  C  C   . LEU A 1 40  ? -13.071 0.473   7.508   1.00 38.98 ? 67  LEU A C   1 
ATOM   284  O  O   . LEU A 1 40  ? -12.194 0.982   8.205   1.00 38.81 ? 67  LEU A O   1 
ATOM   285  C  CB  . LEU A 1 40  ? -13.683 1.308   5.233   1.00 37.36 ? 67  LEU A CB  1 
ATOM   286  C  CG  . LEU A 1 40  ? -13.442 2.795   5.543   1.00 37.30 ? 67  LEU A CG  1 
ATOM   287  C  CD1 . LEU A 1 40  ? -11.994 3.197   5.294   1.00 37.17 ? 67  LEU A CD1 1 
ATOM   288  C  CD2 . LEU A 1 40  ? -14.382 3.670   4.729   1.00 37.48 ? 67  LEU A CD2 1 
ATOM   289  N  N   . ARG A 1 41  ? -14.248 0.078   7.988   1.00 40.89 ? 68  ARG A N   1 
ATOM   290  C  CA  . ARG A 1 41  ? -14.671 0.330   9.371   1.00 42.84 ? 68  ARG A CA  1 
ATOM   291  C  C   . ARG A 1 41  ? -13.837 -0.430  10.406  1.00 42.71 ? 68  ARG A C   1 
ATOM   292  O  O   . ARG A 1 41  ? -13.456 0.142   11.428  1.00 43.43 ? 68  ARG A O   1 
ATOM   293  C  CB  . ARG A 1 41  ? -16.156 -0.022  9.537   1.00 44.61 ? 68  ARG A CB  1 
ATOM   294  C  CG  . ARG A 1 41  ? -16.787 0.425   10.847  1.00 46.74 ? 68  ARG A CG  1 
ATOM   295  C  CD  . ARG A 1 41  ? -18.289 0.163   10.854  1.00 47.90 ? 68  ARG A CD  1 
ATOM   296  N  NE  . ARG A 1 41  ? -18.607 -1.264  10.736  1.00 49.03 ? 68  ARG A NE  1 
ATOM   297  C  CZ  . ARG A 1 41  ? -18.501 -2.168  11.715  1.00 49.56 ? 68  ARG A CZ  1 
ATOM   298  N  NH1 . ARG A 1 41  ? -18.825 -3.438  11.472  1.00 49.73 ? 68  ARG A NH1 1 
ATOM   299  N  NH2 . ARG A 1 41  ? -18.077 -1.828  12.933  1.00 49.47 ? 68  ARG A NH2 1 
ATOM   300  N  N   . VAL A 1 42  ? -13.555 -1.703  10.129  1.00 42.29 ? 69  VAL A N   1 
ATOM   301  C  CA  . VAL A 1 42  ? -12.847 -2.584  11.065  1.00 42.18 ? 69  VAL A CA  1 
ATOM   302  C  C   . VAL A 1 42  ? -11.403 -2.872  10.637  1.00 41.57 ? 69  VAL A C   1 
ATOM   303  O  O   . VAL A 1 42  ? -10.475 -2.584  11.390  1.00 41.86 ? 69  VAL A O   1 
ATOM   304  C  CB  . VAL A 1 42  ? -13.612 -3.917  11.262  1.00 42.08 ? 69  VAL A CB  1 
ATOM   305  C  CG1 . VAL A 1 42  ? -12.909 -4.808  12.287  1.00 42.31 ? 69  VAL A CG1 1 
ATOM   306  C  CG2 . VAL A 1 42  ? -15.054 -3.638  11.676  1.00 42.22 ? 69  VAL A CG2 1 
ATOM   307  N  N   . VAL A 1 43  ? -11.215 -3.428  9.440   1.00 40.87 ? 70  VAL A N   1 
ATOM   308  C  CA  . VAL A 1 43  ? -9.904  -3.964  9.031   1.00 40.84 ? 70  VAL A CA  1 
ATOM   309  C  C   . VAL A 1 43  ? -8.864  -2.854  8.843   1.00 41.26 ? 70  VAL A C   1 
ATOM   310  O  O   . VAL A 1 43  ? -7.793  -2.906  9.452   1.00 41.23 ? 70  VAL A O   1 
ATOM   311  C  CB  . VAL A 1 43  ? -9.994  -4.839  7.753   1.00 40.81 ? 70  VAL A CB  1 
ATOM   312  C  CG1 . VAL A 1 43  ? -8.614  -5.345  7.327   1.00 40.89 ? 70  VAL A CG1 1 
ATOM   313  C  CG2 . VAL A 1 43  ? -10.945 -6.011  7.975   1.00 41.03 ? 70  VAL A CG2 1 
ATOM   314  N  N   . LEU A 1 44  ? -9.182  -1.858  8.018   1.00 40.94 ? 71  LEU A N   1 
ATOM   315  C  CA  . LEU A 1 44  ? -8.246  -0.767  7.722   1.00 41.47 ? 71  LEU A CA  1 
ATOM   316  C  C   . LEU A 1 44  ? -7.952  0.078   8.963   1.00 42.49 ? 71  LEU A C   1 
ATOM   317  O  O   . LEU A 1 44  ? -6.788  0.336   9.268   1.00 42.90 ? 71  LEU A O   1 
ATOM   318  C  CB  . LEU A 1 44  ? -8.773  0.121   6.579   1.00 40.96 ? 71  LEU A CB  1 
ATOM   319  C  CG  . LEU A 1 44  ? -7.916  1.258   5.985   1.00 40.55 ? 71  LEU A CG  1 
ATOM   320  C  CD1 . LEU A 1 44  ? -8.021  2.560   6.772   1.00 40.76 ? 71  LEU A CD1 1 
ATOM   321  C  CD2 . LEU A 1 44  ? -6.456  0.856   5.820   1.00 40.30 ? 71  LEU A CD2 1 
ATOM   322  N  N   . LYS A 1 45  ? -9.002  0.495   9.671   1.00 42.96 ? 72  LYS A N   1 
ATOM   323  C  CA  . LYS A 1 45  ? -8.854  1.389   10.831  1.00 43.94 ? 72  LYS A CA  1 
ATOM   324  C  C   . LYS A 1 45  ? -8.116  0.783   12.037  1.00 43.64 ? 72  LYS A C   1 
ATOM   325  O  O   . LYS A 1 45  ? -7.538  1.530   12.828  1.00 44.60 ? 72  LYS A O   1 
ATOM   326  C  CB  . LYS A 1 45  ? -10.212 1.948   11.271  1.00 45.45 ? 72  LYS A CB  1 
ATOM   327  C  CG  . LYS A 1 45  ? -10.734 3.057   10.365  1.00 46.93 ? 72  LYS A CG  1 
ATOM   328  C  CD  . LYS A 1 45  ? -12.139 3.494   10.758  1.00 48.19 ? 72  LYS A CD  1 
ATOM   329  C  CE  . LYS A 1 45  ? -12.799 4.324   9.667   1.00 48.86 ? 72  LYS A CE  1 
ATOM   330  N  NZ  . LYS A 1 45  ? -12.048 5.571   9.351   1.00 49.34 ? 72  LYS A NZ  1 
ATOM   331  N  N   . THR A 1 46  ? -8.129  -0.544  12.182  1.00 43.00 ? 73  THR A N   1 
ATOM   332  C  CA  . THR A 1 46  ? -7.362  -1.211  13.247  1.00 42.66 ? 73  THR A CA  1 
ATOM   333  C  C   . THR A 1 46  ? -5.896  -1.399  12.859  1.00 41.48 ? 73  THR A C   1 
ATOM   334  O  O   . THR A 1 46  ? -5.014  -1.241  13.705  1.00 41.61 ? 73  THR A O   1 
ATOM   335  C  CB  . THR A 1 46  ? -7.959  -2.574  13.656  1.00 43.31 ? 73  THR A CB  1 
ATOM   336  O  OG1 . THR A 1 46  ? -8.034  -3.442  12.518  1.00 44.55 ? 73  THR A OG1 1 
ATOM   337  C  CG2 . THR A 1 46  ? -9.346  -2.396  14.280  1.00 43.32 ? 73  THR A CG2 1 
ATOM   338  N  N   . LEU A 1 47  ? -5.635  -1.751  11.598  1.00 39.70 ? 74  LEU A N   1 
ATOM   339  C  CA  . LEU A 1 47  ? -4.259  -1.778  11.077  1.00 38.52 ? 74  LEU A CA  1 
ATOM   340  C  C   . LEU A 1 47  ? -3.628  -0.384  11.068  1.00 37.11 ? 74  LEU A C   1 
ATOM   341  O  O   . LEU A 1 47  ? -2.439  -0.249  11.345  1.00 36.84 ? 74  LEU A O   1 
ATOM   342  C  CB  . LEU A 1 47  ? -4.196  -2.358  9.658   1.00 38.60 ? 74  LEU A CB  1 
ATOM   343  C  CG  . LEU A 1 47  ? -4.504  -3.839  9.412   1.00 39.08 ? 74  LEU A CG  1 
ATOM   344  C  CD1 . LEU A 1 47  ? -4.003  -4.225  8.029   1.00 39.60 ? 74  LEU A CD1 1 
ATOM   345  C  CD2 . LEU A 1 47  ? -3.900  -4.758  10.462  1.00 39.24 ? 74  LEU A CD2 1 
ATOM   346  N  N   . TRP A 1 48  ? -4.428  0.634   10.750  1.00 35.32 ? 75  TRP A N   1 
ATOM   347  C  CA  . TRP A 1 48  ? -3.972  2.031   10.711  1.00 34.27 ? 75  TRP A CA  1 
ATOM   348  C  C   . TRP A 1 48  ? -3.500  2.543   12.080  1.00 34.35 ? 75  TRP A C   1 
ATOM   349  O  O   . TRP A 1 48  ? -2.518  3.282   12.158  1.00 33.87 ? 75  TRP A O   1 
ATOM   350  C  CB  . TRP A 1 48  ? -5.089  2.936   10.172  1.00 33.39 ? 75  TRP A CB  1 
ATOM   351  C  CG  . TRP A 1 48  ? -4.654  4.323   9.806   1.00 32.49 ? 75  TRP A CG  1 
ATOM   352  C  CD1 . TRP A 1 48  ? -4.641  5.421   10.619  1.00 32.38 ? 75  TRP A CD1 1 
ATOM   353  C  CD2 . TRP A 1 48  ? -4.189  4.766   8.527   1.00 32.00 ? 75  TRP A CD2 1 
ATOM   354  N  NE1 . TRP A 1 48  ? -4.187  6.519   9.927   1.00 31.72 ? 75  TRP A NE1 1 
ATOM   355  C  CE2 . TRP A 1 48  ? -3.903  6.146   8.641   1.00 31.70 ? 75  TRP A CE2 1 
ATOM   356  C  CE3 . TRP A 1 48  ? -3.981  4.132   7.294   1.00 31.56 ? 75  TRP A CE3 1 
ATOM   357  C  CZ2 . TRP A 1 48  ? -3.419  6.905   7.568   1.00 31.33 ? 75  TRP A CZ2 1 
ATOM   358  C  CZ3 . TRP A 1 48  ? -3.499  4.887   6.228   1.00 31.31 ? 75  TRP A CZ3 1 
ATOM   359  C  CH2 . TRP A 1 48  ? -3.224  6.259   6.374   1.00 31.18 ? 75  TRP A CH2 1 
ATOM   360  N  N   . LYS A 1 49  ? -4.202  2.147   13.142  1.00 34.68 ? 76  LYS A N   1 
ATOM   361  C  CA  . LYS A 1 49  ? -3.848  2.537   14.520  1.00 35.14 ? 76  LYS A CA  1 
ATOM   362  C  C   . LYS A 1 49  ? -2.601  1.838   15.097  1.00 34.22 ? 76  LYS A C   1 
ATOM   363  O  O   . LYS A 1 49  ? -2.053  2.303   16.099  1.00 34.90 ? 76  LYS A O   1 
ATOM   364  C  CB  . LYS A 1 49  ? -5.033  2.292   15.464  1.00 35.95 ? 76  LYS A CB  1 
ATOM   365  C  CG  . LYS A 1 49  ? -6.167  3.291   15.323  1.00 36.82 ? 76  LYS A CG  1 
ATOM   366  C  CD  . LYS A 1 49  ? -7.419  2.801   16.038  1.00 37.95 ? 76  LYS A CD  1 
ATOM   367  C  CE  . LYS A 1 49  ? -8.311  3.952   16.483  1.00 38.77 ? 76  LYS A CE  1 
ATOM   368  N  NZ  . LYS A 1 49  ? -8.794  4.785   15.345  1.00 39.39 ? 76  LYS A NZ  1 
ATOM   369  N  N   . HIS A 1 50  ? -2.170  0.733   14.483  1.00 32.62 ? 77  HIS A N   1 
ATOM   370  C  CA  . HIS A 1 50  ? -1.036  -0.056  14.983  1.00 31.72 ? 77  HIS A CA  1 
ATOM   371  C  C   . HIS A 1 50  ? 0.281   0.733   14.931  1.00 30.91 ? 77  HIS A C   1 
ATOM   372  O  O   . HIS A 1 50  ? 0.468   1.575   14.054  1.00 30.51 ? 77  HIS A O   1 
ATOM   373  C  CB  . HIS A 1 50  ? -0.905  -1.362  14.188  1.00 31.57 ? 77  HIS A CB  1 
ATOM   374  C  CG  . HIS A 1 50  ? -0.145  -2.432  14.905  1.00 31.99 ? 77  HIS A CG  1 
ATOM   375  N  ND1 . HIS A 1 50  ? 1.079   -2.892  14.475  1.00 32.60 ? 77  HIS A ND1 1 
ATOM   376  C  CD2 . HIS A 1 50  ? -0.436  -3.132  16.024  1.00 32.29 ? 77  HIS A CD2 1 
ATOM   377  C  CE1 . HIS A 1 50  ? 1.511   -3.830  15.298  1.00 32.38 ? 77  HIS A CE1 1 
ATOM   378  N  NE2 . HIS A 1 50  ? 0.610   -3.994  16.248  1.00 32.57 ? 77  HIS A NE2 1 
ATOM   379  N  N   . GLN A 1 51  ? 1.179   0.452   15.877  1.00 30.21 ? 78  GLN A N   1 
ATOM   380  C  CA  . GLN A 1 51  ? 2.461   1.171   15.992  1.00 30.07 ? 78  GLN A CA  1 
ATOM   381  C  C   . GLN A 1 51  ? 3.462   0.901   14.856  1.00 29.30 ? 78  GLN A C   1 
ATOM   382  O  O   . GLN A 1 51  ? 4.411   1.666   14.684  1.00 29.42 ? 78  GLN A O   1 
ATOM   383  C  CB  . GLN A 1 51  ? 3.140   0.893   17.345  1.00 30.49 ? 78  GLN A CB  1 
ATOM   384  C  CG  . GLN A 1 51  ? 3.532   -0.566  17.594  1.00 30.90 ? 78  GLN A CG  1 
ATOM   385  C  CD  . GLN A 1 51  ? 4.674   -0.740  18.584  1.00 31.76 ? 78  GLN A CD  1 
ATOM   386  O  OE1 . GLN A 1 51  ? 5.520   0.142   18.752  1.00 32.48 ? 78  GLN A OE1 1 
ATOM   387  N  NE2 . GLN A 1 51  ? 4.716   -1.898  19.229  1.00 31.94 ? 78  GLN A NE2 1 
ATOM   388  N  N   . PHE A 1 52  ? 3.267   -0.192  14.118  1.00 28.53 ? 79  PHE A N   1 
ATOM   389  C  CA  . PHE A 1 52  ? 4.057   -0.503  12.921  1.00 27.95 ? 79  PHE A CA  1 
ATOM   390  C  C   . PHE A 1 52  ? 3.399   -0.078  11.594  1.00 27.94 ? 79  PHE A C   1 
ATOM   391  O  O   . PHE A 1 52  ? 3.909   -0.406  10.517  1.00 27.90 ? 79  PHE A O   1 
ATOM   392  C  CB  . PHE A 1 52  ? 4.368   -2.008  12.858  1.00 27.98 ? 79  PHE A CB  1 
ATOM   393  C  CG  . PHE A 1 52  ? 5.138   -2.554  14.042  1.00 27.98 ? 79  PHE A CG  1 
ATOM   394  C  CD1 . PHE A 1 52  ? 6.005   -1.761  14.801  1.00 28.08 ? 79  PHE A CD1 1 
ATOM   395  C  CD2 . PHE A 1 52  ? 5.038   -3.906  14.356  1.00 28.20 ? 79  PHE A CD2 1 
ATOM   396  C  CE1 . PHE A 1 52  ? 6.714   -2.301  15.865  1.00 28.20 ? 79  PHE A CE1 1 
ATOM   397  C  CE2 . PHE A 1 52  ? 5.750   -4.449  15.415  1.00 28.23 ? 79  PHE A CE2 1 
ATOM   398  C  CZ  . PHE A 1 52  ? 6.587   -3.646  16.171  1.00 28.10 ? 79  PHE A CZ  1 
ATOM   399  N  N   . ALA A 1 53  ? 2.289   0.656   11.666  1.00 27.38 ? 80  ALA A N   1 
ATOM   400  C  CA  . ALA A 1 53  ? 1.529   1.059   10.478  1.00 27.04 ? 80  ALA A CA  1 
ATOM   401  C  C   . ALA A 1 53  ? 2.194   2.183   9.685   1.00 26.48 ? 80  ALA A C   1 
ATOM   402  O  O   . ALA A 1 53  ? 2.165   2.160   8.455   1.00 26.46 ? 80  ALA A O   1 
ATOM   403  C  CB  . ALA A 1 53  ? 0.127   1.482   10.882  1.00 27.29 ? 80  ALA A CB  1 
ATOM   404  N  N   . TRP A 1 54  ? 2.789   3.148   10.393  1.00 25.34 ? 81  TRP A N   1 
ATOM   405  C  CA  . TRP A 1 54  ? 3.295   4.410   9.800   1.00 25.09 ? 81  TRP A CA  1 
ATOM   406  C  C   . TRP A 1 54  ? 4.139   4.348   8.507   1.00 24.66 ? 81  TRP A C   1 
ATOM   407  O  O   . TRP A 1 54  ? 3.970   5.220   7.653   1.00 24.50 ? 81  TRP A O   1 
ATOM   408  C  CB  . TRP A 1 54  ? 3.999   5.287   10.857  1.00 24.83 ? 81  TRP A CB  1 
ATOM   409  C  CG  . TRP A 1 54  ? 5.216   4.687   11.471  1.00 24.84 ? 81  TRP A CG  1 
ATOM   410  C  CD1 . TRP A 1 54  ? 5.276   3.944   12.610  1.00 24.86 ? 81  TRP A CD1 1 
ATOM   411  C  CD2 . TRP A 1 54  ? 6.555   4.775   10.979  1.00 24.95 ? 81  TRP A CD2 1 
ATOM   412  N  NE1 . TRP A 1 54  ? 6.569   3.558   12.863  1.00 24.89 ? 81  TRP A NE1 1 
ATOM   413  C  CE2 . TRP A 1 54  ? 7.377   4.053   11.874  1.00 24.90 ? 81  TRP A CE2 1 
ATOM   414  C  CE3 . TRP A 1 54  ? 7.140   5.382   9.863   1.00 24.93 ? 81  TRP A CE3 1 
ATOM   415  C  CZ2 . TRP A 1 54  ? 8.760   3.936   11.693  1.00 24.81 ? 81  TRP A CZ2 1 
ATOM   416  C  CZ3 . TRP A 1 54  ? 8.510   5.265   9.684   1.00 24.82 ? 81  TRP A CZ3 1 
ATOM   417  C  CH2 . TRP A 1 54  ? 9.307   4.550   10.599  1.00 24.57 ? 81  TRP A CH2 1 
ATOM   418  N  N   . PRO A 1 55  ? 5.027   3.335   8.341   1.00 24.58 ? 82  PRO A N   1 
ATOM   419  C  CA  . PRO A 1 55  ? 5.740   3.270   7.053   1.00 24.44 ? 82  PRO A CA  1 
ATOM   420  C  C   . PRO A 1 55  ? 4.859   2.854   5.860   1.00 24.16 ? 82  PRO A C   1 
ATOM   421  O  O   . PRO A 1 55  ? 5.254   3.066   4.711   1.00 23.87 ? 82  PRO A O   1 
ATOM   422  C  CB  . PRO A 1 55  ? 6.836   2.214   7.303   1.00 24.50 ? 82  PRO A CB  1 
ATOM   423  C  CG  . PRO A 1 55  ? 6.822   1.949   8.775   1.00 24.58 ? 82  PRO A CG  1 
ATOM   424  C  CD  . PRO A 1 55  ? 5.409   2.193   9.187   1.00 24.66 ? 82  PRO A CD  1 
ATOM   425  N  N   . PHE A 1 56  ? 3.688   2.276   6.138   1.00 23.86 ? 83  PHE A N   1 
ATOM   426  C  CA  . PHE A 1 56  ? 2.751   1.806   5.116   1.00 23.93 ? 83  PHE A CA  1 
ATOM   427  C  C   . PHE A 1 56  ? 1.582   2.772   4.855   1.00 24.17 ? 83  PHE A C   1 
ATOM   428  O  O   . PHE A 1 56  ? 0.726   2.481   4.022   1.00 23.80 ? 83  PHE A O   1 
ATOM   429  C  CB  . PHE A 1 56  ? 2.209   0.429   5.530   1.00 24.01 ? 83  PHE A CB  1 
ATOM   430  C  CG  . PHE A 1 56  ? 3.288   -0.597  5.778   1.00 23.94 ? 83  PHE A CG  1 
ATOM   431  C  CD1 . PHE A 1 56  ? 3.893   -0.708  7.027   1.00 23.87 ? 83  PHE A CD1 1 
ATOM   432  C  CD2 . PHE A 1 56  ? 3.708   -1.446  4.757   1.00 24.07 ? 83  PHE A CD2 1 
ATOM   433  C  CE1 . PHE A 1 56  ? 4.891   -1.645  7.254   1.00 23.81 ? 83  PHE A CE1 1 
ATOM   434  C  CE2 . PHE A 1 56  ? 4.707   -2.384  4.979   1.00 24.03 ? 83  PHE A CE2 1 
ATOM   435  C  CZ  . PHE A 1 56  ? 5.300   -2.484  6.229   1.00 23.90 ? 83  PHE A CZ  1 
ATOM   436  N  N   . GLN A 1 57  ? 1.561   3.920   5.539   1.00 24.56 ? 84  GLN A N   1 
ATOM   437  C  CA  . GLN A 1 57  ? 0.428   4.861   5.485   1.00 25.17 ? 84  GLN A CA  1 
ATOM   438  C  C   . GLN A 1 57  ? 0.435   5.832   4.293   1.00 25.82 ? 84  GLN A C   1 
ATOM   439  O  O   . GLN A 1 57  ? -0.524  6.586   4.114   1.00 26.03 ? 84  GLN A O   1 
ATOM   440  C  CB  . GLN A 1 57  ? 0.340   5.664   6.792   1.00 25.21 ? 84  GLN A CB  1 
ATOM   441  C  CG  . GLN A 1 57  ? -0.109  4.840   7.988   1.00 25.28 ? 84  GLN A CG  1 
ATOM   442  C  CD  . GLN A 1 57  ? -0.191  5.646   9.274   1.00 25.74 ? 84  GLN A CD  1 
ATOM   443  O  OE1 . GLN A 1 57  ? 0.281   6.780   9.343   1.00 26.10 ? 84  GLN A OE1 1 
ATOM   444  N  NE2 . GLN A 1 57  ? -0.787  5.058   10.306  1.00 26.20 ? 84  GLN A NE2 1 
ATOM   445  N  N   . GLN A 1 58  ? 1.505   5.826   3.499   1.00 25.98 ? 85  GLN A N   1 
ATOM   446  C  CA  . GLN A 1 58  ? 1.588   6.659   2.298   1.00 26.51 ? 85  GLN A CA  1 
ATOM   447  C  C   . GLN A 1 58  ? 2.483   5.994   1.252   1.00 26.57 ? 85  GLN A C   1 
ATOM   448  O  O   . GLN A 1 58  ? 3.244   5.082   1.590   1.00 26.70 ? 85  GLN A O   1 
ATOM   449  C  CB  . GLN A 1 58  ? 2.114   8.062   2.637   1.00 26.93 ? 85  GLN A CB  1 
ATOM   450  C  CG  . GLN A 1 58  ? 3.487   8.109   3.305   1.00 27.20 ? 85  GLN A CG  1 
ATOM   451  C  CD  . GLN A 1 58  ? 3.449   7.703   4.768   1.00 27.59 ? 85  GLN A CD  1 
ATOM   452  O  OE1 . GLN A 1 58  ? 2.580   8.143   5.523   1.00 27.87 ? 85  GLN A OE1 1 
ATOM   453  N  NE2 . GLN A 1 58  ? 4.390   6.854   5.174   1.00 27.90 ? 85  GLN A NE2 1 
ATOM   454  N  N   . PRO A 1 59  ? 2.396   6.437   -0.020  1.00 26.53 ? 86  PRO A N   1 
ATOM   455  C  CA  . PRO A 1 59  ? 3.314   5.895   -1.030  1.00 26.56 ? 86  PRO A CA  1 
ATOM   456  C  C   . PRO A 1 59  ? 4.783   6.114   -0.669  1.00 26.77 ? 86  PRO A C   1 
ATOM   457  O  O   . PRO A 1 59  ? 5.114   7.104   -0.012  1.00 26.54 ? 86  PRO A O   1 
ATOM   458  C  CB  . PRO A 1 59  ? 2.949   6.677   -2.297  1.00 26.51 ? 86  PRO A CB  1 
ATOM   459  C  CG  . PRO A 1 59  ? 1.542   7.115   -2.087  1.00 26.37 ? 86  PRO A CG  1 
ATOM   460  C  CD  . PRO A 1 59  ? 1.409   7.358   -0.614  1.00 26.37 ? 86  PRO A CD  1 
ATOM   461  N  N   . VAL A 1 60  ? 5.644   5.186   -1.085  1.00 27.29 ? 87  VAL A N   1 
ATOM   462  C  CA  . VAL A 1 60  ? 7.078   5.282   -0.815  1.00 27.72 ? 87  VAL A CA  1 
ATOM   463  C  C   . VAL A 1 60  ? 7.673   6.504   -1.522  1.00 28.28 ? 87  VAL A C   1 
ATOM   464  O  O   . VAL A 1 60  ? 7.570   6.639   -2.741  1.00 27.99 ? 87  VAL A O   1 
ATOM   465  C  CB  . VAL A 1 60  ? 7.832   3.990   -1.229  1.00 27.53 ? 87  VAL A CB  1 
ATOM   466  C  CG1 . VAL A 1 60  ? 9.346   4.191   -1.223  1.00 27.82 ? 87  VAL A CG1 1 
ATOM   467  C  CG2 . VAL A 1 60  ? 7.449   2.848   -0.301  1.00 27.59 ? 87  VAL A CG2 1 
ATOM   468  N  N   . ASP A 1 61  ? 8.269   7.393   -0.729  1.00 29.38 ? 88  ASP A N   1 
ATOM   469  C  CA  . ASP A 1 61  ? 9.050   8.514   -1.241  1.00 30.24 ? 88  ASP A CA  1 
ATOM   470  C  C   . ASP A 1 61  ? 10.506  8.060   -1.358  1.00 30.55 ? 88  ASP A C   1 
ATOM   471  O  O   . ASP A 1 61  ? 11.265  8.113   -0.390  1.00 30.91 ? 88  ASP A O   1 
ATOM   472  C  CB  . ASP A 1 61  ? 8.910   9.725   -0.308  1.00 30.83 ? 88  ASP A CB  1 
ATOM   473  C  CG  . ASP A 1 61  ? 9.361   11.026  -0.954  1.00 31.16 ? 88  ASP A CG  1 
ATOM   474  O  OD1 . ASP A 1 61  ? 10.345  11.022  -1.724  1.00 30.98 ? 88  ASP A OD1 1 
ATOM   475  O  OD2 . ASP A 1 61  ? 8.726   12.066  -0.684  1.00 31.86 ? 88  ASP A OD2 1 
ATOM   476  N  N   . ALA A 1 62  ? 10.881  7.599   -2.550  1.00 30.76 ? 89  ALA A N   1 
ATOM   477  C  CA  . ALA A 1 62  ? 12.237  7.094   -2.814  1.00 31.15 ? 89  ALA A CA  1 
ATOM   478  C  C   . ALA A 1 62  ? 13.342  8.148   -2.640  1.00 31.32 ? 89  ALA A C   1 
ATOM   479  O  O   . ALA A 1 62  ? 14.472  7.805   -2.285  1.00 30.87 ? 89  ALA A O   1 
ATOM   480  C  CB  . ALA A 1 62  ? 12.308  6.486   -4.212  1.00 30.89 ? 89  ALA A CB  1 
ATOM   481  N  N   . VAL A 1 63  ? 13.013  9.416   -2.885  1.00 32.35 ? 90  VAL A N   1 
ATOM   482  C  CA  . VAL A 1 63  ? 13.974  10.517  -2.762  1.00 33.10 ? 90  VAL A CA  1 
ATOM   483  C  C   . VAL A 1 63  ? 14.217  10.851  -1.286  1.00 33.23 ? 90  VAL A C   1 
ATOM   484  O  O   . VAL A 1 63  ? 15.360  10.856  -0.830  1.00 33.85 ? 90  VAL A O   1 
ATOM   485  C  CB  . VAL A 1 63  ? 13.497  11.776  -3.530  1.00 33.61 ? 90  VAL A CB  1 
ATOM   486  C  CG1 . VAL A 1 63  ? 14.470  12.941  -3.344  1.00 33.57 ? 90  VAL A CG1 1 
ATOM   487  C  CG2 . VAL A 1 63  ? 13.309  11.456  -5.012  1.00 33.70 ? 90  VAL A CG2 1 
ATOM   488  N  N   . LYS A 1 64  ? 13.136  11.122  -0.555  1.00 33.49 ? 91  LYS A N   1 
ATOM   489  C  CA  . LYS A 1 64  ? 13.196  11.426  0.886   1.00 33.80 ? 91  LYS A CA  1 
ATOM   490  C  C   . LYS A 1 64  ? 13.827  10.290  1.697   1.00 33.65 ? 91  LYS A C   1 
ATOM   491  O  O   . LYS A 1 64  ? 14.715  10.528  2.519   1.00 34.11 ? 91  LYS A O   1 
ATOM   492  C  CB  . LYS A 1 64  ? 11.787  11.713  1.424   1.00 34.68 ? 91  LYS A CB  1 
ATOM   493  C  CG  . LYS A 1 64  ? 11.709  12.130  2.895   1.00 35.25 ? 91  LYS A CG  1 
ATOM   494  C  CD  . LYS A 1 64  ? 10.335  11.831  3.481   1.00 36.00 ? 91  LYS A CD  1 
ATOM   495  C  CE  . LYS A 1 64  ? 10.315  11.984  4.993   1.00 36.33 ? 91  LYS A CE  1 
ATOM   496  N  NZ  . LYS A 1 64  ? 10.493  13.397  5.425   1.00 37.12 ? 91  LYS A NZ  1 
ATOM   497  N  N   . LEU A 1 65  ? 13.371  9.063   1.450   1.00 32.83 ? 92  LEU A N   1 
ATOM   498  C  CA  . LEU A 1 65  ? 13.807  7.891   2.220   1.00 31.97 ? 92  LEU A CA  1 
ATOM   499  C  C   . LEU A 1 65  ? 15.129  7.275   1.741   1.00 31.93 ? 92  LEU A C   1 
ATOM   500  O  O   . LEU A 1 65  ? 15.612  6.320   2.352   1.00 31.69 ? 92  LEU A O   1 
ATOM   501  C  CB  . LEU A 1 65  ? 12.710  6.821   2.208   1.00 31.81 ? 92  LEU A CB  1 
ATOM   502  C  CG  . LEU A 1 65  ? 11.314  7.239   2.690   1.00 31.81 ? 92  LEU A CG  1 
ATOM   503  C  CD1 . LEU A 1 65  ? 10.290  6.162   2.342   1.00 31.85 ? 92  LEU A CD1 1 
ATOM   504  C  CD2 . LEU A 1 65  ? 11.317  7.541   4.183   1.00 31.72 ? 92  LEU A CD2 1 
ATOM   505  N  N   . ASN A 1 66  ? 15.703  7.811   0.660   1.00 32.32 ? 93  ASN A N   1 
ATOM   506  C  CA  . ASN A 1 66  ? 16.967  7.326   0.086   1.00 32.66 ? 93  ASN A CA  1 
ATOM   507  C  C   . ASN A 1 66  ? 16.879  5.858   -0.350  1.00 31.67 ? 93  ASN A C   1 
ATOM   508  O  O   . ASN A 1 66  ? 17.727  5.033   -0.001  1.00 31.86 ? 93  ASN A O   1 
ATOM   509  C  CB  . ASN A 1 66  ? 18.144  7.568   1.049   1.00 33.96 ? 93  ASN A CB  1 
ATOM   510  C  CG  . ASN A 1 66  ? 18.227  9.014   1.524   1.00 35.47 ? 93  ASN A CG  1 
ATOM   511  O  OD1 . ASN A 1 66  ? 17.994  9.948   0.754   1.00 36.75 ? 93  ASN A OD1 1 
ATOM   512  N  ND2 . ASN A 1 66  ? 18.563  9.203   2.796   1.00 36.53 ? 93  ASN A ND2 1 
ATOM   513  N  N   . LEU A 1 67  ? 15.834  5.560   -1.126  1.00 30.31 ? 94  LEU A N   1 
ATOM   514  C  CA  . LEU A 1 67  ? 15.583  4.230   -1.682  1.00 29.47 ? 94  LEU A CA  1 
ATOM   515  C  C   . LEU A 1 67  ? 15.490  4.338   -3.210  1.00 28.53 ? 94  LEU A C   1 
ATOM   516  O  O   . LEU A 1 67  ? 14.453  4.009   -3.798  1.00 28.09 ? 94  LEU A O   1 
ATOM   517  C  CB  . LEU A 1 67  ? 14.276  3.655   -1.119  1.00 29.09 ? 94  LEU A CB  1 
ATOM   518  C  CG  . LEU A 1 67  ? 14.113  3.562   0.398   1.00 29.02 ? 94  LEU A CG  1 
ATOM   519  C  CD1 . LEU A 1 67  ? 12.692  3.132   0.731   1.00 28.91 ? 94  LEU A CD1 1 
ATOM   520  C  CD2 . LEU A 1 67  ? 15.124  2.605   1.015   1.00 28.97 ? 94  LEU A CD2 1 
ATOM   521  N  N   . PRO A 1 68  ? 16.584  4.779   -3.865  1.00 27.58 ? 95  PRO A N   1 
ATOM   522  C  CA  . PRO A 1 68  ? 16.544  5.075   -5.300  1.00 26.75 ? 95  PRO A CA  1 
ATOM   523  C  C   . PRO A 1 68  ? 16.322  3.849   -6.197  1.00 25.69 ? 95  PRO A C   1 
ATOM   524  O  O   . PRO A 1 68  ? 15.920  4.008   -7.353  1.00 25.34 ? 95  PRO A O   1 
ATOM   525  C  CB  . PRO A 1 68  ? 17.919  5.688   -5.557  1.00 27.11 ? 95  PRO A CB  1 
ATOM   526  C  CG  . PRO A 1 68  ? 18.800  4.996   -4.578  1.00 27.35 ? 95  PRO A CG  1 
ATOM   527  C  CD  . PRO A 1 68  ? 17.962  4.861   -3.342  1.00 27.52 ? 95  PRO A CD  1 
ATOM   528  N  N   . ASP A 1 69  ? 16.589  2.653   -5.672  1.00 24.59 ? 96  ASP A N   1 
ATOM   529  C  CA  . ASP A 1 69  ? 16.272  1.394   -6.366  1.00 24.10 ? 96  ASP A CA  1 
ATOM   530  C  C   . ASP A 1 69  ? 14.830  0.885   -6.166  1.00 23.41 ? 96  ASP A C   1 
ATOM   531  O  O   . ASP A 1 69  ? 14.467  -0.140  -6.744  1.00 23.23 ? 96  ASP A O   1 
ATOM   532  C  CB  . ASP A 1 69  ? 17.272  0.285   -5.971  1.00 24.09 ? 96  ASP A CB  1 
ATOM   533  C  CG  . ASP A 1 69  ? 17.237  -0.060  -4.486  1.00 24.04 ? 96  ASP A CG  1 
ATOM   534  O  OD1 . ASP A 1 69  ? 16.753  0.761   -3.679  1.00 24.21 ? 96  ASP A OD1 1 
ATOM   535  O  OD2 . ASP A 1 69  ? 17.716  -1.154  -4.125  1.00 24.48 ? 96  ASP A OD2 1 
ATOM   536  N  N   . TYR A 1 70  ? 14.010  1.581   -5.371  1.00 22.84 ? 97  TYR A N   1 
ATOM   537  C  CA  . TYR A 1 70  ? 12.702  1.040   -4.973  1.00 22.14 ? 97  TYR A CA  1 
ATOM   538  C  C   . TYR A 1 70  ? 11.786  0.795   -6.169  1.00 22.13 ? 97  TYR A C   1 
ATOM   539  O  O   . TYR A 1 70  ? 11.296  -0.320  -6.355  1.00 21.74 ? 97  TYR A O   1 
ATOM   540  C  CB  . TYR A 1 70  ? 11.992  1.935   -3.946  1.00 21.80 ? 97  TYR A CB  1 
ATOM   541  C  CG  . TYR A 1 70  ? 10.733  1.286   -3.416  1.00 21.28 ? 97  TYR A CG  1 
ATOM   542  C  CD1 . TYR A 1 70  ? 10.799  0.282   -2.450  1.00 21.19 ? 97  TYR A CD1 1 
ATOM   543  C  CD2 . TYR A 1 70  ? 9.481   1.636   -3.915  1.00 21.15 ? 97  TYR A CD2 1 
ATOM   544  C  CE1 . TYR A 1 70  ? 9.652   -0.337  -1.976  1.00 20.99 ? 97  TYR A CE1 1 
ATOM   545  C  CE2 . TYR A 1 70  ? 8.325   1.022   -3.449  1.00 21.05 ? 97  TYR A CE2 1 
ATOM   546  C  CZ  . TYR A 1 70  ? 8.418   0.040   -2.480  1.00 21.00 ? 97  TYR A CZ  1 
ATOM   547  O  OH  . TYR A 1 70  ? 7.276   -0.564  -2.019  1.00 21.35 ? 97  TYR A OH  1 
ATOM   548  N  N   . TYR A 1 71  ? 11.582  1.832   -6.978  1.00 22.39 ? 98  TYR A N   1 
ATOM   549  C  CA  . TYR A 1 71  ? 10.720  1.741   -8.165  1.00 22.71 ? 98  TYR A CA  1 
ATOM   550  C  C   . TYR A 1 71  ? 11.406  1.127   -9.403  1.00 23.34 ? 98  TYR A C   1 
ATOM   551  O  O   . TYR A 1 71  ? 10.773  0.975   -10.453 1.00 23.28 ? 98  TYR A O   1 
ATOM   552  C  CB  . TYR A 1 71  ? 10.103  3.106   -8.480  1.00 22.52 ? 98  TYR A CB  1 
ATOM   553  C  CG  . TYR A 1 71  ? 9.173   3.595   -7.387  1.00 22.31 ? 98  TYR A CG  1 
ATOM   554  C  CD1 . TYR A 1 71  ? 7.909   3.031   -7.222  1.00 22.21 ? 98  TYR A CD1 1 
ATOM   555  C  CD2 . TYR A 1 71  ? 9.559   4.611   -6.508  1.00 22.24 ? 98  TYR A CD2 1 
ATOM   556  C  CE1 . TYR A 1 71  ? 7.049   3.472   -6.225  1.00 22.00 ? 98  TYR A CE1 1 
ATOM   557  C  CE2 . TYR A 1 71  ? 8.703   5.058   -5.506  1.00 22.01 ? 98  TYR A CE2 1 
ATOM   558  C  CZ  . TYR A 1 71  ? 7.447   4.483   -5.369  1.00 21.94 ? 98  TYR A CZ  1 
ATOM   559  O  OH  . TYR A 1 71  ? 6.580   4.907   -4.387  1.00 21.37 ? 98  TYR A OH  1 
ATOM   560  N  N   . LYS A 1 72  ? 12.691  0.786   -9.276  1.00 24.01 ? 99  LYS A N   1 
ATOM   561  C  CA  . LYS A 1 72  ? 13.368  -0.101  -10.229 1.00 24.52 ? 99  LYS A CA  1 
ATOM   562  C  C   . LYS A 1 72  ? 12.940  -1.557  -10.000 1.00 24.65 ? 99  LYS A C   1 
ATOM   563  O  O   . LYS A 1 72  ? 12.856  -2.337  -10.950 1.00 25.14 ? 99  LYS A O   1 
ATOM   564  C  CB  . LYS A 1 72  ? 14.891  -0.018  -10.084 1.00 25.00 ? 99  LYS A CB  1 
ATOM   565  C  CG  . LYS A 1 72  ? 15.508  1.367   -10.210 1.00 25.26 ? 99  LYS A CG  1 
ATOM   566  C  CD  . LYS A 1 72  ? 15.351  1.925   -11.605 1.00 25.61 ? 99  LYS A CD  1 
ATOM   567  C  CE  . LYS A 1 72  ? 16.126  3.222   -11.757 1.00 25.91 ? 99  LYS A CE  1 
ATOM   568  N  NZ  . LYS A 1 72  ? 15.769  3.905   -13.027 1.00 26.38 ? 99  LYS A NZ  1 
ATOM   569  N  N   . ILE A 1 73  ? 12.699  -1.913  -8.734  1.00 24.53 ? 100 ILE A N   1 
ATOM   570  C  CA  . ILE A 1 73  ? 12.326  -3.277  -8.328  1.00 24.38 ? 100 ILE A CA  1 
ATOM   571  C  C   . ILE A 1 73  ? 10.805  -3.441  -8.187  1.00 23.88 ? 100 ILE A C   1 
ATOM   572  O  O   . ILE A 1 73  ? 10.252  -4.443  -8.633  1.00 23.95 ? 100 ILE A O   1 
ATOM   573  C  CB  . ILE A 1 73  ? 13.037  -3.673  -7.002  1.00 24.66 ? 100 ILE A CB  1 
ATOM   574  C  CG1 . ILE A 1 73  ? 14.562  -3.658  -7.191  1.00 24.78 ? 100 ILE A CG1 1 
ATOM   575  C  CG2 . ILE A 1 73  ? 12.589  -5.052  -6.521  1.00 24.81 ? 100 ILE A CG2 1 
ATOM   576  C  CD1 . ILE A 1 73  ? 15.356  -3.768  -5.905  1.00 24.86 ? 100 ILE A CD1 1 
ATOM   577  N  N   . ILE A 1 74  ? 10.142  -2.472  -7.557  1.00 23.67 ? 101 ILE A N   1 
ATOM   578  C  CA  . ILE A 1 74  ? 8.693   -2.519  -7.325  1.00 23.57 ? 101 ILE A CA  1 
ATOM   579  C  C   . ILE A 1 74  ? 7.951   -1.766  -8.431  1.00 24.00 ? 101 ILE A C   1 
ATOM   580  O  O   . ILE A 1 74  ? 7.962   -0.535  -8.461  1.00 24.05 ? 101 ILE A O   1 
ATOM   581  C  CB  . ILE A 1 74  ? 8.335   -1.943  -5.934  1.00 23.14 ? 101 ILE A CB  1 
ATOM   582  C  CG1 . ILE A 1 74  ? 9.109   -2.683  -4.824  1.00 22.98 ? 101 ILE A CG1 1 
ATOM   583  C  CG2 . ILE A 1 74  ? 6.831   -2.000  -5.680  1.00 23.15 ? 101 ILE A CG2 1 
ATOM   584  C  CD1 . ILE A 1 74  ? 8.934   -4.189  -4.797  1.00 22.69 ? 101 ILE A CD1 1 
ATOM   585  N  N   . LYS A 1 75  ? 7.310   -2.522  -9.328  1.00 24.51 ? 102 LYS A N   1 
ATOM   586  C  CA  . LYS A 1 75  ? 6.578   -1.974  -10.481 1.00 25.20 ? 102 LYS A CA  1 
ATOM   587  C  C   . LYS A 1 75  ? 5.069   -1.835  -10.273 1.00 25.34 ? 102 LYS A C   1 
ATOM   588  O  O   . LYS A 1 75  ? 4.410   -1.170  -11.069 1.00 25.58 ? 102 LYS A O   1 
ATOM   589  C  CB  . LYS A 1 75  ? 6.822   -2.838  -11.727 1.00 25.66 ? 102 LYS A CB  1 
ATOM   590  C  CG  . LYS A 1 75  ? 8.285   -2.991  -12.128 1.00 26.13 ? 102 LYS A CG  1 
ATOM   591  C  CD  . LYS A 1 75  ? 8.993   -1.649  -12.240 1.00 26.48 ? 102 LYS A CD  1 
ATOM   592  C  CE  . LYS A 1 75  ? 10.247  -1.739  -13.090 1.00 26.83 ? 102 LYS A CE  1 
ATOM   593  N  NZ  . LYS A 1 75  ? 10.972  -0.440  -13.135 1.00 27.01 ? 102 LYS A NZ  1 
ATOM   594  N  N   . THR A 1 76  ? 4.522   -2.472  -9.236  1.00 25.63 ? 103 THR A N   1 
ATOM   595  C  CA  . THR A 1 76  ? 3.113   -2.311  -8.865  1.00 25.74 ? 103 THR A CA  1 
ATOM   596  C  C   . THR A 1 76  ? 3.021   -1.901  -7.388  1.00 24.88 ? 103 THR A C   1 
ATOM   597  O  O   . THR A 1 76  ? 2.619   -2.703  -6.546  1.00 24.59 ? 103 THR A O   1 
ATOM   598  C  CB  . THR A 1 76  ? 2.303   -3.599  -9.131  1.00 26.22 ? 103 THR A CB  1 
ATOM   599  O  OG1 . THR A 1 76  ? 2.888   -4.694  -8.420  1.00 28.12 ? 103 THR A OG1 1 
ATOM   600  C  CG2 . THR A 1 76  ? 2.290   -3.924  -10.610 1.00 26.58 ? 103 THR A CG2 1 
ATOM   601  N  N   . PRO A 1 77  ? 3.407   -0.646  -7.071  1.00 24.08 ? 104 PRO A N   1 
ATOM   602  C  CA  . PRO A 1 77  ? 3.409   -0.179  -5.678  1.00 23.47 ? 104 PRO A CA  1 
ATOM   603  C  C   . PRO A 1 77  ? 2.010   -0.027  -5.078  1.00 22.76 ? 104 PRO A C   1 
ATOM   604  O  O   . PRO A 1 77  ? 1.040   0.197   -5.802  1.00 22.55 ? 104 PRO A O   1 
ATOM   605  C  CB  . PRO A 1 77  ? 4.105   1.183   -5.769  1.00 23.76 ? 104 PRO A CB  1 
ATOM   606  C  CG  . PRO A 1 77  ? 3.813   1.652   -7.148  1.00 23.87 ? 104 PRO A CG  1 
ATOM   607  C  CD  . PRO A 1 77  ? 3.862   0.414   -7.993  1.00 24.08 ? 104 PRO A CD  1 
ATOM   608  N  N   . MET A 1 78  ? 1.915   -0.165  -3.760  1.00 22.27 ? 105 MET A N   1 
ATOM   609  C  CA  . MET A 1 78  ? 0.644   -0.006  -3.052  1.00 22.13 ? 105 MET A CA  1 
ATOM   610  C  C   . MET A 1 78  ? 0.896   0.279   -1.579  1.00 21.78 ? 105 MET A C   1 
ATOM   611  O  O   . MET A 1 78  ? 1.868   -0.211  -1.017  1.00 21.39 ? 105 MET A O   1 
ATOM   612  C  CB  . MET A 1 78  ? -0.224  -1.263  -3.212  1.00 22.12 ? 105 MET A CB  1 
ATOM   613  C  CG  . MET A 1 78  ? -1.631  -1.166  -2.628  1.00 22.12 ? 105 MET A CG  1 
ATOM   614  S  SD  . MET A 1 78  ? -2.595  0.264   -3.166  1.00 22.29 ? 105 MET A SD  1 
ATOM   615  C  CE  . MET A 1 78  ? -2.501  0.111   -4.948  1.00 22.41 ? 105 MET A CE  1 
ATOM   616  N  N   . ASP A 1 79  ? 0.014   1.073   -0.976  1.00 21.88 ? 106 ASP A N   1 
ATOM   617  C  CA  . ASP A 1 79  ? 0.130   1.480   0.426   1.00 21.98 ? 106 ASP A CA  1 
ATOM   618  C  C   . ASP A 1 79  ? -1.250  1.636   1.068   1.00 22.29 ? 106 ASP A C   1 
ATOM   619  O  O   . ASP A 1 79  ? -2.255  1.757   0.364   1.00 22.14 ? 106 ASP A O   1 
ATOM   620  C  CB  . ASP A 1 79  ? 0.904   2.795   0.520   1.00 21.89 ? 106 ASP A CB  1 
ATOM   621  C  CG  . ASP A 1 79  ? 0.175   3.943   -0.143  1.00 21.92 ? 106 ASP A CG  1 
ATOM   622  O  OD1 . ASP A 1 79  ? 0.191   4.030   -1.385  1.00 21.90 ? 106 ASP A OD1 1 
ATOM   623  O  OD2 . ASP A 1 79  ? -0.433  4.754   0.581   1.00 22.22 ? 106 ASP A OD2 1 
ATOM   624  N  N   . MET A 1 80  ? -1.290  1.647   2.400   1.00 22.93 ? 107 MET A N   1 
ATOM   625  C  CA  . MET A 1 80  ? -2.557  1.762   3.139   1.00 23.90 ? 107 MET A CA  1 
ATOM   626  C  C   . MET A 1 80  ? -3.251  3.109   2.967   1.00 23.29 ? 107 MET A C   1 
ATOM   627  O  O   . MET A 1 80  ? -4.474  3.183   3.084   1.00 23.51 ? 107 MET A O   1 
ATOM   628  C  CB  . MET A 1 80  ? -2.363  1.501   4.635   1.00 25.00 ? 107 MET A CB  1 
ATOM   629  C  CG  . MET A 1 80  ? -2.039  0.061   4.983   1.00 26.06 ? 107 MET A CG  1 
ATOM   630  S  SD  . MET A 1 80  ? -2.621  -0.363  6.633   1.00 27.74 ? 107 MET A SD  1 
ATOM   631  C  CE  . MET A 1 80  ? -1.406  0.490   7.628   1.00 27.43 ? 107 MET A CE  1 
ATOM   632  N  N   . GLY A 1 81  ? -2.478  4.168   2.729   1.00 23.02 ? 108 GLY A N   1 
ATOM   633  C  CA  . GLY A 1 81  ? -3.039  5.481   2.406   1.00 22.87 ? 108 GLY A CA  1 
ATOM   634  C  C   . GLY A 1 81  ? -3.861  5.456   1.130   1.00 22.56 ? 108 GLY A C   1 
ATOM   635  O  O   . GLY A 1 81  ? -4.945  6.033   1.073   1.00 22.68 ? 108 GLY A O   1 
ATOM   636  N  N   . THR A 1 82  ? -3.342  4.764   0.117   1.00 22.17 ? 109 THR A N   1 
ATOM   637  C  CA  . THR A 1 82  ? -4.038  4.568   -1.154  1.00 22.08 ? 109 THR A CA  1 
ATOM   638  C  C   . THR A 1 82  ? -5.287  3.698   -0.987  1.00 22.15 ? 109 THR A C   1 
ATOM   639  O  O   . THR A 1 82  ? -6.323  4.004   -1.563  1.00 22.51 ? 109 THR A O   1 
ATOM   640  C  CB  . THR A 1 82  ? -3.095  3.954   -2.211  1.00 21.94 ? 109 THR A CB  1 
ATOM   641  O  OG1 . THR A 1 82  ? -2.038  4.880   -2.490  1.00 21.61 ? 109 THR A OG1 1 
ATOM   642  C  CG2 . THR A 1 82  ? -3.827  3.645   -3.510  1.00 22.09 ? 109 THR A CG2 1 
ATOM   643  N  N   . ILE A 1 83  ? -5.185  2.627   -0.202  1.00 22.39 ? 110 ILE A N   1 
ATOM   644  C  CA  . ILE A 1 83  ? -6.328  1.745   0.069   1.00 22.78 ? 110 ILE A CA  1 
ATOM   645  C  C   . ILE A 1 83  ? -7.411  2.490   0.866   1.00 23.40 ? 110 ILE A C   1 
ATOM   646  O  O   . ILE A 1 83  ? -8.601  2.363   0.565   1.00 23.00 ? 110 ILE A O   1 
ATOM   647  C  CB  . ILE A 1 83  ? -5.898  0.447   0.804   1.00 22.67 ? 110 ILE A CB  1 
ATOM   648  C  CG1 . ILE A 1 83  ? -4.974  -0.400  -0.089  1.00 22.60 ? 110 ILE A CG1 1 
ATOM   649  C  CG2 . ILE A 1 83  ? -7.115  -0.385  1.210   1.00 22.56 ? 110 ILE A CG2 1 
ATOM   650  C  CD1 . ILE A 1 83  ? -4.108  -1.385  0.673   1.00 22.46 ? 110 ILE A CD1 1 
ATOM   651  N  N   . LYS A 1 84  ? -6.993  3.262   1.871   1.00 24.42 ? 111 LYS A N   1 
ATOM   652  C  CA  . LYS A 1 84  ? -7.908  4.097   2.664   1.00 25.08 ? 111 LYS A CA  1 
ATOM   653  C  C   . LYS A 1 84  ? -8.678  5.089   1.788   1.00 25.35 ? 111 LYS A C   1 
ATOM   654  O  O   . LYS A 1 84  ? -9.894  5.217   1.925   1.00 25.04 ? 111 LYS A O   1 
ATOM   655  C  CB  . LYS A 1 84  ? -7.139  4.862   3.745   1.00 25.68 ? 111 LYS A CB  1 
ATOM   656  C  CG  . LYS A 1 84  ? -8.003  5.651   4.718   1.00 26.28 ? 111 LYS A CG  1 
ATOM   657  C  CD  . LYS A 1 84  ? -7.149  6.533   5.613   1.00 27.16 ? 111 LYS A CD  1 
ATOM   658  C  CE  . LYS A 1 84  ? -7.997  7.274   6.636   1.00 27.90 ? 111 LYS A CE  1 
ATOM   659  N  NZ  . LYS A 1 84  ? -7.357  8.554   7.054   1.00 28.67 ? 111 LYS A NZ  1 
ATOM   660  N  N   . LYS A 1 85  ? -7.964  5.789   0.906   1.00 25.90 ? 112 LYS A N   1 
ATOM   661  C  CA  . LYS A 1 85  ? -8.590  6.736   -0.027  1.00 26.45 ? 112 LYS A CA  1 
ATOM   662  C  C   . LYS A 1 85  ? -9.538  6.021   -0.990  1.00 25.37 ? 112 LYS A C   1 
ATOM   663  O  O   . LYS A 1 85  ? -10.618 6.527   -1.282  1.00 25.35 ? 112 LYS A O   1 
ATOM   664  C  CB  . LYS A 1 85  ? -7.536  7.510   -0.829  1.00 27.98 ? 112 LYS A CB  1 
ATOM   665  C  CG  . LYS A 1 85  ? -6.636  8.426   -0.007  1.00 29.57 ? 112 LYS A CG  1 
ATOM   666  C  CD  . LYS A 1 85  ? -7.167  9.845   0.130   1.00 30.93 ? 112 LYS A CD  1 
ATOM   667  C  CE  . LYS A 1 85  ? -6.112  10.745  0.764   1.00 32.15 ? 112 LYS A CE  1 
ATOM   668  N  NZ  . LYS A 1 85  ? -6.620  12.105  1.112   1.00 32.91 ? 112 LYS A NZ  1 
ATOM   669  N  N   . ARG A 1 86  ? -9.128  4.850   -1.480  1.00 24.17 ? 113 ARG A N   1 
ATOM   670  C  CA  . ARG A 1 86  ? -9.975  4.028   -2.355  1.00 24.02 ? 113 ARG A CA  1 
ATOM   671  C  C   . ARG A 1 86  ? -11.275 3.583   -1.676  1.00 24.28 ? 113 ARG A C   1 
ATOM   672  O  O   . ARG A 1 86  ? -12.348 3.668   -2.274  1.00 23.79 ? 113 ARG A O   1 
ATOM   673  C  CB  . ARG A 1 86  ? -9.199  2.812   -2.885  1.00 23.33 ? 113 ARG A CB  1 
ATOM   674  C  CG  . ARG A 1 86  ? -8.241  3.169   -4.007  1.00 22.79 ? 113 ARG A CG  1 
ATOM   675  C  CD  . ARG A 1 86  ? -7.383  1.996   -4.449  1.00 22.15 ? 113 ARG A CD  1 
ATOM   676  N  NE  . ARG A 1 86  ? -6.540  2.369   -5.586  1.00 21.50 ? 113 ARG A NE  1 
ATOM   677  C  CZ  . ARG A 1 86  ? -5.904  1.522   -6.397  1.00 21.27 ? 113 ARG A CZ  1 
ATOM   678  N  NH1 . ARG A 1 86  ? -5.984  0.200   -6.233  1.00 20.96 ? 113 ARG A NH1 1 
ATOM   679  N  NH2 . ARG A 1 86  ? -5.175  2.007   -7.400  1.00 21.23 ? 113 ARG A NH2 1 
ATOM   680  N  N   . LEU A 1 87  ? -11.169 3.126   -0.428  1.00 25.06 ? 114 LEU A N   1 
ATOM   681  C  CA  . LEU A 1 87  ? -12.342 2.746   0.368   1.00 25.91 ? 114 LEU A CA  1 
ATOM   682  C  C   . LEU A 1 87  ? -13.261 3.936   0.661   1.00 26.67 ? 114 LEU A C   1 
ATOM   683  O  O   . LEU A 1 87  ? -14.478 3.831   0.498   1.00 26.48 ? 114 LEU A O   1 
ATOM   684  C  CB  . LEU A 1 87  ? -11.925 2.075   1.684   1.00 25.86 ? 114 LEU A CB  1 
ATOM   685  C  CG  . LEU A 1 87  ? -11.399 0.642   1.570   1.00 25.86 ? 114 LEU A CG  1 
ATOM   686  C  CD1 . LEU A 1 87  ? -10.704 0.218   2.854   1.00 25.76 ? 114 LEU A CD1 1 
ATOM   687  C  CD2 . LEU A 1 87  ? -12.521 -0.331  1.224   1.00 25.87 ? 114 LEU A CD2 1 
ATOM   688  N  N   . GLU A 1 88  ? -12.677 5.057   1.081   1.00 27.77 ? 115 GLU A N   1 
ATOM   689  C  CA  . GLU A 1 88  ? -13.447 6.290   1.335   1.00 28.82 ? 115 GLU A CA  1 
ATOM   690  C  C   . GLU A 1 88  ? -14.146 6.839   0.081   1.00 28.98 ? 115 GLU A C   1 
ATOM   691  O  O   . GLU A 1 88  ? -15.241 7.395   0.183   1.00 29.13 ? 115 GLU A O   1 
ATOM   692  C  CB  . GLU A 1 88  ? -12.556 7.365   1.967   1.00 29.42 ? 115 GLU A CB  1 
ATOM   693  C  CG  . GLU A 1 88  ? -12.146 7.037   3.399   1.00 30.34 ? 115 GLU A CG  1 
ATOM   694  C  CD  . GLU A 1 88  ? -11.146 8.018   3.990   1.00 31.28 ? 115 GLU A CD  1 
ATOM   695  O  OE1 . GLU A 1 88  ? -10.337 8.606   3.239   1.00 31.97 ? 115 GLU A OE1 1 
ATOM   696  O  OE2 . GLU A 1 88  ? -11.167 8.195   5.227   1.00 32.21 ? 115 GLU A OE2 1 
ATOM   697  N  N   . ASN A 1 89  ? -13.516 6.671   -1.085  1.00 28.82 ? 116 ASN A N   1 
ATOM   698  C  CA  . ASN A 1 89  ? -14.102 7.064   -2.377  1.00 29.11 ? 116 ASN A CA  1 
ATOM   699  C  C   . ASN A 1 89  ? -14.970 5.984   -3.055  1.00 28.74 ? 116 ASN A C   1 
ATOM   700  O  O   . ASN A 1 89  ? -15.417 6.184   -4.187  1.00 29.21 ? 116 ASN A O   1 
ATOM   701  C  CB  . ASN A 1 89  ? -12.992 7.498   -3.352  1.00 29.72 ? 116 ASN A CB  1 
ATOM   702  C  CG  . ASN A 1 89  ? -12.209 8.707   -2.866  1.00 30.34 ? 116 ASN A CG  1 
ATOM   703  O  OD1 . ASN A 1 89  ? -12.579 9.365   -1.892  1.00 31.41 ? 116 ASN A OD1 1 
ATOM   704  N  ND2 . ASN A 1 89  ? -11.111 9.006   -3.551  1.00 30.49 ? 116 ASN A ND2 1 
ATOM   705  N  N   . ASN A 1 90  ? -15.215 4.861   -2.373  1.00 28.06 ? 117 ASN A N   1 
ATOM   706  C  CA  . ASN A 1 90  ? -15.983 3.731   -2.925  1.00 27.99 ? 117 ASN A CA  1 
ATOM   707  C  C   . ASN A 1 90  ? -15.436 3.230   -4.270  1.00 26.65 ? 117 ASN A C   1 
ATOM   708  O  O   . ASN A 1 90  ? -16.195 2.900   -5.178  1.00 27.08 ? 117 ASN A O   1 
ATOM   709  C  CB  . ASN A 1 90  ? -17.473 4.087   -3.039  1.00 28.89 ? 117 ASN A CB  1 
ATOM   710  C  CG  . ASN A 1 90  ? -18.071 4.525   -1.714  1.00 30.09 ? 117 ASN A CG  1 
ATOM   711  O  OD1 . ASN A 1 90  ? -17.965 3.819   -0.711  1.00 31.08 ? 117 ASN A OD1 1 
ATOM   712  N  ND2 . ASN A 1 90  ? -18.710 5.689   -1.705  1.00 30.89 ? 117 ASN A ND2 1 
ATOM   713  N  N   . TYR A 1 91  ? -14.111 3.157   -4.365  1.00 24.85 ? 118 TYR A N   1 
ATOM   714  C  CA  . TYR A 1 91  ? -13.404 2.826   -5.610  1.00 23.61 ? 118 TYR A CA  1 
ATOM   715  C  C   . TYR A 1 91  ? -13.576 1.358   -6.044  1.00 22.92 ? 118 TYR A C   1 
ATOM   716  O  O   . TYR A 1 91  ? -13.495 1.055   -7.238  1.00 22.73 ? 118 TYR A O   1 
ATOM   717  C  CB  . TYR A 1 91  ? -11.917 3.185   -5.437  1.00 23.33 ? 118 TYR A CB  1 
ATOM   718  C  CG  . TYR A 1 91  ? -10.978 2.824   -6.571  1.00 23.31 ? 118 TYR A CG  1 
ATOM   719  C  CD1 . TYR A 1 91  ? -10.323 1.590   -6.591  1.00 23.31 ? 118 TYR A CD1 1 
ATOM   720  C  CD2 . TYR A 1 91  ? -10.701 3.730   -7.594  1.00 23.27 ? 118 TYR A CD2 1 
ATOM   721  C  CE1 . TYR A 1 91  ? -9.443  1.260   -7.612  1.00 23.53 ? 118 TYR A CE1 1 
ATOM   722  C  CE2 . TYR A 1 91  ? -9.823  3.409   -8.621  1.00 23.34 ? 118 TYR A CE2 1 
ATOM   723  C  CZ  . TYR A 1 91  ? -9.197  2.173   -8.625  1.00 23.62 ? 118 TYR A CZ  1 
ATOM   724  O  OH  . TYR A 1 91  ? -8.325  1.840   -9.633  1.00 23.94 ? 118 TYR A OH  1 
ATOM   725  N  N   . TYR A 1 92  ? -13.825 0.462   -5.085  1.00 22.26 ? 119 TYR A N   1 
ATOM   726  C  CA  . TYR A 1 92  ? -13.849 -0.983  -5.342  1.00 21.67 ? 119 TYR A CA  1 
ATOM   727  C  C   . TYR A 1 92  ? -15.218 -1.521  -5.766  1.00 21.46 ? 119 TYR A C   1 
ATOM   728  O  O   . TYR A 1 92  ? -16.262 -0.985  -5.384  1.00 21.21 ? 119 TYR A O   1 
ATOM   729  C  CB  . TYR A 1 92  ? -13.390 -1.748  -4.099  1.00 21.40 ? 119 TYR A CB  1 
ATOM   730  C  CG  . TYR A 1 92  ? -11.980 -1.425  -3.662  1.00 21.25 ? 119 TYR A CG  1 
ATOM   731  C  CD1 . TYR A 1 92  ? -10.885 -1.853  -4.415  1.00 21.04 ? 119 TYR A CD1 1 
ATOM   732  C  CD2 . TYR A 1 92  ? -11.732 -0.702  -2.494  1.00 20.89 ? 119 TYR A CD2 1 
ATOM   733  C  CE1 . TYR A 1 92  ? -9.586  -1.566  -4.019  1.00 20.86 ? 119 TYR A CE1 1 
ATOM   734  C  CE2 . TYR A 1 92  ? -10.438 -0.412  -2.090  1.00 20.71 ? 119 TYR A CE2 1 
ATOM   735  C  CZ  . TYR A 1 92  ? -9.368  -0.844  -2.853  1.00 20.65 ? 119 TYR A CZ  1 
ATOM   736  O  OH  . TYR A 1 92  ? -8.087  -0.556  -2.443  1.00 20.61 ? 119 TYR A OH  1 
ATOM   737  N  N   . TRP A 1 93  ? -15.181 -2.602  -6.542  1.00 21.21 ? 120 TRP A N   1 
ATOM   738  C  CA  . TRP A 1 93  ? -16.369 -3.370  -6.925  1.00 21.34 ? 120 TRP A CA  1 
ATOM   739  C  C   . TRP A 1 93  ? -16.716 -4.440  -5.876  1.00 21.60 ? 120 TRP A C   1 
ATOM   740  O  O   . TRP A 1 93  ? -17.893 -4.661  -5.575  1.00 21.93 ? 120 TRP A O   1 
ATOM   741  C  CB  . TRP A 1 93  ? -16.149 -4.032  -8.292  1.00 21.21 ? 120 TRP A CB  1 
ATOM   742  C  CG  . TRP A 1 93  ? -17.278 -4.921  -8.726  1.00 20.91 ? 120 TRP A CG  1 
ATOM   743  C  CD1 . TRP A 1 93  ? -17.339 -6.280  -8.617  1.00 20.74 ? 120 TRP A CD1 1 
ATOM   744  C  CD2 . TRP A 1 93  ? -18.506 -4.512  -9.327  1.00 20.89 ? 120 TRP A CD2 1 
ATOM   745  N  NE1 . TRP A 1 93  ? -18.528 -6.743  -9.119  1.00 20.59 ? 120 TRP A NE1 1 
ATOM   746  C  CE2 . TRP A 1 93  ? -19.265 -5.679  -9.563  1.00 20.77 ? 120 TRP A CE2 1 
ATOM   747  C  CE3 . TRP A 1 93  ? -19.039 -3.269  -9.702  1.00 20.94 ? 120 TRP A CE3 1 
ATOM   748  C  CZ2 . TRP A 1 93  ? -20.536 -5.642  -10.151 1.00 20.88 ? 120 TRP A CZ2 1 
ATOM   749  C  CZ3 . TRP A 1 93  ? -20.305 -3.232  -10.285 1.00 20.87 ? 120 TRP A CZ3 1 
ATOM   750  C  CH2 . TRP A 1 93  ? -21.037 -4.414  -10.505 1.00 20.81 ? 120 TRP A CH2 1 
ATOM   751  N  N   . ASN A 1 94  ? -15.695 -5.122  -5.355  1.00 21.70 ? 121 ASN A N   1 
ATOM   752  C  CA  . ASN A 1 94  ? -15.874 -6.125  -4.299  1.00 22.18 ? 121 ASN A CA  1 
ATOM   753  C  C   . ASN A 1 94  ? -14.708 -6.133  -3.307  1.00 22.46 ? 121 ASN A C   1 
ATOM   754  O  O   . ASN A 1 94  ? -13.734 -5.398  -3.481  1.00 22.70 ? 121 ASN A O   1 
ATOM   755  C  CB  . ASN A 1 94  ? -16.104 -7.523  -4.913  1.00 22.15 ? 121 ASN A CB  1 
ATOM   756  C  CG  . ASN A 1 94  ? -14.939 -8.011  -5.767  1.00 22.28 ? 121 ASN A CG  1 
ATOM   757  O  OD1 . ASN A 1 94  ? -13.824 -7.498  -5.695  1.00 22.42 ? 121 ASN A OD1 1 
ATOM   758  N  ND2 . ASN A 1 94  ? -15.200 -9.028  -6.573  1.00 22.56 ? 121 ASN A ND2 1 
ATOM   759  N  N   . ALA A 1 95  ? -14.821 -6.961  -2.272  1.00 23.14 ? 122 ALA A N   1 
ATOM   760  C  CA  . ALA A 1 95  ? -13.771 -7.116  -1.258  1.00 23.69 ? 122 ALA A CA  1 
ATOM   761  C  C   . ALA A 1 95  ? -12.453 -7.675  -1.812  1.00 24.05 ? 122 ALA A C   1 
ATOM   762  O  O   . ALA A 1 95  ? -11.385 -7.331  -1.310  1.00 24.01 ? 122 ALA A O   1 
ATOM   763  C  CB  . ALA A 1 95  ? -14.270 -7.997  -0.120  1.00 23.90 ? 122 ALA A CB  1 
ATOM   764  N  N   . GLN A 1 96  ? -12.538 -8.531  -2.832  1.00 24.87 ? 123 GLN A N   1 
ATOM   765  C  CA  . GLN A 1 96  ? -11.361 -9.167  -3.450  1.00 25.41 ? 123 GLN A CA  1 
ATOM   766  C  C   . GLN A 1 96  ? -10.364 -8.156  -4.017  1.00 24.77 ? 123 GLN A C   1 
ATOM   767  O  O   . GLN A 1 96  ? -9.156  -8.328  -3.854  1.00 24.48 ? 123 GLN A O   1 
ATOM   768  C  CB  . GLN A 1 96  ? -11.800 -10.152 -4.549  1.00 26.43 ? 123 GLN A CB  1 
ATOM   769  C  CG  . GLN A 1 96  ? -10.685 -11.021 -5.137  1.00 27.88 ? 123 GLN A CG  1 
ATOM   770  C  CD  . GLN A 1 96  ? -9.954  -10.393 -6.326  1.00 29.34 ? 123 GLN A CD  1 
ATOM   771  O  OE1 . GLN A 1 96  ? -10.558 -9.733  -7.175  1.00 30.91 ? 123 GLN A OE1 1 
ATOM   772  N  NE2 . GLN A 1 96  ? -8.644  -10.611 -6.392  1.00 30.51 ? 123 GLN A NE2 1 
ATOM   773  N  N   . GLU A 1 97  ? -10.875 -7.119  -4.683  1.00 24.33 ? 124 GLU A N   1 
ATOM   774  C  CA  . GLU A 1 97  ? -10.035 -6.046  -5.228  1.00 24.16 ? 124 GLU A CA  1 
ATOM   775  C  C   . GLU A 1 97  ? -9.272  -5.303  -4.126  1.00 23.58 ? 124 GLU A C   1 
ATOM   776  O  O   . GLU A 1 97  ? -8.090  -4.988  -4.293  1.00 22.81 ? 124 GLU A O   1 
ATOM   777  C  CB  . GLU A 1 97  ? -10.874 -5.037  -6.023  1.00 24.98 ? 124 GLU A CB  1 
ATOM   778  C  CG  . GLU A 1 97  ? -11.474 -5.562  -7.321  1.00 25.33 ? 124 GLU A CG  1 
ATOM   779  C  CD  . GLU A 1 97  ? -12.241 -4.497  -8.097  1.00 26.02 ? 124 GLU A CD  1 
ATOM   780  O  OE1 . GLU A 1 97  ? -12.529 -3.414  -7.535  1.00 26.10 ? 124 GLU A OE1 1 
ATOM   781  O  OE2 . GLU A 1 97  ? -12.563 -4.742  -9.281  1.00 26.61 ? 124 GLU A OE2 1 
ATOM   782  N  N   . CYS A 1 98  ? -9.954  -5.016  -3.015  1.00 23.23 ? 125 CYS A N   1 
ATOM   783  C  CA  . CYS A 1 98  ? -9.325  -4.361  -1.864  1.00 23.30 ? 125 CYS A CA  1 
ATOM   784  C  C   . CYS A 1 98  ? -8.305  -5.262  -1.187  1.00 23.18 ? 125 CYS A C   1 
ATOM   785  O  O   . CYS A 1 98  ? -7.205  -4.821  -0.871  1.00 22.79 ? 125 CYS A O   1 
ATOM   786  C  CB  . CYS A 1 98  ? -10.368 -3.923  -0.837  1.00 23.52 ? 125 CYS A CB  1 
ATOM   787  S  SG  . CYS A 1 98  ? -9.644  -3.174  0.643   1.00 24.13 ? 125 CYS A SG  1 
ATOM   788  N  N   . ILE A 1 99  ? -8.682  -6.519  -0.969  1.00 23.36 ? 126 ILE A N   1 
ATOM   789  C  CA  . ILE A 1 99  ? -7.797  -7.504  -0.342  1.00 23.63 ? 126 ILE A CA  1 
ATOM   790  C  C   . ILE A 1 99  ? -6.545  -7.742  -1.195  1.00 23.82 ? 126 ILE A C   1 
ATOM   791  O  O   . ILE A 1 99  ? -5.453  -7.927  -0.652  1.00 23.80 ? 126 ILE A O   1 
ATOM   792  C  CB  . ILE A 1 99  ? -8.550  -8.828  -0.042  1.00 23.83 ? 126 ILE A CB  1 
ATOM   793  C  CG1 . ILE A 1 99  ? -9.575  -8.597  1.079   1.00 23.83 ? 126 ILE A CG1 1 
ATOM   794  C  CG2 . ILE A 1 99  ? -7.588  -9.948  0.361   1.00 23.66 ? 126 ILE A CG2 1 
ATOM   795  C  CD1 . ILE A 1 99  ? -10.663 -9.645  1.165   1.00 23.95 ? 126 ILE A CD1 1 
ATOM   796  N  N   . GLN A 1 100 ? -6.706  -7.726  -2.518  1.00 24.24 ? 127 GLN A N   1 
ATOM   797  C  CA  . GLN A 1 100 ? -5.578  -7.871  -3.440  1.00 24.57 ? 127 GLN A CA  1 
ATOM   798  C  C   . GLN A 1 100 ? -4.590  -6.704  -3.333  1.00 23.55 ? 127 GLN A C   1 
ATOM   799  O  O   . GLN A 1 100 ? -3.382  -6.912  -3.463  1.00 23.02 ? 127 GLN A O   1 
ATOM   800  C  CB  . GLN A 1 100 ? -6.075  -8.033  -4.880  1.00 26.29 ? 127 GLN A CB  1 
ATOM   801  C  CG  . GLN A 1 100 ? -4.986  -8.412  -5.878  1.00 28.15 ? 127 GLN A CG  1 
ATOM   802  C  CD  . GLN A 1 100 ? -5.521  -9.100  -7.131  1.00 30.24 ? 127 GLN A CD  1 
ATOM   803  O  OE1 . GLN A 1 100 ? -6.709  -8.997  -7.462  1.00 32.12 ? 127 GLN A OE1 1 
ATOM   804  N  NE2 . GLN A 1 100 ? -4.639  -9.807  -7.840  1.00 31.11 ? 127 GLN A NE2 1 
ATOM   805  N  N   . ASP A 1 101 ? -5.101  -5.491  -3.094  1.00 22.53 ? 128 ASP A N   1 
ATOM   806  C  CA  . ASP A 1 101 ? -4.246  -4.326  -2.812  1.00 22.07 ? 128 ASP A CA  1 
ATOM   807  C  C   . ASP A 1 101 ? -3.442  -4.508  -1.519  1.00 21.88 ? 128 ASP A C   1 
ATOM   808  O  O   . ASP A 1 101 ? -2.249  -4.190  -1.486  1.00 21.22 ? 128 ASP A O   1 
ATOM   809  C  CB  . ASP A 1 101 ? -5.057  -3.016  -2.749  1.00 21.77 ? 128 ASP A CB  1 
ATOM   810  C  CG  . ASP A 1 101 ? -5.476  -2.496  -4.131  1.00 21.76 ? 128 ASP A CG  1 
ATOM   811  O  OD1 . ASP A 1 101 ? -4.944  -2.952  -5.164  1.00 21.59 ? 128 ASP A OD1 1 
ATOM   812  O  OD2 . ASP A 1 101 ? -6.342  -1.597  -4.178  1.00 21.20 ? 128 ASP A OD2 1 
ATOM   813  N  N   . PHE A 1 102 ? -4.090  -5.015  -0.468  1.00 21.98 ? 129 PHE A N   1 
ATOM   814  C  CA  . PHE A 1 102 ? -3.384  -5.370  0.776   1.00 22.12 ? 129 PHE A CA  1 
ATOM   815  C  C   . PHE A 1 102 ? -2.280  -6.397  0.513   1.00 22.25 ? 129 PHE A C   1 
ATOM   816  O  O   . PHE A 1 102 ? -1.148  -6.217  0.958   1.00 22.34 ? 129 PHE A O   1 
ATOM   817  C  CB  . PHE A 1 102 ? -4.349  -5.906  1.847   1.00 22.25 ? 129 PHE A CB  1 
ATOM   818  C  CG  . PHE A 1 102 ? -5.019  -4.832  2.662   1.00 22.28 ? 129 PHE A CG  1 
ATOM   819  C  CD1 . PHE A 1 102 ? -4.327  -4.187  3.683   1.00 22.39 ? 129 PHE A CD1 1 
ATOM   820  C  CD2 . PHE A 1 102 ? -6.344  -4.481  2.430   1.00 22.40 ? 129 PHE A CD2 1 
ATOM   821  C  CE1 . PHE A 1 102 ? -4.940  -3.204  4.449   1.00 22.47 ? 129 PHE A CE1 1 
ATOM   822  C  CE2 . PHE A 1 102 ? -6.964  -3.499  3.192   1.00 22.57 ? 129 PHE A CE2 1 
ATOM   823  C  CZ  . PHE A 1 102 ? -6.260  -2.858  4.200   1.00 22.56 ? 129 PHE A CZ  1 
ATOM   824  N  N   . ASN A 1 103 ? -2.617  -7.456  -0.222  1.00 22.33 ? 130 ASN A N   1 
ATOM   825  C  CA  . ASN A 1 103 ? -1.651  -8.503  -0.596  1.00 22.72 ? 130 ASN A CA  1 
ATOM   826  C  C   . ASN A 1 103 ? -0.455  -7.952  -1.375  1.00 22.11 ? 130 ASN A C   1 
ATOM   827  O  O   . ASN A 1 103 ? 0.686   -8.339  -1.116  1.00 22.04 ? 130 ASN A O   1 
ATOM   828  C  CB  . ASN A 1 103 ? -2.324  -9.601  -1.433  1.00 23.33 ? 130 ASN A CB  1 
ATOM   829  C  CG  . ASN A 1 103 ? -3.373  -10.385 -0.658  1.00 24.27 ? 130 ASN A CG  1 
ATOM   830  O  OD1 . ASN A 1 103 ? -3.328  -10.473 0.571   1.00 24.74 ? 130 ASN A OD1 1 
ATOM   831  N  ND2 . ASN A 1 103 ? -4.323  -10.974 -1.384  1.00 25.09 ? 130 ASN A ND2 1 
ATOM   832  N  N   . THR A 1 104 ? -0.736  -7.058  -2.324  1.00 21.45 ? 131 THR A N   1 
ATOM   833  C  CA  . THR A 1 104 ? 0.297   -6.378  -3.111  1.00 21.18 ? 131 THR A CA  1 
ATOM   834  C  C   . THR A 1 104 ? 1.242   -5.560  -2.223  1.00 20.74 ? 131 THR A C   1 
ATOM   835  O  O   . THR A 1 104 ? 2.454   -5.629  -2.395  1.00 20.18 ? 131 THR A O   1 
ATOM   836  C  CB  . THR A 1 104 ? -0.330  -5.460  -4.190  1.00 21.17 ? 131 THR A CB  1 
ATOM   837  O  OG1 . THR A 1 104 ? -1.147  -6.244  -5.067  1.00 21.28 ? 131 THR A OG1 1 
ATOM   838  C  CG2 . THR A 1 104 ? 0.744   -4.746  -5.016  1.00 21.08 ? 131 THR A CG2 1 
ATOM   839  N  N   . MET A 1 105 ? 0.680   -4.807  -1.275  1.00 20.69 ? 132 MET A N   1 
ATOM   840  C  CA  . MET A 1 105 ? 1.470   -4.008  -0.331  1.00 20.81 ? 132 MET A CA  1 
ATOM   841  C  C   . MET A 1 105 ? 2.465   -4.869  0.453   1.00 21.07 ? 132 MET A C   1 
ATOM   842  O  O   . MET A 1 105 ? 3.653   -4.549  0.503   1.00 20.87 ? 132 MET A O   1 
ATOM   843  C  CB  . MET A 1 105 ? 0.546   -3.261  0.641   1.00 20.65 ? 132 MET A CB  1 
ATOM   844  C  CG  . MET A 1 105 ? 1.260   -2.350  1.627   1.00 20.72 ? 132 MET A CG  1 
ATOM   845  S  SD  . MET A 1 105 ? 0.119   -1.599  2.797   1.00 21.10 ? 132 MET A SD  1 
ATOM   846  C  CE  . MET A 1 105 ? -0.223  -2.988  3.872   1.00 20.92 ? 132 MET A CE  1 
ATOM   847  N  N   . PHE A 1 106 ? 1.973   -5.956  1.047   1.00 21.62 ? 133 PHE A N   1 
ATOM   848  C  CA  . PHE A 1 106 ? 2.811   -6.872  1.830   1.00 21.93 ? 133 PHE A CA  1 
ATOM   849  C  C   . PHE A 1 106 ? 3.847   -7.586  0.953   1.00 22.21 ? 133 PHE A C   1 
ATOM   850  O  O   . PHE A 1 106 ? 5.020   -7.663  1.319   1.00 22.13 ? 133 PHE A O   1 
ATOM   851  C  CB  . PHE A 1 106 ? 1.959   -7.915  2.569   1.00 22.04 ? 133 PHE A CB  1 
ATOM   852  C  CG  . PHE A 1 106 ? 1.042   -7.334  3.613   1.00 22.19 ? 133 PHE A CG  1 
ATOM   853  C  CD1 . PHE A 1 106 ? 1.549   -6.572  4.661   1.00 22.43 ? 133 PHE A CD1 1 
ATOM   854  C  CD2 . PHE A 1 106 ? -0.333  -7.569  3.564   1.00 22.31 ? 133 PHE A CD2 1 
ATOM   855  C  CE1 . PHE A 1 106 ? 0.703   -6.036  5.626   1.00 22.45 ? 133 PHE A CE1 1 
ATOM   856  C  CE2 . PHE A 1 106 ? -1.182  -7.037  4.527   1.00 22.32 ? 133 PHE A CE2 1 
ATOM   857  C  CZ  . PHE A 1 106 ? -0.663  -6.270  5.559   1.00 22.27 ? 133 PHE A CZ  1 
ATOM   858  N  N   . THR A 1 107 ? 3.404   -8.095  -0.195  1.00 22.43 ? 134 THR A N   1 
ATOM   859  C  CA  . THR A 1 107 ? 4.289   -8.765  -1.162  1.00 22.77 ? 134 THR A CA  1 
ATOM   860  C  C   . THR A 1 107 ? 5.435   -7.859  -1.640  1.00 22.79 ? 134 THR A C   1 
ATOM   861  O  O   . THR A 1 107 ? 6.578   -8.321  -1.741  1.00 23.02 ? 134 THR A O   1 
ATOM   862  C  CB  . THR A 1 107 ? 3.485   -9.306  -2.371  1.00 23.03 ? 134 THR A CB  1 
ATOM   863  O  OG1 . THR A 1 107 ? 2.581   -10.325 -1.922  1.00 23.23 ? 134 THR A OG1 1 
ATOM   864  C  CG2 . THR A 1 107 ? 4.399   -9.899  -3.449  1.00 23.44 ? 134 THR A CG2 1 
ATOM   865  N  N   . ASN A 1 108 ? 5.135   -6.589  -1.922  1.00 22.35 ? 135 ASN A N   1 
ATOM   866  C  CA  . ASN A 1 108 ? 6.170   -5.605  -2.301  1.00 22.32 ? 135 ASN A CA  1 
ATOM   867  C  C   . ASN A 1 108 ? 7.257   -5.462  -1.243  1.00 22.57 ? 135 ASN A C   1 
ATOM   868  O  O   . ASN A 1 108 ? 8.440   -5.384  -1.571  1.00 22.53 ? 135 ASN A O   1 
ATOM   869  C  CB  . ASN A 1 108 ? 5.568   -4.216  -2.549  1.00 21.92 ? 135 ASN A CB  1 
ATOM   870  C  CG  . ASN A 1 108 ? 4.757   -4.133  -3.829  1.00 21.72 ? 135 ASN A CG  1 
ATOM   871  O  OD1 . ASN A 1 108 ? 4.866   -4.976  -4.722  1.00 21.74 ? 135 ASN A OD1 1 
ATOM   872  N  ND2 . ASN A 1 108 ? 3.932   -3.104  -3.919  1.00 21.44 ? 135 ASN A ND2 1 
ATOM   873  N  N   . CYS A 1 109 ? 6.836   -5.415  0.020   1.00 22.83 ? 136 CYS A N   1 
ATOM   874  C  CA  . CYS A 1 109 ? 7.753   -5.306  1.157   1.00 23.14 ? 136 CYS A CA  1 
ATOM   875  C  C   . CYS A 1 109 ? 8.666   -6.528  1.281   1.00 22.89 ? 136 CYS A C   1 
ATOM   876  O  O   . CYS A 1 109 ? 9.859   -6.381  1.540   1.00 22.29 ? 136 CYS A O   1 
ATOM   877  C  CB  . CYS A 1 109 ? 6.967   -5.101  2.456   1.00 23.31 ? 136 CYS A CB  1 
ATOM   878  S  SG  . CYS A 1 109 ? 7.999   -4.661  3.865   1.00 24.17 ? 136 CYS A SG  1 
ATOM   879  N  N   . TYR A 1 110 ? 8.104   -7.719  1.073   1.00 23.08 ? 137 TYR A N   1 
ATOM   880  C  CA  . TYR A 1 110 ? 8.875   -8.968  1.143   1.00 23.26 ? 137 TYR A CA  1 
ATOM   881  C  C   . TYR A 1 110 ? 9.796   -9.166  -0.068  1.00 23.47 ? 137 TYR A C   1 
ATOM   882  O  O   . TYR A 1 110 ? 10.863  -9.756  0.072   1.00 23.79 ? 137 TYR A O   1 
ATOM   883  C  CB  . TYR A 1 110 ? 7.951   -10.184 1.315   1.00 23.23 ? 137 TYR A CB  1 
ATOM   884  C  CG  . TYR A 1 110 ? 6.989   -10.093 2.492   1.00 23.13 ? 137 TYR A CG  1 
ATOM   885  C  CD1 . TYR A 1 110 ? 7.416   -9.639  3.745   1.00 23.28 ? 137 TYR A CD1 1 
ATOM   886  C  CD2 . TYR A 1 110 ? 5.652   -10.477 2.358   1.00 23.15 ? 137 TYR A CD2 1 
ATOM   887  C  CE1 . TYR A 1 110 ? 6.540   -9.557  4.818   1.00 23.41 ? 137 TYR A CE1 1 
ATOM   888  C  CE2 . TYR A 1 110 ? 4.769   -10.396 3.428   1.00 23.38 ? 137 TYR A CE2 1 
ATOM   889  C  CZ  . TYR A 1 110 ? 5.218   -9.939  4.656   1.00 23.44 ? 137 TYR A CZ  1 
ATOM   890  O  OH  . TYR A 1 110 ? 4.352   -9.859  5.721   1.00 23.64 ? 137 TYR A OH  1 
ATOM   891  N  N   . ILE A 1 111 ? 9.384   -8.680  -1.241  1.00 23.79 ? 138 ILE A N   1 
ATOM   892  C  CA  . ILE A 1 111 ? 10.239  -8.692  -2.444  1.00 24.28 ? 138 ILE A CA  1 
ATOM   893  C  C   . ILE A 1 111 ? 11.449  -7.763  -2.293  1.00 24.65 ? 138 ILE A C   1 
ATOM   894  O  O   . ILE A 1 111 ? 12.581  -8.176  -2.550  1.00 24.85 ? 138 ILE A O   1 
ATOM   895  C  CB  . ILE A 1 111 ? 9.443   -8.311  -3.725  1.00 24.32 ? 138 ILE A CB  1 
ATOM   896  C  CG1 . ILE A 1 111 ? 8.502   -9.454  -4.119  1.00 24.39 ? 138 ILE A CG1 1 
ATOM   897  C  CG2 . ILE A 1 111 ? 10.380  -7.983  -4.894  1.00 24.37 ? 138 ILE A CG2 1 
ATOM   898  C  CD1 . ILE A 1 111 ? 7.400   -9.048  -5.078  1.00 24.58 ? 138 ILE A CD1 1 
ATOM   899  N  N   . TYR A 1 112 ? 11.199  -6.516  -1.893  1.00 24.85 ? 139 TYR A N   1 
ATOM   900  C  CA  . TYR A 1 112 ? 12.242  -5.486  -1.825  1.00 25.09 ? 139 TYR A CA  1 
ATOM   901  C  C   . TYR A 1 112 ? 13.267  -5.736  -0.707  1.00 25.46 ? 139 TYR A C   1 
ATOM   902  O  O   . TYR A 1 112 ? 14.461  -5.488  -0.890  1.00 25.15 ? 139 TYR A O   1 
ATOM   903  C  CB  . TYR A 1 112 ? 11.610  -4.093  -1.668  1.00 24.87 ? 139 TYR A CB  1 
ATOM   904  C  CG  . TYR A 1 112 ? 12.619  -2.962  -1.624  1.00 25.07 ? 139 TYR A CG  1 
ATOM   905  C  CD1 . TYR A 1 112 ? 13.338  -2.598  -2.762  1.00 25.03 ? 139 TYR A CD1 1 
ATOM   906  C  CD2 . TYR A 1 112 ? 12.864  -2.260  -0.441  1.00 25.50 ? 139 TYR A CD2 1 
ATOM   907  C  CE1 . TYR A 1 112 ? 14.269  -1.569  -2.724  1.00 25.23 ? 139 TYR A CE1 1 
ATOM   908  C  CE2 . TYR A 1 112 ? 13.791  -1.229  -0.393  1.00 25.44 ? 139 TYR A CE2 1 
ATOM   909  C  CZ  . TYR A 1 112 ? 14.491  -0.887  -1.536  1.00 25.51 ? 139 TYR A CZ  1 
ATOM   910  O  OH  . TYR A 1 112 ? 15.414  0.133   -1.486  1.00 25.66 ? 139 TYR A OH  1 
ATOM   911  N  N   . ASN A 1 113 ? 12.791  -6.233  0.433   1.00 26.24 ? 140 ASN A N   1 
ATOM   912  C  CA  . ASN A 1 113 ? 13.603  -6.405  1.637   1.00 26.86 ? 140 ASN A CA  1 
ATOM   913  C  C   . ASN A 1 113 ? 13.909  -7.867  1.937   1.00 27.74 ? 140 ASN A C   1 
ATOM   914  O  O   . ASN A 1 113 ? 13.385  -8.765  1.279   1.00 28.12 ? 140 ASN A O   1 
ATOM   915  C  CB  . ASN A 1 113 ? 12.865  -5.781  2.817   1.00 26.83 ? 140 ASN A CB  1 
ATOM   916  C  CG  . ASN A 1 113 ? 12.529  -4.323  2.576   1.00 26.64 ? 140 ASN A CG  1 
ATOM   917  O  OD1 . ASN A 1 113 ? 13.419  -3.481  2.565   1.00 26.49 ? 140 ASN A OD1 1 
ATOM   918  N  ND2 . ASN A 1 113 ? 11.249  -4.021  2.370   1.00 26.68 ? 140 ASN A ND2 1 
ATOM   919  N  N   . LYS A 1 114 ? 14.760  -8.090  2.937   1.00 28.93 ? 141 LYS A N   1 
ATOM   920  C  CA  . LYS A 1 114 ? 15.182  -9.433  3.338   1.00 30.14 ? 141 LYS A CA  1 
ATOM   921  C  C   . LYS A 1 114 ? 14.593  -9.835  4.694   1.00 30.09 ? 141 LYS A C   1 
ATOM   922  O  O   . LYS A 1 114 ? 14.223  -8.958  5.482   1.00 29.72 ? 141 LYS A O   1 
ATOM   923  C  CB  . LYS A 1 114 ? 16.707  -9.498  3.399   1.00 31.50 ? 141 LYS A CB  1 
ATOM   924  C  CG  . LYS A 1 114 ? 17.377  -9.032  2.112   1.00 32.72 ? 141 LYS A CG  1 
ATOM   925  C  CD  . LYS A 1 114 ? 18.688  -9.754  1.842   1.00 33.84 ? 141 LYS A CD  1 
ATOM   926  C  CE  . LYS A 1 114 ? 19.085  -9.643  0.379   1.00 34.59 ? 141 LYS A CE  1 
ATOM   927  N  NZ  . LYS A 1 114 ? 20.253  -10.513 0.071   1.00 35.43 ? 141 LYS A NZ  1 
ATOM   928  N  N   . PRO A 1 115 ? 14.508  -11.158 4.974   1.00 30.33 ? 142 PRO A N   1 
ATOM   929  C  CA  . PRO A 1 115 ? 14.072  -11.632 6.298   1.00 30.32 ? 142 PRO A CA  1 
ATOM   930  C  C   . PRO A 1 115 ? 14.954  -11.104 7.428   1.00 30.18 ? 142 PRO A C   1 
ATOM   931  O  O   . PRO A 1 115 ? 16.181  -11.090 7.294   1.00 30.36 ? 142 PRO A O   1 
ATOM   932  C  CB  . PRO A 1 115 ? 14.206  -13.158 6.198   1.00 30.65 ? 142 PRO A CB  1 
ATOM   933  C  CG  . PRO A 1 115 ? 14.142  -13.455 4.745   1.00 30.77 ? 142 PRO A CG  1 
ATOM   934  C  CD  . PRO A 1 115 ? 14.789  -12.289 4.064   1.00 30.63 ? 142 PRO A CD  1 
ATOM   935  N  N   . GLY A 1 116 ? 14.328  -10.663 8.516   1.00 29.80 ? 143 GLY A N   1 
ATOM   936  C  CA  . GLY A 1 116 ? 15.047  -10.079 9.646   1.00 29.64 ? 143 GLY A CA  1 
ATOM   937  C  C   . GLY A 1 116 ? 15.082  -8.562  9.657   1.00 28.94 ? 143 GLY A C   1 
ATOM   938  O  O   . GLY A 1 116 ? 15.260  -7.965  10.719  1.00 29.66 ? 143 GLY A O   1 
ATOM   939  N  N   . ASP A 1 117 ? 14.927  -7.933  8.488   1.00 28.38 ? 144 ASP A N   1 
ATOM   940  C  CA  . ASP A 1 117 ? 14.848  -6.472  8.395   1.00 27.74 ? 144 ASP A CA  1 
ATOM   941  C  C   . ASP A 1 117 ? 13.645  -5.969  9.179   1.00 26.98 ? 144 ASP A C   1 
ATOM   942  O  O   . ASP A 1 117 ? 12.584  -6.592  9.151   1.00 27.00 ? 144 ASP A O   1 
ATOM   943  C  CB  . ASP A 1 117 ? 14.711  -6.013  6.936   1.00 28.18 ? 144 ASP A CB  1 
ATOM   944  C  CG  . ASP A 1 117 ? 15.957  -6.278  6.106   1.00 28.65 ? 144 ASP A CG  1 
ATOM   945  O  OD1 . ASP A 1 117 ? 17.015  -6.620  6.672   1.00 29.11 ? 144 ASP A OD1 1 
ATOM   946  O  OD2 . ASP A 1 117 ? 15.871  -6.134  4.869   1.00 29.40 ? 144 ASP A OD2 1 
ATOM   947  N  N   . ASP A 1 118 ? 13.815  -4.841  9.865   1.00 26.26 ? 145 ASP A N   1 
ATOM   948  C  CA  . ASP A 1 118 ? 12.754  -4.259  10.695  1.00 26.04 ? 145 ASP A CA  1 
ATOM   949  C  C   . ASP A 1 118 ? 11.455  -4.029  9.926   1.00 25.55 ? 145 ASP A C   1 
ATOM   950  O  O   . ASP A 1 118 ? 10.378  -4.336  10.433  1.00 25.88 ? 145 ASP A O   1 
ATOM   951  C  CB  . ASP A 1 118 ? 13.213  -2.938  11.326  1.00 26.00 ? 145 ASP A CB  1 
ATOM   952  C  CG  . ASP A 1 118 ? 14.199  -3.137  12.463  1.00 26.34 ? 145 ASP A CG  1 
ATOM   953  O  OD1 . ASP A 1 118 ? 14.179  -4.201  13.122  1.00 26.52 ? 145 ASP A OD1 1 
ATOM   954  O  OD2 . ASP A 1 118 ? 14.985  -2.204  12.720  1.00 26.73 ? 145 ASP A OD2 1 
ATOM   955  N  N   . ILE A 1 119 ? 11.564  -3.500  8.709   1.00 25.04 ? 146 ILE A N   1 
ATOM   956  C  CA  . ILE A 1 119 ? 10.390  -3.267  7.855   1.00 24.77 ? 146 ILE A CA  1 
ATOM   957  C  C   . ILE A 1 119 ? 9.620   -4.568  7.550   1.00 24.62 ? 146 ILE A C   1 
ATOM   958  O  O   . ILE A 1 119 ? 8.390   -4.552  7.486   1.00 24.68 ? 146 ILE A O   1 
ATOM   959  C  CB  . ILE A 1 119 ? 10.769  -2.500  6.555   1.00 24.59 ? 146 ILE A CB  1 
ATOM   960  C  CG1 . ILE A 1 119 ? 9.527   -1.921  5.859   1.00 24.55 ? 146 ILE A CG1 1 
ATOM   961  C  CG2 . ILE A 1 119 ? 11.563  -3.377  5.593   1.00 24.50 ? 146 ILE A CG2 1 
ATOM   962  C  CD1 . ILE A 1 119 ? 8.866   -0.781  6.604   1.00 24.72 ? 146 ILE A CD1 1 
ATOM   963  N  N   . VAL A 1 120 ? 10.337  -5.683  7.389   1.00 24.49 ? 147 VAL A N   1 
ATOM   964  C  CA  . VAL A 1 120 ? 9.710   -6.996  7.178   1.00 24.80 ? 147 VAL A CA  1 
ATOM   965  C  C   . VAL A 1 120 ? 9.045   -7.503  8.467   1.00 25.12 ? 147 VAL A C   1 
ATOM   966  O  O   . VAL A 1 120 ? 7.973   -8.109  8.409   1.00 24.94 ? 147 VAL A O   1 
ATOM   967  C  CB  . VAL A 1 120 ? 10.720  -8.041  6.634   1.00 24.64 ? 147 VAL A CB  1 
ATOM   968  C  CG1 . VAL A 1 120 ? 10.079  -9.424  6.507   1.00 24.68 ? 147 VAL A CG1 1 
ATOM   969  C  CG2 . VAL A 1 120 ? 11.268  -7.582  5.289   1.00 24.51 ? 147 VAL A CG2 1 
ATOM   970  N  N   . LEU A 1 121 ? 9.675   -7.251  9.615   1.00 25.59 ? 148 LEU A N   1 
ATOM   971  C  CA  . LEU A 1 121 ? 9.080   -7.579  10.920  1.00 25.96 ? 148 LEU A CA  1 
ATOM   972  C  C   . LEU A 1 121 ? 7.796   -6.781  11.152  1.00 26.11 ? 148 LEU A C   1 
ATOM   973  O  O   . LEU A 1 121 ? 6.821   -7.303  11.696  1.00 26.51 ? 148 LEU A O   1 
ATOM   974  C  CB  . LEU A 1 121 ? 10.067  -7.321  12.069  1.00 26.30 ? 148 LEU A CB  1 
ATOM   975  C  CG  . LEU A 1 121 ? 11.409  -8.068  12.065  1.00 26.59 ? 148 LEU A CG  1 
ATOM   976  C  CD1 . LEU A 1 121 ? 12.236  -7.660  13.276  1.00 26.79 ? 148 LEU A CD1 1 
ATOM   977  C  CD2 . LEU A 1 121 ? 11.218  -9.577  12.032  1.00 26.64 ? 148 LEU A CD2 1 
ATOM   978  N  N   . MET A 1 122 ? 7.805   -5.519  10.730  1.00 26.28 ? 149 MET A N   1 
ATOM   979  C  CA  . MET A 1 122 ? 6.610   -4.670  10.764  1.00 26.51 ? 149 MET A CA  1 
ATOM   980  C  C   . MET A 1 122 ? 5.512   -5.179  9.822   1.00 26.40 ? 149 MET A C   1 
ATOM   981  O  O   . MET A 1 122 ? 4.343   -5.222  10.204  1.00 25.98 ? 149 MET A O   1 
ATOM   982  C  CB  . MET A 1 122 ? 6.977   -3.222  10.425  1.00 26.74 ? 149 MET A CB  1 
ATOM   983  C  CG  . MET A 1 122 ? 7.804   -2.555  11.510  1.00 27.25 ? 149 MET A CG  1 
ATOM   984  S  SD  . MET A 1 122 ? 8.496   -0.969  11.023  1.00 27.86 ? 149 MET A SD  1 
ATOM   985  C  CE  . MET A 1 122 ? 7.314   0.185   11.699  1.00 27.26 ? 149 MET A CE  1 
ATOM   986  N  N   . ALA A 1 123 ? 5.901   -5.573  8.610   1.00 26.30 ? 150 ALA A N   1 
ATOM   987  C  CA  . ALA A 1 123 ? 4.969   -6.125  7.614   1.00 26.52 ? 150 ALA A CA  1 
ATOM   988  C  C   . ALA A 1 123 ? 4.332   -7.449  8.055   1.00 26.92 ? 150 ALA A C   1 
ATOM   989  O  O   . ALA A 1 123 ? 3.129   -7.649  7.882   1.00 26.89 ? 150 ALA A O   1 
ATOM   990  C  CB  . ALA A 1 123 ? 5.674   -6.306  6.278   1.00 26.48 ? 150 ALA A CB  1 
ATOM   991  N  N   . GLU A 1 124 ? 5.146   -8.345  8.611   1.00 27.71 ? 151 GLU A N   1 
ATOM   992  C  CA  . GLU A 1 124 ? 4.673   -9.638  9.130   1.00 28.57 ? 151 GLU A CA  1 
ATOM   993  C  C   . GLU A 1 124 ? 3.667   -9.487  10.275  1.00 28.69 ? 151 GLU A C   1 
ATOM   994  O  O   . GLU A 1 124 ? 2.666   -10.211 10.325  1.00 28.59 ? 151 GLU A O   1 
ATOM   995  C  CB  . GLU A 1 124 ? 5.854   -10.497 9.595   1.00 29.56 ? 151 GLU A CB  1 
ATOM   996  C  CG  . GLU A 1 124 ? 6.686   -11.075 8.455   1.00 30.55 ? 151 GLU A CG  1 
ATOM   997  C  CD  . GLU A 1 124 ? 8.051   -11.588 8.894   1.00 31.56 ? 151 GLU A CD  1 
ATOM   998  O  OE1 . GLU A 1 124 ? 8.408   -11.435 10.083  1.00 32.60 ? 151 GLU A OE1 1 
ATOM   999  O  OE2 . GLU A 1 124 ? 8.778   -12.152 8.044   1.00 32.55 ? 151 GLU A OE2 1 
ATOM   1000 N  N   . ALA A 1 125 ? 3.939   -8.553  11.187  1.00 28.63 ? 152 ALA A N   1 
ATOM   1001 C  CA  . ALA A 1 125 ? 3.023   -8.251  12.293  1.00 28.83 ? 152 ALA A CA  1 
ATOM   1002 C  C   . ALA A 1 125 ? 1.680   -7.721  11.795  1.00 29.16 ? 152 ALA A C   1 
ATOM   1003 O  O   . ALA A 1 125 ? 0.630   -8.111  12.309  1.00 29.36 ? 152 ALA A O   1 
ATOM   1004 C  CB  . ALA A 1 125 ? 3.654   -7.255  13.252  1.00 28.84 ? 152 ALA A CB  1 
ATOM   1005 N  N   . LEU A 1 126 ? 1.722   -6.830  10.805  1.00 29.60 ? 153 LEU A N   1 
ATOM   1006 C  CA  . LEU A 1 126 ? 0.505   -6.299  10.182  1.00 29.65 ? 153 LEU A CA  1 
ATOM   1007 C  C   . LEU A 1 126 ? -0.244  -7.357  9.364   1.00 29.73 ? 153 LEU A C   1 
ATOM   1008 O  O   . LEU A 1 126 ? -1.471  -7.378  9.380   1.00 28.73 ? 153 LEU A O   1 
ATOM   1009 C  CB  . LEU A 1 126 ? 0.820   -5.083  9.300   1.00 29.73 ? 153 LEU A CB  1 
ATOM   1010 C  CG  . LEU A 1 126 ? 1.310   -3.811  10.000  1.00 29.86 ? 153 LEU A CG  1 
ATOM   1011 C  CD1 . LEU A 1 126 ? 1.720   -2.781  8.955   1.00 30.12 ? 153 LEU A CD1 1 
ATOM   1012 C  CD2 . LEU A 1 126 ? 0.262   -3.233  10.942  1.00 29.99 ? 153 LEU A CD2 1 
ATOM   1013 N  N   . GLU A 1 127 ? 0.493   -8.217  8.656   1.00 30.71 ? 154 GLU A N   1 
ATOM   1014 C  CA  . GLU A 1 127 ? -0.098  -9.312  7.871   1.00 31.72 ? 154 GLU A CA  1 
ATOM   1015 C  C   . GLU A 1 127 ? -0.781  -10.338 8.775   1.00 32.63 ? 154 GLU A C   1 
ATOM   1016 O  O   . GLU A 1 127 ? -1.889  -10.788 8.484   1.00 32.79 ? 154 GLU A O   1 
ATOM   1017 C  CB  . GLU A 1 127 ? 0.970   -10.012 7.025   1.00 32.42 ? 154 GLU A CB  1 
ATOM   1018 C  CG  . GLU A 1 127 ? 0.421   -11.035 6.036   1.00 33.12 ? 154 GLU A CG  1 
ATOM   1019 C  CD  . GLU A 1 127 ? 1.510   -11.771 5.274   1.00 34.28 ? 154 GLU A CD  1 
ATOM   1020 O  OE1 . GLU A 1 127 ? 2.468   -12.264 5.908   1.00 35.83 ? 154 GLU A OE1 1 
ATOM   1021 O  OE2 . GLU A 1 127 ? 1.404   -11.870 4.036   1.00 35.16 ? 154 GLU A OE2 1 
ATOM   1022 N  N   . LYS A 1 128 ? -0.093  -10.714 9.851   1.00 33.24 ? 155 LYS A N   1 
ATOM   1023 C  CA  . LYS A 1 128 ? -0.645  -11.568 10.907  1.00 34.15 ? 155 LYS A CA  1 
ATOM   1024 C  C   . LYS A 1 128 ? -1.991  -11.029 11.400  1.00 33.97 ? 155 LYS A C   1 
ATOM   1025 O  O   . LYS A 1 128 ? -2.983  -11.761 11.459  1.00 34.09 ? 155 LYS A O   1 
ATOM   1026 C  CB  . LYS A 1 128 ? 0.354   -11.636 12.070  1.00 35.56 ? 155 LYS A CB  1 
ATOM   1027 C  CG  . LYS A 1 128 ? -0.062  -12.481 13.272  1.00 37.04 ? 155 LYS A CG  1 
ATOM   1028 C  CD  . LYS A 1 128 ? 0.047   -11.684 14.567  1.00 37.71 ? 155 LYS A CD  1 
ATOM   1029 C  CE  . LYS A 1 128 ? -0.173  -12.554 15.790  1.00 38.18 ? 155 LYS A CE  1 
ATOM   1030 N  NZ  . LYS A 1 128 ? 1.112   -13.085 16.321  1.00 38.71 ? 155 LYS A NZ  1 
ATOM   1031 N  N   . LEU A 1 129 ? -2.010  -9.743  11.733  1.00 33.66 ? 156 LEU A N   1 
ATOM   1032 C  CA  . LEU A 1 129 ? -3.213  -9.070  12.221  1.00 34.08 ? 156 LEU A CA  1 
ATOM   1033 C  C   . LEU A 1 129 ? -4.279  -8.925  11.118  1.00 34.05 ? 156 LEU A C   1 
ATOM   1034 O  O   . LEU A 1 129 ? -5.472  -9.111  11.376  1.00 32.94 ? 156 LEU A O   1 
ATOM   1035 C  CB  . LEU A 1 129 ? -2.841  -7.698  12.794  1.00 34.53 ? 156 LEU A CB  1 
ATOM   1036 C  CG  . LEU A 1 129 ? -3.893  -6.946  13.607  1.00 35.59 ? 156 LEU A CG  1 
ATOM   1037 C  CD1 . LEU A 1 129 ? -4.307  -7.736  14.839  1.00 36.29 ? 156 LEU A CD1 1 
ATOM   1038 C  CD2 . LEU A 1 129 ? -3.355  -5.582  14.006  1.00 35.89 ? 156 LEU A CD2 1 
ATOM   1039 N  N   . PHE A 1 130 ? -3.836  -8.598  9.902   1.00 33.09 ? 157 PHE A N   1 
ATOM   1040 C  CA  . PHE A 1 130 ? -4.713  -8.507  8.732   1.00 32.75 ? 157 PHE A CA  1 
ATOM   1041 C  C   . PHE A 1 130 ? -5.485  -9.805  8.503   1.00 33.04 ? 157 PHE A C   1 
ATOM   1042 O  O   . PHE A 1 130 ? -6.702  -9.775  8.335   1.00 33.16 ? 157 PHE A O   1 
ATOM   1043 C  CB  . PHE A 1 130 ? -3.899  -8.147  7.478   1.00 32.24 ? 157 PHE A CB  1 
ATOM   1044 C  CG  . PHE A 1 130 ? -4.716  -8.077  6.214   1.00 31.55 ? 157 PHE A CG  1 
ATOM   1045 C  CD1 . PHE A 1 130 ? -5.669  -7.076  6.040   1.00 31.15 ? 157 PHE A CD1 1 
ATOM   1046 C  CD2 . PHE A 1 130 ? -4.530  -9.008  5.191   1.00 31.34 ? 157 PHE A CD2 1 
ATOM   1047 C  CE1 . PHE A 1 130 ? -6.424  -7.009  4.877   1.00 31.21 ? 157 PHE A CE1 1 
ATOM   1048 C  CE2 . PHE A 1 130 ? -5.281  -8.942  4.024   1.00 31.27 ? 157 PHE A CE2 1 
ATOM   1049 C  CZ  . PHE A 1 130 ? -6.231  -7.942  3.868   1.00 31.00 ? 157 PHE A CZ  1 
ATOM   1050 N  N   . LEU A 1 131 ? -4.773  -10.932 8.512   1.00 33.33 ? 158 LEU A N   1 
ATOM   1051 C  CA  . LEU A 1 131 ? -5.384  -12.245 8.261   1.00 34.37 ? 158 LEU A CA  1 
ATOM   1052 C  C   . LEU A 1 131 ? -6.372  -12.686 9.353   1.00 35.43 ? 158 LEU A C   1 
ATOM   1053 O  O   . LEU A 1 131 ? -7.338  -13.391 9.055   1.00 35.31 ? 158 LEU A O   1 
ATOM   1054 C  CB  . LEU A 1 131 ? -4.304  -13.315 8.046   1.00 34.18 ? 158 LEU A CB  1 
ATOM   1055 C  CG  . LEU A 1 131 ? -3.436  -13.131 6.789   1.00 34.17 ? 158 LEU A CG  1 
ATOM   1056 C  CD1 . LEU A 1 131 ? -2.178  -13.981 6.865   1.00 34.30 ? 158 LEU A CD1 1 
ATOM   1057 C  CD2 . LEU A 1 131 ? -4.216  -13.442 5.520   1.00 34.45 ? 158 LEU A CD2 1 
ATOM   1058 N  N   . GLN A 1 132 ? -6.129  -12.275 10.600  1.00 36.58 ? 159 GLN A N   1 
ATOM   1059 C  CA  . GLN A 1 132 ? -7.080  -12.505 11.702  1.00 37.78 ? 159 GLN A CA  1 
ATOM   1060 C  C   . GLN A 1 132 ? -8.393  -11.750 11.490  1.00 38.02 ? 159 GLN A C   1 
ATOM   1061 O  O   . GLN A 1 132 ? -9.472  -12.311 11.676  1.00 37.71 ? 159 GLN A O   1 
ATOM   1062 C  CB  . GLN A 1 132 ? -6.475  -12.098 13.053  1.00 38.59 ? 159 GLN A CB  1 
ATOM   1063 C  CG  . GLN A 1 132 ? -5.379  -13.026 13.558  1.00 39.51 ? 159 GLN A CG  1 
ATOM   1064 C  CD  . GLN A 1 132 ? -4.678  -12.499 14.805  1.00 40.52 ? 159 GLN A CD  1 
ATOM   1065 O  OE1 . GLN A 1 132 ? -5.232  -11.683 15.549  1.00 40.80 ? 159 GLN A OE1 1 
ATOM   1066 N  NE2 . GLN A 1 132 ? -3.456  -12.972 15.044  1.00 40.80 ? 159 GLN A NE2 1 
ATOM   1067 N  N   . LYS A 1 133 ? -8.284  -10.484 11.091  1.00 38.89 ? 160 LYS A N   1 
ATOM   1068 C  CA  . LYS A 1 133 ? -9.452  -9.629  10.837  1.00 39.68 ? 160 LYS A CA  1 
ATOM   1069 C  C   . LYS A 1 133 ? -10.199 -10.065 9.564   1.00 40.33 ? 160 LYS A C   1 
ATOM   1070 O  O   . LYS A 1 133 ? -11.424 -9.952  9.495   1.00 40.93 ? 160 LYS A O   1 
ATOM   1071 C  CB  . LYS A 1 133 ? -9.040  -8.157  10.705  1.00 39.72 ? 160 LYS A CB  1 
ATOM   1072 C  CG  . LYS A 1 133 ? -8.217  -7.578  11.860  1.00 40.08 ? 160 LYS A CG  1 
ATOM   1073 C  CD  . LYS A 1 133 ? -9.036  -6.795  12.875  1.00 40.53 ? 160 LYS A CD  1 
ATOM   1074 C  CE  . LYS A 1 133 ? -9.783  -7.700  13.839  1.00 40.73 ? 160 LYS A CE  1 
ATOM   1075 N  NZ  . LYS A 1 133 ? -10.328 -6.917  14.984  1.00 41.19 ? 160 LYS A NZ  1 
ATOM   1076 N  N   . ILE A 1 134 ? -9.452  -10.547 8.567   1.00 40.98 ? 161 ILE A N   1 
ATOM   1077 C  CA  . ILE A 1 134 ? -10.019 -11.117 7.328   1.00 42.11 ? 161 ILE A CA  1 
ATOM   1078 C  C   . ILE A 1 134 ? -10.858 -12.383 7.587   1.00 42.67 ? 161 ILE A C   1 
ATOM   1079 O  O   . ILE A 1 134 ? -11.852 -12.614 6.895   1.00 41.95 ? 161 ILE A O   1 
ATOM   1080 C  CB  . ILE A 1 134 ? -8.900  -11.384 6.269   1.00 42.13 ? 161 ILE A CB  1 
ATOM   1081 C  CG1 . ILE A 1 134 ? -8.408  -10.060 5.664   1.00 42.03 ? 161 ILE A CG1 1 
ATOM   1082 C  CG2 . ILE A 1 134 ? -9.343  -12.334 5.151   1.00 42.40 ? 161 ILE A CG2 1 
ATOM   1083 C  CD1 . ILE A 1 134 ? -9.337  -9.425  4.648   1.00 42.00 ? 161 ILE A CD1 1 
ATOM   1084 N  N   . ASN A 1 135 ? -10.463 -13.194 8.569   1.00 44.09 ? 162 ASN A N   1 
ATOM   1085 C  CA  . ASN A 1 135 ? -11.251 -14.379 8.949   1.00 45.87 ? 162 ASN A CA  1 
ATOM   1086 C  C   . ASN A 1 135 ? -12.640 -14.055 9.523   1.00 46.03 ? 162 ASN A C   1 
ATOM   1087 O  O   . ASN A 1 135 ? -13.553 -14.872 9.405   1.00 47.72 ? 162 ASN A O   1 
ATOM   1088 C  CB  . ASN A 1 135 ? -10.472 -15.285 9.921   1.00 46.64 ? 162 ASN A CB  1 
ATOM   1089 C  CG  . ASN A 1 135 ? -9.433  -16.154 9.218   1.00 47.83 ? 162 ASN A CG  1 
ATOM   1090 O  OD1 . ASN A 1 135 ? -8.957  -15.830 8.126   1.00 49.52 ? 162 ASN A OD1 1 
ATOM   1091 N  ND2 . ASN A 1 135 ? -9.076  -17.267 9.849   1.00 48.31 ? 162 ASN A ND2 1 
ATOM   1092 N  N   . GLU A 1 136 ? -12.799 -12.870 10.116  1.00 45.76 ? 163 GLU A N   1 
ATOM   1093 C  CA  . GLU A 1 136 ? -14.088 -12.424 10.662  1.00 46.11 ? 163 GLU A CA  1 
ATOM   1094 C  C   . GLU A 1 136 ? -14.867 -11.514 9.691   1.00 45.20 ? 163 GLU A C   1 
ATOM   1095 O  O   . GLU A 1 136 ? -15.627 -10.645 10.124  1.00 44.22 ? 163 GLU A O   1 
ATOM   1096 C  CB  . GLU A 1 136 ? -13.869 -11.699 12.002  1.00 47.45 ? 163 GLU A CB  1 
ATOM   1097 C  CG  . GLU A 1 136 ? -12.949 -12.413 12.990  1.00 48.44 ? 163 GLU A CG  1 
ATOM   1098 C  CD  . GLU A 1 136 ? -13.368 -13.844 13.287  1.00 49.40 ? 163 GLU A CD  1 
ATOM   1099 O  OE1 . GLU A 1 136 ? -14.588 -14.113 13.380  1.00 50.29 ? 163 GLU A OE1 1 
ATOM   1100 O  OE2 . GLU A 1 136 ? -12.473 -14.705 13.435  1.00 50.99 ? 163 GLU A OE2 1 
ATOM   1101 N  N   . LEU A 1 137 ? -14.694 -11.732 8.387   1.00 44.34 ? 164 LEU A N   1 
ATOM   1102 C  CA  . LEU A 1 137 ? -15.384 -10.955 7.358   1.00 44.23 ? 164 LEU A CA  1 
ATOM   1103 C  C   . LEU A 1 137 ? -16.827 -11.471 7.253   1.00 44.02 ? 164 LEU A C   1 
ATOM   1104 O  O   . LEU A 1 137 ? -17.055 -12.668 7.449   1.00 44.70 ? 164 LEU A O   1 
ATOM   1105 C  CB  . LEU A 1 137 ? -14.655 -11.112 6.015   1.00 44.15 ? 164 LEU A CB  1 
ATOM   1106 C  CG  . LEU A 1 137 ? -14.976 -10.165 4.859   1.00 43.98 ? 164 LEU A CG  1 
ATOM   1107 C  CD1 . LEU A 1 137 ? -14.517 -8.751  5.173   1.00 43.93 ? 164 LEU A CD1 1 
ATOM   1108 C  CD2 . LEU A 1 137 ? -14.312 -10.656 3.581   1.00 44.04 ? 164 LEU A CD2 1 
ATOM   1109 N  N   . PRO A 1 138 ? -17.805 -10.582 6.965   1.00 43.54 ? 165 PRO A N   1 
ATOM   1110 C  CA  . PRO A 1 138 ? -19.193 -11.036 6.750   1.00 43.44 ? 165 PRO A CA  1 
ATOM   1111 C  C   . PRO A 1 138 ? -19.378 -12.061 5.620   1.00 43.58 ? 165 PRO A C   1 
ATOM   1112 O  O   . PRO A 1 138 ? -18.575 -12.116 4.685   1.00 43.65 ? 165 PRO A O   1 
ATOM   1113 C  CB  . PRO A 1 138 ? -19.933 -9.739  6.408   1.00 43.17 ? 165 PRO A CB  1 
ATOM   1114 C  CG  . PRO A 1 138 ? -19.165 -8.682  7.116   1.00 43.42 ? 165 PRO A CG  1 
ATOM   1115 C  CD  . PRO A 1 138 ? -17.729 -9.108  7.031   1.00 43.37 ? 165 PRO A CD  1 
HETATM 1116 C  C1  . EDO B 2 .   ? 6.437   -6.176  -9.394  1.00 30.89 ? 201 EDO A C1  1 
HETATM 1117 O  O1  . EDO B 2 .   ? 7.715   -5.598  -9.099  1.00 30.15 ? 201 EDO A O1  1 
HETATM 1118 C  C2  . EDO B 2 .   ? 5.627   -6.317  -8.112  1.00 30.89 ? 201 EDO A C2  1 
HETATM 1119 O  O2  . EDO B 2 .   ? 5.457   -5.031  -7.509  1.00 30.52 ? 201 EDO A O2  1 
HETATM 1120 C  C1  . EDO C 2 .   ? -2.053  9.265   -0.145  1.00 50.20 ? 202 EDO A C1  1 
HETATM 1121 O  O1  . EDO C 2 .   ? -1.803  8.108   0.658   1.00 49.51 ? 202 EDO A O1  1 
HETATM 1122 C  C2  . EDO C 2 .   ? -2.867  8.880   -1.375  1.00 50.09 ? 202 EDO A C2  1 
HETATM 1123 O  O2  . EDO C 2 .   ? -2.130  9.190   -2.563  1.00 50.12 ? 202 EDO A O2  1 
HETATM 1124 N  N   . NO3 D 3 .   ? 25.533  18.952  -15.790 1.00 53.37 ? 203 NO3 A N   1 
HETATM 1125 O  O1  . NO3 D 3 .   ? 26.051  18.395  -14.839 1.00 52.84 ? 203 NO3 A O1  1 
HETATM 1126 O  O2  . NO3 D 3 .   ? 26.271  19.871  -16.546 1.00 53.86 ? 203 NO3 A O2  1 
HETATM 1127 O  O3  . NO3 D 3 .   ? 24.201  18.673  -16.120 1.00 53.19 ? 203 NO3 A O3  1 
HETATM 1128 CL CLA . EB7 E 4 .   ? 14.656  2.814   7.278   1.00 29.76 ? 204 EB7 A CLA 1 
HETATM 1129 C  CAU . EB7 E 4 .   ? 13.131  2.301   7.955   1.00 27.64 ? 204 EB7 A CAU 1 
HETATM 1130 C  CAV . EB7 E 4 .   ? 13.103  1.114   8.687   1.00 27.89 ? 204 EB7 A CAV 1 
HETATM 1131 C  CAW . EB7 E 4 .   ? 11.909  0.665   9.247   1.00 27.88 ? 204 EB7 A CAW 1 
HETATM 1132 F  FBA . EB7 E 4 .   ? 11.883  -0.446  9.930   1.00 28.86 ? 204 EB7 A FBA 1 
HETATM 1133 C  CAX . EB7 E 4 .   ? 10.739  1.403   9.077   1.00 27.64 ? 204 EB7 A CAX 1 
HETATM 1134 C  CAY . EB7 E 4 .   ? 10.759  2.586   8.348   1.00 27.07 ? 204 EB7 A CAY 1 
HETATM 1135 C  CAR . EB7 E 4 .   ? 11.951  3.046   7.790   1.00 26.87 ? 204 EB7 A CAR 1 
HETATM 1136 S  SAQ . EB7 E 4 .   ? 11.920  4.542   6.873   1.00 25.66 ? 204 EB7 A SAQ 1 
HETATM 1137 O  OAS . EB7 E 4 .   ? 10.622  5.297   7.118   1.00 25.01 ? 204 EB7 A OAS 1 
HETATM 1138 O  OAT . EB7 E 4 .   ? 13.077  5.448   7.291   1.00 25.46 ? 204 EB7 A OAT 1 
HETATM 1139 N  NAP . EB7 E 4 .   ? 12.080  4.154   5.289   1.00 25.32 ? 204 EB7 A NAP 1 
HETATM 1140 C  CAC . EB7 E 4 .   ? 11.186  3.350   4.697   1.00 24.82 ? 204 EB7 A CAC 1 
HETATM 1141 C  CAB . EB7 E 4 .   ? 9.828   3.676   4.569   1.00 24.68 ? 204 EB7 A CAB 1 
HETATM 1142 C  CAA . EB7 E 4 .   ? 8.964   2.791   3.911   1.00 24.61 ? 204 EB7 A CAA 1 
HETATM 1143 C  CAF . EB7 E 4 .   ? 9.441   1.641   3.401   1.00 24.57 ? 204 EB7 A CAF 1 
HETATM 1144 C  CAE . EB7 E 4 .   ? 10.741  1.362   3.522   1.00 24.45 ? 204 EB7 A CAE 1 
HETATM 1145 C  CAD . EB7 E 4 .   ? 11.644  2.143   4.139   1.00 24.49 ? 204 EB7 A CAD 1 
HETATM 1146 C  CAG . EB7 E 4 .   ? 12.971  1.694   4.182   1.00 24.39 ? 204 EB7 A CAG 1 
HETATM 1147 C  CAH . EB7 E 4 .   ? 13.286  0.464   3.592   1.00 24.18 ? 204 EB7 A CAH 1 
HETATM 1148 C  CAI . EB7 E 4 .   ? 12.273  -0.277  2.973   1.00 24.22 ? 204 EB7 A CAI 1 
HETATM 1149 C  CAJ . EB7 E 4 .   ? 11.020  0.191   2.956   1.00 24.32 ? 204 EB7 A CAJ 1 
HETATM 1150 C  CAL . EB7 E 4 .   ? 9.865   -0.251  2.463   1.00 24.36 ? 204 EB7 A CAL 1 
HETATM 1151 O  OAM . EB7 E 4 .   ? 9.740   -1.298  1.825   1.00 24.07 ? 204 EB7 A OAM 1 
HETATM 1152 N  NAK . EB7 E 4 .   ? 8.887   0.621   2.736   1.00 24.33 ? 204 EB7 A NAK 1 
HETATM 1153 C  CAN . EB7 E 4 .   ? 7.508   0.554   2.332   1.00 24.61 ? 204 EB7 A CAN 1 
HETATM 1154 C  CAO . EB7 E 4 .   ? 6.867   -0.712  2.903   1.00 24.85 ? 204 EB7 A CAO 1 
HETATM 1155 C  C1  . GOL F 5 .   ? -0.841  4.452   -12.132 1.00 45.33 ? 205 GOL A C1  1 
HETATM 1156 O  O1  . GOL F 5 .   ? -0.285  3.871   -13.319 1.00 46.24 ? 205 GOL A O1  1 
HETATM 1157 C  C2  . GOL F 5 .   ? 0.210   4.529   -11.028 1.00 44.57 ? 205 GOL A C2  1 
HETATM 1158 O  O2  . GOL F 5 .   ? 1.437   5.069   -11.538 1.00 43.98 ? 205 GOL A O2  1 
HETATM 1159 C  C3  . GOL F 5 .   ? 0.422   3.134   -10.441 1.00 44.11 ? 205 GOL A C3  1 
HETATM 1160 O  O3  . GOL F 5 .   ? 1.632   3.081   -9.679  1.00 43.67 ? 205 GOL A O3  1 
HETATM 1161 O  O   . HOH G 6 .   ? -2.247  6.956   -4.082  1.00 29.15 ? 301 HOH A O   1 
HETATM 1162 O  O   . HOH G 6 .   ? 7.734   -2.367  -0.157  1.00 15.33 ? 302 HOH A O   1 
HETATM 1163 O  O   . HOH G 6 .   ? 2.907   4.614   -7.914  1.00 25.11 ? 303 HOH A O   1 
HETATM 1164 O  O   . HOH G 6 .   ? 4.641   -0.567  -2.539  1.00 23.74 ? 304 HOH A O   1 
HETATM 1165 O  O   . HOH G 6 .   ? 9.613   15.894  5.907   1.00 39.15 ? 305 HOH A O   1 
HETATM 1166 O  O   . HOH G 6 .   ? -2.937  -4.681  -6.371  1.00 47.32 ? 306 HOH A O   1 
HETATM 1167 O  O   . HOH G 6 .   ? -17.871 -7.346  -1.410  1.00 29.25 ? 307 HOH A O   1 
HETATM 1168 O  O   . HOH G 6 .   ? -13.336 -10.423 -7.986  1.00 48.83 ? 308 HOH A O   1 
HETATM 1169 O  O   . HOH G 6 .   ? 3.590   0.241   1.108   1.00 25.06 ? 309 HOH A O   1 
HETATM 1170 O  O   . HOH G 6 .   ? 5.003   -2.134  0.764   1.00 19.05 ? 310 HOH A O   1 
HETATM 1171 O  O   . HOH G 6 .   ? 12.994  4.235   -7.289  1.00 27.99 ? 311 HOH A O   1 
HETATM 1172 O  O   . HOH G 6 .   ? 6.669   5.531   4.176   1.00 27.44 ? 312 HOH A O   1 
HETATM 1173 O  O   . HOH G 6 .   ? 11.705  -11.706 8.710   1.00 53.18 ? 313 HOH A O   1 
HETATM 1174 O  O   . HOH G 6 .   ? 1.902   3.863   13.176  1.00 30.93 ? 314 HOH A O   1 
HETATM 1175 O  O   . HOH G 6 .   ? 7.212   -9.426  13.557  1.00 32.83 ? 315 HOH A O   1 
HETATM 1176 O  O   . HOH G 6 .   ? 1.968   3.233   -3.467  1.00 24.67 ? 316 HOH A O   1 
HETATM 1177 O  O   . HOH G 6 .   ? 4.669   2.618   1.880   1.00 21.72 ? 317 HOH A O   1 
HETATM 1178 O  O   . HOH G 6 .   ? 14.866  4.712   4.628   1.00 30.31 ? 318 HOH A O   1 
HETATM 1179 O  O   . HOH G 6 .   ? -15.583 0.445   -2.794  1.00 32.64 ? 319 HOH A O   1 
HETATM 1180 O  O   . HOH G 6 .   ? 7.251   7.324   1.972   1.00 27.12 ? 320 HOH A O   1 
HETATM 1181 O  O   . HOH G 6 .   ? 34.636  19.092  -17.552 1.00 58.25 ? 321 HOH A O   1 
HETATM 1182 O  O   . HOH G 6 .   ? 0.557   0.409   -8.668  1.00 38.28 ? 322 HOH A O   1 
HETATM 1183 O  O   . HOH G 6 .   ? -1.552  9.769   -9.895  1.00 38.40 ? 323 HOH A O   1 
HETATM 1184 O  O   . HOH G 6 .   ? -10.712 10.027  0.359   1.00 53.47 ? 324 HOH A O   1 
HETATM 1185 O  O   . HOH G 6 .   ? 4.355   2.642   -2.019  1.00 20.71 ? 325 HOH A O   1 
HETATM 1186 O  O   . HOH G 6 .   ? -6.470  9.490   -8.322  1.00 32.86 ? 326 HOH A O   1 
HETATM 1187 O  O   . HOH G 6 .   ? -21.122 -7.713  1.618   1.00 49.98 ? 327 HOH A O   1 
HETATM 1188 O  O   . HOH G 6 .   ? 11.829  -10.959 2.677   1.00 37.11 ? 328 HOH A O   1 
HETATM 1189 O  O   . HOH G 6 .   ? 3.652   4.856   -5.275  1.00 22.53 ? 329 HOH A O   1 
HETATM 1190 O  O   . HOH G 6 .   ? 5.754   8.691   -4.251  1.00 32.62 ? 330 HOH A O   1 
HETATM 1191 O  O   . HOH G 6 .   ? 14.220  -2.278  7.441   1.00 18.41 ? 331 HOH A O   1 
HETATM 1192 O  O   . HOH G 6 .   ? -15.001 -10.498 -3.337  1.00 29.38 ? 332 HOH A O   1 
HETATM 1193 O  O   . HOH G 6 .   ? 14.791  -5.080  -11.649 1.00 49.30 ? 333 HOH A O   1 
HETATM 1194 O  O   . HOH G 6 .   ? -2.606  7.727   -11.854 1.00 53.52 ? 334 HOH A O   1 
# 
loop_
_pdbx_poly_seq_scheme.asym_id 
_pdbx_poly_seq_scheme.entity_id 
_pdbx_poly_seq_scheme.seq_id 
_pdbx_poly_seq_scheme.mon_id 
_pdbx_poly_seq_scheme.ndb_seq_num 
_pdbx_poly_seq_scheme.pdb_seq_num 
_pdbx_poly_seq_scheme.auth_seq_num 
_pdbx_poly_seq_scheme.pdb_mon_id 
_pdbx_poly_seq_scheme.auth_mon_id 
_pdbx_poly_seq_scheme.pdb_strand_id 
_pdbx_poly_seq_scheme.pdb_ins_code 
_pdbx_poly_seq_scheme.hetero 
A 1 1   MET 1   28  ?   ?   ?   A . n 
A 1 2   LYS 2   29  ?   ?   ?   A . n 
A 1 3   LYS 3   30  ?   ?   ?   A . n 
A 1 4   GLY 4   31  ?   ?   ?   A . n 
A 1 5   HIS 5   32  ?   ?   ?   A . n 
A 1 6   HIS 6   33  33  HIS HIS A . n 
A 1 7   HIS 7   34  34  HIS HIS A . n 
A 1 8   HIS 8   35  35  HIS HIS A . n 
A 1 9   HIS 9   36  36  HIS HIS A . n 
A 1 10  HIS 10  37  37  HIS HIS A . n 
A 1 11  LEU 11  38  38  LEU LEU A . n 
A 1 12  VAL 12  39  39  VAL VAL A . n 
A 1 13  PRO 13  40  40  PRO PRO A . n 
A 1 14  ARG 14  41  41  ARG ARG A . n 
A 1 15  GLY 15  42  42  GLY GLY A . n 
A 1 16  SER 16  43  43  SER SER A . n 
A 1 17  ASN 17  44  44  ASN ASN A . n 
A 1 18  PRO 18  45  45  PRO PRO A . n 
A 1 19  PRO 19  46  46  PRO PRO A . n 
A 1 20  PRO 20  47  47  PRO PRO A . n 
A 1 21  PRO 21  48  48  PRO PRO A . n 
A 1 22  GLU 22  49  49  GLU GLU A . n 
A 1 23  THR 23  50  50  THR THR A . n 
A 1 24  SER 24  51  51  SER SER A . n 
A 1 25  ASN 25  52  52  ASN ASN A . n 
A 1 26  PRO 26  53  53  PRO PRO A . n 
A 1 27  ASN 27  54  54  ASN ASN A . n 
A 1 28  LYS 28  55  55  LYS LYS A . n 
A 1 29  PRO 29  56  56  PRO PRO A . n 
A 1 30  LYS 30  57  57  LYS LYS A . n 
A 1 31  ARG 31  58  58  ARG ARG A . n 
A 1 32  GLN 32  59  59  GLN GLN A . n 
A 1 33  THR 33  60  60  THR THR A . n 
A 1 34  ASN 34  61  61  ASN ASN A . n 
A 1 35  GLN 35  62  62  GLN GLN A . n 
A 1 36  LEU 36  63  63  LEU LEU A . n 
A 1 37  GLN 37  64  64  GLN GLN A . n 
A 1 38  TYR 38  65  65  TYR TYR A . n 
A 1 39  LEU 39  66  66  LEU LEU A . n 
A 1 40  LEU 40  67  67  LEU LEU A . n 
A 1 41  ARG 41  68  68  ARG ARG A . n 
A 1 42  VAL 42  69  69  VAL VAL A . n 
A 1 43  VAL 43  70  70  VAL VAL A . n 
A 1 44  LEU 44  71  71  LEU LEU A . n 
A 1 45  LYS 45  72  72  LYS LYS A . n 
A 1 46  THR 46  73  73  THR THR A . n 
A 1 47  LEU 47  74  74  LEU LEU A . n 
A 1 48  TRP 48  75  75  TRP TRP A . n 
A 1 49  LYS 49  76  76  LYS LYS A . n 
A 1 50  HIS 50  77  77  HIS HIS A . n 
A 1 51  GLN 51  78  78  GLN GLN A . n 
A 1 52  PHE 52  79  79  PHE PHE A . n 
A 1 53  ALA 53  80  80  ALA ALA A . n 
A 1 54  TRP 54  81  81  TRP TRP A . n 
A 1 55  PRO 55  82  82  PRO PRO A . n 
A 1 56  PHE 56  83  83  PHE PHE A . n 
A 1 57  GLN 57  84  84  GLN GLN A . n 
A 1 58  GLN 58  85  85  GLN GLN A . n 
A 1 59  PRO 59  86  86  PRO PRO A . n 
A 1 60  VAL 60  87  87  VAL VAL A . n 
A 1 61  ASP 61  88  88  ASP ASP A . n 
A 1 62  ALA 62  89  89  ALA ALA A . n 
A 1 63  VAL 63  90  90  VAL VAL A . n 
A 1 64  LYS 64  91  91  LYS LYS A . n 
A 1 65  LEU 65  92  92  LEU LEU A . n 
A 1 66  ASN 66  93  93  ASN ASN A . n 
A 1 67  LEU 67  94  94  LEU LEU A . n 
A 1 68  PRO 68  95  95  PRO PRO A . n 
A 1 69  ASP 69  96  96  ASP ASP A . n 
A 1 70  TYR 70  97  97  TYR TYR A . n 
A 1 71  TYR 71  98  98  TYR TYR A . n 
A 1 72  LYS 72  99  99  LYS LYS A . n 
A 1 73  ILE 73  100 100 ILE ILE A . n 
A 1 74  ILE 74  101 101 ILE ILE A . n 
A 1 75  LYS 75  102 102 LYS LYS A . n 
A 1 76  THR 76  103 103 THR THR A . n 
A 1 77  PRO 77  104 104 PRO PRO A . n 
A 1 78  MET 78  105 105 MET MET A . n 
A 1 79  ASP 79  106 106 ASP ASP A . n 
A 1 80  MET 80  107 107 MET MET A . n 
A 1 81  GLY 81  108 108 GLY GLY A . n 
A 1 82  THR 82  109 109 THR THR A . n 
A 1 83  ILE 83  110 110 ILE ILE A . n 
A 1 84  LYS 84  111 111 LYS LYS A . n 
A 1 85  LYS 85  112 112 LYS LYS A . n 
A 1 86  ARG 86  113 113 ARG ARG A . n 
A 1 87  LEU 87  114 114 LEU LEU A . n 
A 1 88  GLU 88  115 115 GLU GLU A . n 
A 1 89  ASN 89  116 116 ASN ASN A . n 
A 1 90  ASN 90  117 117 ASN ASN A . n 
A 1 91  TYR 91  118 118 TYR TYR A . n 
A 1 92  TYR 92  119 119 TYR TYR A . n 
A 1 93  TRP 93  120 120 TRP TRP A . n 
A 1 94  ASN 94  121 121 ASN ASN A . n 
A 1 95  ALA 95  122 122 ALA ALA A . n 
A 1 96  GLN 96  123 123 GLN GLN A . n 
A 1 97  GLU 97  124 124 GLU GLU A . n 
A 1 98  CYS 98  125 125 CYS CYS A . n 
A 1 99  ILE 99  126 126 ILE ILE A . n 
A 1 100 GLN 100 127 127 GLN GLN A . n 
A 1 101 ASP 101 128 128 ASP ASP A . n 
A 1 102 PHE 102 129 129 PHE PHE A . n 
A 1 103 ASN 103 130 130 ASN ASN A . n 
A 1 104 THR 104 131 131 THR THR A . n 
A 1 105 MET 105 132 132 MET MET A . n 
A 1 106 PHE 106 133 133 PHE PHE A . n 
A 1 107 THR 107 134 134 THR THR A . n 
A 1 108 ASN 108 135 135 ASN ASN A . n 
A 1 109 CYS 109 136 136 CYS CYS A . n 
A 1 110 TYR 110 137 137 TYR TYR A . n 
A 1 111 ILE 111 138 138 ILE ILE A . n 
A 1 112 TYR 112 139 139 TYR TYR A . n 
A 1 113 ASN 113 140 140 ASN ASN A . n 
A 1 114 LYS 114 141 141 LYS LYS A . n 
A 1 115 PRO 115 142 142 PRO PRO A . n 
A 1 116 GLY 116 143 143 GLY GLY A . n 
A 1 117 ASP 117 144 144 ASP ASP A . n 
A 1 118 ASP 118 145 145 ASP ASP A . n 
A 1 119 ILE 119 146 146 ILE ILE A . n 
A 1 120 VAL 120 147 147 VAL VAL A . n 
A 1 121 LEU 121 148 148 LEU LEU A . n 
A 1 122 MET 122 149 149 MET MET A . n 
A 1 123 ALA 123 150 150 ALA ALA A . n 
A 1 124 GLU 124 151 151 GLU GLU A . n 
A 1 125 ALA 125 152 152 ALA ALA A . n 
A 1 126 LEU 126 153 153 LEU LEU A . n 
A 1 127 GLU 127 154 154 GLU GLU A . n 
A 1 128 LYS 128 155 155 LYS LYS A . n 
A 1 129 LEU 129 156 156 LEU LEU A . n 
A 1 130 PHE 130 157 157 PHE PHE A . n 
A 1 131 LEU 131 158 158 LEU LEU A . n 
A 1 132 GLN 132 159 159 GLN GLN A . n 
A 1 133 LYS 133 160 160 LYS LYS A . n 
A 1 134 ILE 134 161 161 ILE ILE A . n 
A 1 135 ASN 135 162 162 ASN ASN A . n 
A 1 136 GLU 136 163 163 GLU GLU A . n 
A 1 137 LEU 137 164 164 LEU LEU A . n 
A 1 138 PRO 138 165 165 PRO PRO A . n 
A 1 139 THR 139 166 ?   ?   ?   A . n 
A 1 140 GLU 140 167 ?   ?   ?   A . n 
A 1 141 GLU 141 168 ?   ?   ?   A . n 
# 
loop_
_pdbx_nonpoly_scheme.asym_id 
_pdbx_nonpoly_scheme.entity_id 
_pdbx_nonpoly_scheme.mon_id 
_pdbx_nonpoly_scheme.ndb_seq_num 
_pdbx_nonpoly_scheme.pdb_seq_num 
_pdbx_nonpoly_scheme.auth_seq_num 
_pdbx_nonpoly_scheme.pdb_mon_id 
_pdbx_nonpoly_scheme.auth_mon_id 
_pdbx_nonpoly_scheme.pdb_strand_id 
_pdbx_nonpoly_scheme.pdb_ins_code 
B 2 EDO 1  201 1  EDO EDO A . 
C 2 EDO 1  202 2  EDO EDO A . 
D 3 NO3 1  203 1  NO3 NO3 A . 
E 4 EB7 1  204 1  EB7 EB7 A . 
F 5 GOL 1  205 1  GOL GOL A . 
G 6 HOH 1  301 10 HOH HOH A . 
G 6 HOH 2  302 4  HOH HOH A . 
G 6 HOH 3  303 8  HOH HOH A . 
G 6 HOH 4  304 18 HOH HOH A . 
G 6 HOH 5  305 17 HOH HOH A . 
G 6 HOH 6  306 33 HOH HOH A . 
G 6 HOH 7  307 3  HOH HOH A . 
G 6 HOH 8  308 29 HOH HOH A . 
G 6 HOH 9  309 27 HOH HOH A . 
G 6 HOH 10 310 26 HOH HOH A . 
G 6 HOH 11 311 2  HOH HOH A . 
G 6 HOH 12 312 7  HOH HOH A . 
G 6 HOH 13 313 32 HOH HOH A . 
G 6 HOH 14 314 20 HOH HOH A . 
G 6 HOH 15 315 16 HOH HOH A . 
G 6 HOH 16 316 13 HOH HOH A . 
G 6 HOH 17 317 1  HOH HOH A . 
G 6 HOH 18 318 5  HOH HOH A . 
G 6 HOH 19 319 11 HOH HOH A . 
G 6 HOH 20 320 6  HOH HOH A . 
G 6 HOH 21 321 23 HOH HOH A . 
G 6 HOH 22 322 21 HOH HOH A . 
G 6 HOH 23 323 19 HOH HOH A . 
G 6 HOH 24 324 30 HOH HOH A . 
G 6 HOH 25 325 12 HOH HOH A . 
G 6 HOH 26 326 14 HOH HOH A . 
G 6 HOH 27 327 25 HOH HOH A . 
G 6 HOH 28 328 22 HOH HOH A . 
G 6 HOH 29 329 9  HOH HOH A . 
G 6 HOH 30 330 24 HOH HOH A . 
G 6 HOH 31 331 34 HOH HOH A . 
G 6 HOH 32 332 15 HOH HOH A . 
G 6 HOH 33 333 28 HOH HOH A . 
G 6 HOH 34 334 31 HOH HOH A . 
# 
_pdbx_struct_assembly.id                   1 
_pdbx_struct_assembly.details              author_defined_assembly 
_pdbx_struct_assembly.method_details       ? 
_pdbx_struct_assembly.oligomeric_details   monomeric 
_pdbx_struct_assembly.oligomeric_count     1 
# 
_pdbx_struct_assembly_gen.assembly_id       1 
_pdbx_struct_assembly_gen.oper_expression   1 
_pdbx_struct_assembly_gen.asym_id_list      A,B,C,D,E,F,G 
# 
loop_
_pdbx_struct_assembly_prop.biol_id 
_pdbx_struct_assembly_prop.type 
_pdbx_struct_assembly_prop.value 
_pdbx_struct_assembly_prop.details 
1 'ABSA (A^2)' 740  ? 
1 MORE         6    ? 
1 'SSA (A^2)'  8580 ? 
# 
_pdbx_struct_oper_list.id                   1 
_pdbx_struct_oper_list.type                 'identity operation' 
_pdbx_struct_oper_list.name                 1_555 
_pdbx_struct_oper_list.symmetry_operation   x,y,z 
_pdbx_struct_oper_list.matrix[1][1]         1.0000000000 
_pdbx_struct_oper_list.matrix[1][2]         0.0000000000 
_pdbx_struct_oper_list.matrix[1][3]         0.0000000000 
_pdbx_struct_oper_list.vector[1]            0.0000000000 
_pdbx_struct_oper_list.matrix[2][1]         0.0000000000 
_pdbx_struct_oper_list.matrix[2][2]         1.0000000000 
_pdbx_struct_oper_list.matrix[2][3]         0.0000000000 
_pdbx_struct_oper_list.vector[2]            0.0000000000 
_pdbx_struct_oper_list.matrix[3][1]         0.0000000000 
_pdbx_struct_oper_list.matrix[3][2]         0.0000000000 
_pdbx_struct_oper_list.matrix[3][3]         1.0000000000 
_pdbx_struct_oper_list.vector[3]            0.0000000000 
# 
loop_
_pdbx_audit_revision_history.ordinal 
_pdbx_audit_revision_history.data_content_type 
_pdbx_audit_revision_history.major_revision 
_pdbx_audit_revision_history.minor_revision 
_pdbx_audit_revision_history.revision_date 
1 'Structure model' 1 0 2016-01-13 
2 'Structure model' 1 1 2016-01-27 
3 'Structure model' 1 2 2016-03-09 
4 'Structure model' 1 3 2023-11-08 
# 
_pdbx_audit_revision_details.ordinal             1 
_pdbx_audit_revision_details.revision_ordinal    1 
_pdbx_audit_revision_details.data_content_type   'Structure model' 
_pdbx_audit_revision_details.provider            repository 
_pdbx_audit_revision_details.type                'Initial release' 
_pdbx_audit_revision_details.description         ? 
_pdbx_audit_revision_details.details             ? 
# 
loop_
_pdbx_audit_revision_group.ordinal 
_pdbx_audit_revision_group.revision_ordinal 
_pdbx_audit_revision_group.data_content_type 
_pdbx_audit_revision_group.group 
1 2 'Structure model' 'Data collection'        
2 2 'Structure model' 'Database references'    
3 3 'Structure model' 'Database references'    
4 4 'Structure model' 'Data collection'        
5 4 'Structure model' 'Database references'    
6 4 'Structure model' 'Derived calculations'   
7 4 'Structure model' 'Refinement description' 
# 
loop_
_pdbx_audit_revision_category.ordinal 
_pdbx_audit_revision_category.revision_ordinal 
_pdbx_audit_revision_category.data_content_type 
_pdbx_audit_revision_category.category 
1 4 'Structure model' chem_comp_atom                
2 4 'Structure model' chem_comp_bond                
3 4 'Structure model' citation                      
4 4 'Structure model' database_2                    
5 4 'Structure model' diffrn_radiation_wavelength   
6 4 'Structure model' pdbx_initial_refinement_model 
7 4 'Structure model' pdbx_struct_oper_list         
# 
loop_
_pdbx_audit_revision_item.ordinal 
_pdbx_audit_revision_item.revision_ordinal 
_pdbx_audit_revision_item.data_content_type 
_pdbx_audit_revision_item.item 
1 4 'Structure model' '_citation.journal_id_CSD'                  
2 4 'Structure model' '_database_2.pdbx_DOI'                      
3 4 'Structure model' '_database_2.pdbx_database_accession'       
4 4 'Structure model' '_pdbx_struct_oper_list.symmetry_operation' 
# 
loop_
_software.citation_id 
_software.classification 
_software.compiler_name 
_software.compiler_version 
_software.contact_author 
_software.contact_author_email 
_software.date 
_software.description 
_software.dependencies 
_software.hardware 
_software.language 
_software.location 
_software.mods 
_software.name 
_software.os 
_software.os_version 
_software.type 
_software.version 
_software.pdbx_ordinal 
? refinement        ? ? ? ? ? ? ? ? ? ? ? REFMAC      ? ? ? 5.8.0124 1 
? 'data scaling'    ? ? ? ? ? ? ? ? ? ? ? Aimless     ? ? ? 0.5.9    2 
? 'data extraction' ? ? ? ? ? ? ? ? ? ? ? PDB_EXTRACT ? ? ? 3.15     3 
? 'data reduction'  ? ? ? ? ? ? ? ? ? ? ? MOSFLM      ? ? ? .        4 
? phasing           ? ? ? ? ? ? ? ? ? ? ? MOLREP      ? ? ? .        5 
# 
loop_
_pdbx_validate_torsion.id 
_pdbx_validate_torsion.PDB_model_num 
_pdbx_validate_torsion.auth_comp_id 
_pdbx_validate_torsion.auth_asym_id 
_pdbx_validate_torsion.auth_seq_id 
_pdbx_validate_torsion.PDB_ins_code 
_pdbx_validate_torsion.label_alt_id 
_pdbx_validate_torsion.phi 
_pdbx_validate_torsion.psi 
1 1 ASN A 52  ? ? -161.09 96.86 
2 1 GLU A 163 ? ? -96.99  31.06 
# 
loop_
_pdbx_unobs_or_zero_occ_residues.id 
_pdbx_unobs_or_zero_occ_residues.PDB_model_num 
_pdbx_unobs_or_zero_occ_residues.polymer_flag 
_pdbx_unobs_or_zero_occ_residues.occupancy_flag 
_pdbx_unobs_or_zero_occ_residues.auth_asym_id 
_pdbx_unobs_or_zero_occ_residues.auth_comp_id 
_pdbx_unobs_or_zero_occ_residues.auth_seq_id 
_pdbx_unobs_or_zero_occ_residues.PDB_ins_code 
_pdbx_unobs_or_zero_occ_residues.label_asym_id 
_pdbx_unobs_or_zero_occ_residues.label_comp_id 
_pdbx_unobs_or_zero_occ_residues.label_seq_id 
1 1 Y 1 A MET 28  ? A MET 1   
2 1 Y 1 A LYS 29  ? A LYS 2   
3 1 Y 1 A LYS 30  ? A LYS 3   
4 1 Y 1 A GLY 31  ? A GLY 4   
5 1 Y 1 A HIS 32  ? A HIS 5   
6 1 Y 1 A THR 166 ? A THR 139 
7 1 Y 1 A GLU 167 ? A GLU 140 
8 1 Y 1 A GLU 168 ? A GLU 141 
# 
loop_
_chem_comp_atom.comp_id 
_chem_comp_atom.atom_id 
_chem_comp_atom.type_symbol 
_chem_comp_atom.pdbx_aromatic_flag 
_chem_comp_atom.pdbx_stereo_config 
_chem_comp_atom.pdbx_ordinal 
ALA N    N  N N 1   
ALA CA   C  N S 2   
ALA C    C  N N 3   
ALA O    O  N N 4   
ALA CB   C  N N 5   
ALA OXT  O  N N 6   
ALA H    H  N N 7   
ALA H2   H  N N 8   
ALA HA   H  N N 9   
ALA HB1  H  N N 10  
ALA HB2  H  N N 11  
ALA HB3  H  N N 12  
ALA HXT  H  N N 13  
ARG N    N  N N 14  
ARG CA   C  N S 15  
ARG C    C  N N 16  
ARG O    O  N N 17  
ARG CB   C  N N 18  
ARG CG   C  N N 19  
ARG CD   C  N N 20  
ARG NE   N  N N 21  
ARG CZ   C  N N 22  
ARG NH1  N  N N 23  
ARG NH2  N  N N 24  
ARG OXT  O  N N 25  
ARG H    H  N N 26  
ARG H2   H  N N 27  
ARG HA   H  N N 28  
ARG HB2  H  N N 29  
ARG HB3  H  N N 30  
ARG HG2  H  N N 31  
ARG HG3  H  N N 32  
ARG HD2  H  N N 33  
ARG HD3  H  N N 34  
ARG HE   H  N N 35  
ARG HH11 H  N N 36  
ARG HH12 H  N N 37  
ARG HH21 H  N N 38  
ARG HH22 H  N N 39  
ARG HXT  H  N N 40  
ASN N    N  N N 41  
ASN CA   C  N S 42  
ASN C    C  N N 43  
ASN O    O  N N 44  
ASN CB   C  N N 45  
ASN CG   C  N N 46  
ASN OD1  O  N N 47  
ASN ND2  N  N N 48  
ASN OXT  O  N N 49  
ASN H    H  N N 50  
ASN H2   H  N N 51  
ASN HA   H  N N 52  
ASN HB2  H  N N 53  
ASN HB3  H  N N 54  
ASN HD21 H  N N 55  
ASN HD22 H  N N 56  
ASN HXT  H  N N 57  
ASP N    N  N N 58  
ASP CA   C  N S 59  
ASP C    C  N N 60  
ASP O    O  N N 61  
ASP CB   C  N N 62  
ASP CG   C  N N 63  
ASP OD1  O  N N 64  
ASP OD2  O  N N 65  
ASP OXT  O  N N 66  
ASP H    H  N N 67  
ASP H2   H  N N 68  
ASP HA   H  N N 69  
ASP HB2  H  N N 70  
ASP HB3  H  N N 71  
ASP HD2  H  N N 72  
ASP HXT  H  N N 73  
CYS N    N  N N 74  
CYS CA   C  N R 75  
CYS C    C  N N 76  
CYS O    O  N N 77  
CYS CB   C  N N 78  
CYS SG   S  N N 79  
CYS OXT  O  N N 80  
CYS H    H  N N 81  
CYS H2   H  N N 82  
CYS HA   H  N N 83  
CYS HB2  H  N N 84  
CYS HB3  H  N N 85  
CYS HG   H  N N 86  
CYS HXT  H  N N 87  
EB7 CLA  CL N N 88  
EB7 CAU  C  Y N 89  
EB7 CAV  C  Y N 90  
EB7 CAW  C  Y N 91  
EB7 FBA  F  N N 92  
EB7 CAX  C  Y N 93  
EB7 CAY  C  Y N 94  
EB7 CAR  C  Y N 95  
EB7 SAQ  S  N N 96  
EB7 OAS  O  N N 97  
EB7 OAT  O  N N 98  
EB7 NAP  N  N N 99  
EB7 CAC  C  Y N 100 
EB7 CAB  C  Y N 101 
EB7 CAA  C  Y N 102 
EB7 CAF  C  Y N 103 
EB7 CAE  C  Y N 104 
EB7 CAD  C  Y N 105 
EB7 CAG  C  Y N 106 
EB7 CAH  C  Y N 107 
EB7 CAI  C  Y N 108 
EB7 CAJ  C  Y N 109 
EB7 CAL  C  N N 110 
EB7 OAM  O  N N 111 
EB7 NAK  N  N N 112 
EB7 CAN  C  N N 113 
EB7 CAO  C  N N 114 
EB7 H1   H  N N 115 
EB7 H2   H  N N 116 
EB7 H3   H  N N 117 
EB7 H4   H  N N 118 
EB7 H5   H  N N 119 
EB7 H6   H  N N 120 
EB7 H7   H  N N 121 
EB7 H8   H  N N 122 
EB7 H9   H  N N 123 
EB7 H10  H  N N 124 
EB7 H11  H  N N 125 
EB7 H12  H  N N 126 
EB7 H13  H  N N 127 
EB7 H14  H  N N 128 
EDO C1   C  N N 129 
EDO O1   O  N N 130 
EDO C2   C  N N 131 
EDO O2   O  N N 132 
EDO H11  H  N N 133 
EDO H12  H  N N 134 
EDO HO1  H  N N 135 
EDO H21  H  N N 136 
EDO H22  H  N N 137 
EDO HO2  H  N N 138 
GLN N    N  N N 139 
GLN CA   C  N S 140 
GLN C    C  N N 141 
GLN O    O  N N 142 
GLN CB   C  N N 143 
GLN CG   C  N N 144 
GLN CD   C  N N 145 
GLN OE1  O  N N 146 
GLN NE2  N  N N 147 
GLN OXT  O  N N 148 
GLN H    H  N N 149 
GLN H2   H  N N 150 
GLN HA   H  N N 151 
GLN HB2  H  N N 152 
GLN HB3  H  N N 153 
GLN HG2  H  N N 154 
GLN HG3  H  N N 155 
GLN HE21 H  N N 156 
GLN HE22 H  N N 157 
GLN HXT  H  N N 158 
GLU N    N  N N 159 
GLU CA   C  N S 160 
GLU C    C  N N 161 
GLU O    O  N N 162 
GLU CB   C  N N 163 
GLU CG   C  N N 164 
GLU CD   C  N N 165 
GLU OE1  O  N N 166 
GLU OE2  O  N N 167 
GLU OXT  O  N N 168 
GLU H    H  N N 169 
GLU H2   H  N N 170 
GLU HA   H  N N 171 
GLU HB2  H  N N 172 
GLU HB3  H  N N 173 
GLU HG2  H  N N 174 
GLU HG3  H  N N 175 
GLU HE2  H  N N 176 
GLU HXT  H  N N 177 
GLY N    N  N N 178 
GLY CA   C  N N 179 
GLY C    C  N N 180 
GLY O    O  N N 181 
GLY OXT  O  N N 182 
GLY H    H  N N 183 
GLY H2   H  N N 184 
GLY HA2  H  N N 185 
GLY HA3  H  N N 186 
GLY HXT  H  N N 187 
GOL C1   C  N N 188 
GOL O1   O  N N 189 
GOL C2   C  N N 190 
GOL O2   O  N N 191 
GOL C3   C  N N 192 
GOL O3   O  N N 193 
GOL H11  H  N N 194 
GOL H12  H  N N 195 
GOL HO1  H  N N 196 
GOL H2   H  N N 197 
GOL HO2  H  N N 198 
GOL H31  H  N N 199 
GOL H32  H  N N 200 
GOL HO3  H  N N 201 
HIS N    N  N N 202 
HIS CA   C  N S 203 
HIS C    C  N N 204 
HIS O    O  N N 205 
HIS CB   C  N N 206 
HIS CG   C  Y N 207 
HIS ND1  N  Y N 208 
HIS CD2  C  Y N 209 
HIS CE1  C  Y N 210 
HIS NE2  N  Y N 211 
HIS OXT  O  N N 212 
HIS H    H  N N 213 
HIS H2   H  N N 214 
HIS HA   H  N N 215 
HIS HB2  H  N N 216 
HIS HB3  H  N N 217 
HIS HD1  H  N N 218 
HIS HD2  H  N N 219 
HIS HE1  H  N N 220 
HIS HE2  H  N N 221 
HIS HXT  H  N N 222 
HOH O    O  N N 223 
HOH H1   H  N N 224 
HOH H2   H  N N 225 
ILE N    N  N N 226 
ILE CA   C  N S 227 
ILE C    C  N N 228 
ILE O    O  N N 229 
ILE CB   C  N S 230 
ILE CG1  C  N N 231 
ILE CG2  C  N N 232 
ILE CD1  C  N N 233 
ILE OXT  O  N N 234 
ILE H    H  N N 235 
ILE H2   H  N N 236 
ILE HA   H  N N 237 
ILE HB   H  N N 238 
ILE HG12 H  N N 239 
ILE HG13 H  N N 240 
ILE HG21 H  N N 241 
ILE HG22 H  N N 242 
ILE HG23 H  N N 243 
ILE HD11 H  N N 244 
ILE HD12 H  N N 245 
ILE HD13 H  N N 246 
ILE HXT  H  N N 247 
LEU N    N  N N 248 
LEU CA   C  N S 249 
LEU C    C  N N 250 
LEU O    O  N N 251 
LEU CB   C  N N 252 
LEU CG   C  N N 253 
LEU CD1  C  N N 254 
LEU CD2  C  N N 255 
LEU OXT  O  N N 256 
LEU H    H  N N 257 
LEU H2   H  N N 258 
LEU HA   H  N N 259 
LEU HB2  H  N N 260 
LEU HB3  H  N N 261 
LEU HG   H  N N 262 
LEU HD11 H  N N 263 
LEU HD12 H  N N 264 
LEU HD13 H  N N 265 
LEU HD21 H  N N 266 
LEU HD22 H  N N 267 
LEU HD23 H  N N 268 
LEU HXT  H  N N 269 
LYS N    N  N N 270 
LYS CA   C  N S 271 
LYS C    C  N N 272 
LYS O    O  N N 273 
LYS CB   C  N N 274 
LYS CG   C  N N 275 
LYS CD   C  N N 276 
LYS CE   C  N N 277 
LYS NZ   N  N N 278 
LYS OXT  O  N N 279 
LYS H    H  N N 280 
LYS H2   H  N N 281 
LYS HA   H  N N 282 
LYS HB2  H  N N 283 
LYS HB3  H  N N 284 
LYS HG2  H  N N 285 
LYS HG3  H  N N 286 
LYS HD2  H  N N 287 
LYS HD3  H  N N 288 
LYS HE2  H  N N 289 
LYS HE3  H  N N 290 
LYS HZ1  H  N N 291 
LYS HZ2  H  N N 292 
LYS HZ3  H  N N 293 
LYS HXT  H  N N 294 
MET N    N  N N 295 
MET CA   C  N S 296 
MET C    C  N N 297 
MET O    O  N N 298 
MET CB   C  N N 299 
MET CG   C  N N 300 
MET SD   S  N N 301 
MET CE   C  N N 302 
MET OXT  O  N N 303 
MET H    H  N N 304 
MET H2   H  N N 305 
MET HA   H  N N 306 
MET HB2  H  N N 307 
MET HB3  H  N N 308 
MET HG2  H  N N 309 
MET HG3  H  N N 310 
MET HE1  H  N N 311 
MET HE2  H  N N 312 
MET HE3  H  N N 313 
MET HXT  H  N N 314 
NO3 N    N  N N 315 
NO3 O1   O  N N 316 
NO3 O2   O  N N 317 
NO3 O3   O  N N 318 
PHE N    N  N N 319 
PHE CA   C  N S 320 
PHE C    C  N N 321 
PHE O    O  N N 322 
PHE CB   C  N N 323 
PHE CG   C  Y N 324 
PHE CD1  C  Y N 325 
PHE CD2  C  Y N 326 
PHE CE1  C  Y N 327 
PHE CE2  C  Y N 328 
PHE CZ   C  Y N 329 
PHE OXT  O  N N 330 
PHE H    H  N N 331 
PHE H2   H  N N 332 
PHE HA   H  N N 333 
PHE HB2  H  N N 334 
PHE HB3  H  N N 335 
PHE HD1  H  N N 336 
PHE HD2  H  N N 337 
PHE HE1  H  N N 338 
PHE HE2  H  N N 339 
PHE HZ   H  N N 340 
PHE HXT  H  N N 341 
PRO N    N  N N 342 
PRO CA   C  N S 343 
PRO C    C  N N 344 
PRO O    O  N N 345 
PRO CB   C  N N 346 
PRO CG   C  N N 347 
PRO CD   C  N N 348 
PRO OXT  O  N N 349 
PRO H    H  N N 350 
PRO HA   H  N N 351 
PRO HB2  H  N N 352 
PRO HB3  H  N N 353 
PRO HG2  H  N N 354 
PRO HG3  H  N N 355 
PRO HD2  H  N N 356 
PRO HD3  H  N N 357 
PRO HXT  H  N N 358 
SER N    N  N N 359 
SER CA   C  N S 360 
SER C    C  N N 361 
SER O    O  N N 362 
SER CB   C  N N 363 
SER OG   O  N N 364 
SER OXT  O  N N 365 
SER H    H  N N 366 
SER H2   H  N N 367 
SER HA   H  N N 368 
SER HB2  H  N N 369 
SER HB3  H  N N 370 
SER HG   H  N N 371 
SER HXT  H  N N 372 
THR N    N  N N 373 
THR CA   C  N S 374 
THR C    C  N N 375 
THR O    O  N N 376 
THR CB   C  N R 377 
THR OG1  O  N N 378 
THR CG2  C  N N 379 
THR OXT  O  N N 380 
THR H    H  N N 381 
THR H2   H  N N 382 
THR HA   H  N N 383 
THR HB   H  N N 384 
THR HG1  H  N N 385 
THR HG21 H  N N 386 
THR HG22 H  N N 387 
THR HG23 H  N N 388 
THR HXT  H  N N 389 
TRP N    N  N N 390 
TRP CA   C  N S 391 
TRP C    C  N N 392 
TRP O    O  N N 393 
TRP CB   C  N N 394 
TRP CG   C  Y N 395 
TRP CD1  C  Y N 396 
TRP CD2  C  Y N 397 
TRP NE1  N  Y N 398 
TRP CE2  C  Y N 399 
TRP CE3  C  Y N 400 
TRP CZ2  C  Y N 401 
TRP CZ3  C  Y N 402 
TRP CH2  C  Y N 403 
TRP OXT  O  N N 404 
TRP H    H  N N 405 
TRP H2   H  N N 406 
TRP HA   H  N N 407 
TRP HB2  H  N N 408 
TRP HB3  H  N N 409 
TRP HD1  H  N N 410 
TRP HE1  H  N N 411 
TRP HE3  H  N N 412 
TRP HZ2  H  N N 413 
TRP HZ3  H  N N 414 
TRP HH2  H  N N 415 
TRP HXT  H  N N 416 
TYR N    N  N N 417 
TYR CA   C  N S 418 
TYR C    C  N N 419 
TYR O    O  N N 420 
TYR CB   C  N N 421 
TYR CG   C  Y N 422 
TYR CD1  C  Y N 423 
TYR CD2  C  Y N 424 
TYR CE1  C  Y N 425 
TYR CE2  C  Y N 426 
TYR CZ   C  Y N 427 
TYR OH   O  N N 428 
TYR OXT  O  N N 429 
TYR H    H  N N 430 
TYR H2   H  N N 431 
TYR HA   H  N N 432 
TYR HB2  H  N N 433 
TYR HB3  H  N N 434 
TYR HD1  H  N N 435 
TYR HD2  H  N N 436 
TYR HE1  H  N N 437 
TYR HE2  H  N N 438 
TYR HH   H  N N 439 
TYR HXT  H  N N 440 
VAL N    N  N N 441 
VAL CA   C  N S 442 
VAL C    C  N N 443 
VAL O    O  N N 444 
VAL CB   C  N N 445 
VAL CG1  C  N N 446 
VAL CG2  C  N N 447 
VAL OXT  O  N N 448 
VAL H    H  N N 449 
VAL H2   H  N N 450 
VAL HA   H  N N 451 
VAL HB   H  N N 452 
VAL HG11 H  N N 453 
VAL HG12 H  N N 454 
VAL HG13 H  N N 455 
VAL HG21 H  N N 456 
VAL HG22 H  N N 457 
VAL HG23 H  N N 458 
VAL HXT  H  N N 459 
# 
loop_
_chem_comp_bond.comp_id 
_chem_comp_bond.atom_id_1 
_chem_comp_bond.atom_id_2 
_chem_comp_bond.value_order 
_chem_comp_bond.pdbx_aromatic_flag 
_chem_comp_bond.pdbx_stereo_config 
_chem_comp_bond.pdbx_ordinal 
ALA N   CA   sing N N 1   
ALA N   H    sing N N 2   
ALA N   H2   sing N N 3   
ALA CA  C    sing N N 4   
ALA CA  CB   sing N N 5   
ALA CA  HA   sing N N 6   
ALA C   O    doub N N 7   
ALA C   OXT  sing N N 8   
ALA CB  HB1  sing N N 9   
ALA CB  HB2  sing N N 10  
ALA CB  HB3  sing N N 11  
ALA OXT HXT  sing N N 12  
ARG N   CA   sing N N 13  
ARG N   H    sing N N 14  
ARG N   H2   sing N N 15  
ARG CA  C    sing N N 16  
ARG CA  CB   sing N N 17  
ARG CA  HA   sing N N 18  
ARG C   O    doub N N 19  
ARG C   OXT  sing N N 20  
ARG CB  CG   sing N N 21  
ARG CB  HB2  sing N N 22  
ARG CB  HB3  sing N N 23  
ARG CG  CD   sing N N 24  
ARG CG  HG2  sing N N 25  
ARG CG  HG3  sing N N 26  
ARG CD  NE   sing N N 27  
ARG CD  HD2  sing N N 28  
ARG CD  HD3  sing N N 29  
ARG NE  CZ   sing N N 30  
ARG NE  HE   sing N N 31  
ARG CZ  NH1  sing N N 32  
ARG CZ  NH2  doub N N 33  
ARG NH1 HH11 sing N N 34  
ARG NH1 HH12 sing N N 35  
ARG NH2 HH21 sing N N 36  
ARG NH2 HH22 sing N N 37  
ARG OXT HXT  sing N N 38  
ASN N   CA   sing N N 39  
ASN N   H    sing N N 40  
ASN N   H2   sing N N 41  
ASN CA  C    sing N N 42  
ASN CA  CB   sing N N 43  
ASN CA  HA   sing N N 44  
ASN C   O    doub N N 45  
ASN C   OXT  sing N N 46  
ASN CB  CG   sing N N 47  
ASN CB  HB2  sing N N 48  
ASN CB  HB3  sing N N 49  
ASN CG  OD1  doub N N 50  
ASN CG  ND2  sing N N 51  
ASN ND2 HD21 sing N N 52  
ASN ND2 HD22 sing N N 53  
ASN OXT HXT  sing N N 54  
ASP N   CA   sing N N 55  
ASP N   H    sing N N 56  
ASP N   H2   sing N N 57  
ASP CA  C    sing N N 58  
ASP CA  CB   sing N N 59  
ASP CA  HA   sing N N 60  
ASP C   O    doub N N 61  
ASP C   OXT  sing N N 62  
ASP CB  CG   sing N N 63  
ASP CB  HB2  sing N N 64  
ASP CB  HB3  sing N N 65  
ASP CG  OD1  doub N N 66  
ASP CG  OD2  sing N N 67  
ASP OD2 HD2  sing N N 68  
ASP OXT HXT  sing N N 69  
CYS N   CA   sing N N 70  
CYS N   H    sing N N 71  
CYS N   H2   sing N N 72  
CYS CA  C    sing N N 73  
CYS CA  CB   sing N N 74  
CYS CA  HA   sing N N 75  
CYS C   O    doub N N 76  
CYS C   OXT  sing N N 77  
CYS CB  SG   sing N N 78  
CYS CB  HB2  sing N N 79  
CYS CB  HB3  sing N N 80  
CYS SG  HG   sing N N 81  
CYS OXT HXT  sing N N 82  
EB7 CAN CAO  sing N N 83  
EB7 CAN NAK  sing N N 84  
EB7 NAK CAF  sing N N 85  
EB7 NAK CAL  sing N N 86  
EB7 CAA CAF  doub Y N 87  
EB7 CAA CAB  sing Y N 88  
EB7 CAF CAE  sing Y N 89  
EB7 OAM CAL  doub N N 90  
EB7 CAB CAC  doub Y N 91  
EB7 CAL CAJ  sing N N 92  
EB7 CAE CAJ  doub Y N 93  
EB7 CAE CAD  sing Y N 94  
EB7 CAJ CAI  sing Y N 95  
EB7 CAC CAD  sing Y N 96  
EB7 CAC NAP  sing N N 97  
EB7 OAT SAQ  doub N N 98  
EB7 CAD CAG  doub Y N 99  
EB7 NAP SAQ  sing N N 100 
EB7 CAI CAH  doub Y N 101 
EB7 CAG CAH  sing Y N 102 
EB7 SAQ OAS  doub N N 103 
EB7 SAQ CAR  sing N N 104 
EB7 CAY CAR  doub Y N 105 
EB7 CAY CAX  sing Y N 106 
EB7 CAR CAU  sing Y N 107 
EB7 CAX CAW  doub Y N 108 
EB7 CAU CLA  sing N N 109 
EB7 CAU CAV  doub Y N 110 
EB7 CAW CAV  sing Y N 111 
EB7 CAW FBA  sing N N 112 
EB7 CAV H1   sing N N 113 
EB7 CAX H2   sing N N 114 
EB7 CAY H3   sing N N 115 
EB7 NAP H4   sing N N 116 
EB7 CAB H5   sing N N 117 
EB7 CAA H6   sing N N 118 
EB7 CAG H7   sing N N 119 
EB7 CAH H8   sing N N 120 
EB7 CAI H9   sing N N 121 
EB7 CAN H10  sing N N 122 
EB7 CAN H11  sing N N 123 
EB7 CAO H12  sing N N 124 
EB7 CAO H13  sing N N 125 
EB7 CAO H14  sing N N 126 
EDO C1  O1   sing N N 127 
EDO C1  C2   sing N N 128 
EDO C1  H11  sing N N 129 
EDO C1  H12  sing N N 130 
EDO O1  HO1  sing N N 131 
EDO C2  O2   sing N N 132 
EDO C2  H21  sing N N 133 
EDO C2  H22  sing N N 134 
EDO O2  HO2  sing N N 135 
GLN N   CA   sing N N 136 
GLN N   H    sing N N 137 
GLN N   H2   sing N N 138 
GLN CA  C    sing N N 139 
GLN CA  CB   sing N N 140 
GLN CA  HA   sing N N 141 
GLN C   O    doub N N 142 
GLN C   OXT  sing N N 143 
GLN CB  CG   sing N N 144 
GLN CB  HB2  sing N N 145 
GLN CB  HB3  sing N N 146 
GLN CG  CD   sing N N 147 
GLN CG  HG2  sing N N 148 
GLN CG  HG3  sing N N 149 
GLN CD  OE1  doub N N 150 
GLN CD  NE2  sing N N 151 
GLN NE2 HE21 sing N N 152 
GLN NE2 HE22 sing N N 153 
GLN OXT HXT  sing N N 154 
GLU N   CA   sing N N 155 
GLU N   H    sing N N 156 
GLU N   H2   sing N N 157 
GLU CA  C    sing N N 158 
GLU CA  CB   sing N N 159 
GLU CA  HA   sing N N 160 
GLU C   O    doub N N 161 
GLU C   OXT  sing N N 162 
GLU CB  CG   sing N N 163 
GLU CB  HB2  sing N N 164 
GLU CB  HB3  sing N N 165 
GLU CG  CD   sing N N 166 
GLU CG  HG2  sing N N 167 
GLU CG  HG3  sing N N 168 
GLU CD  OE1  doub N N 169 
GLU CD  OE2  sing N N 170 
GLU OE2 HE2  sing N N 171 
GLU OXT HXT  sing N N 172 
GLY N   CA   sing N N 173 
GLY N   H    sing N N 174 
GLY N   H2   sing N N 175 
GLY CA  C    sing N N 176 
GLY CA  HA2  sing N N 177 
GLY CA  HA3  sing N N 178 
GLY C   O    doub N N 179 
GLY C   OXT  sing N N 180 
GLY OXT HXT  sing N N 181 
GOL C1  O1   sing N N 182 
GOL C1  C2   sing N N 183 
GOL C1  H11  sing N N 184 
GOL C1  H12  sing N N 185 
GOL O1  HO1  sing N N 186 
GOL C2  O2   sing N N 187 
GOL C2  C3   sing N N 188 
GOL C2  H2   sing N N 189 
GOL O2  HO2  sing N N 190 
GOL C3  O3   sing N N 191 
GOL C3  H31  sing N N 192 
GOL C3  H32  sing N N 193 
GOL O3  HO3  sing N N 194 
HIS N   CA   sing N N 195 
HIS N   H    sing N N 196 
HIS N   H2   sing N N 197 
HIS CA  C    sing N N 198 
HIS CA  CB   sing N N 199 
HIS CA  HA   sing N N 200 
HIS C   O    doub N N 201 
HIS C   OXT  sing N N 202 
HIS CB  CG   sing N N 203 
HIS CB  HB2  sing N N 204 
HIS CB  HB3  sing N N 205 
HIS CG  ND1  sing Y N 206 
HIS CG  CD2  doub Y N 207 
HIS ND1 CE1  doub Y N 208 
HIS ND1 HD1  sing N N 209 
HIS CD2 NE2  sing Y N 210 
HIS CD2 HD2  sing N N 211 
HIS CE1 NE2  sing Y N 212 
HIS CE1 HE1  sing N N 213 
HIS NE2 HE2  sing N N 214 
HIS OXT HXT  sing N N 215 
HOH O   H1   sing N N 216 
HOH O   H2   sing N N 217 
ILE N   CA   sing N N 218 
ILE N   H    sing N N 219 
ILE N   H2   sing N N 220 
ILE CA  C    sing N N 221 
ILE CA  CB   sing N N 222 
ILE CA  HA   sing N N 223 
ILE C   O    doub N N 224 
ILE C   OXT  sing N N 225 
ILE CB  CG1  sing N N 226 
ILE CB  CG2  sing N N 227 
ILE CB  HB   sing N N 228 
ILE CG1 CD1  sing N N 229 
ILE CG1 HG12 sing N N 230 
ILE CG1 HG13 sing N N 231 
ILE CG2 HG21 sing N N 232 
ILE CG2 HG22 sing N N 233 
ILE CG2 HG23 sing N N 234 
ILE CD1 HD11 sing N N 235 
ILE CD1 HD12 sing N N 236 
ILE CD1 HD13 sing N N 237 
ILE OXT HXT  sing N N 238 
LEU N   CA   sing N N 239 
LEU N   H    sing N N 240 
LEU N   H2   sing N N 241 
LEU CA  C    sing N N 242 
LEU CA  CB   sing N N 243 
LEU CA  HA   sing N N 244 
LEU C   O    doub N N 245 
LEU C   OXT  sing N N 246 
LEU CB  CG   sing N N 247 
LEU CB  HB2  sing N N 248 
LEU CB  HB3  sing N N 249 
LEU CG  CD1  sing N N 250 
LEU CG  CD2  sing N N 251 
LEU CG  HG   sing N N 252 
LEU CD1 HD11 sing N N 253 
LEU CD1 HD12 sing N N 254 
LEU CD1 HD13 sing N N 255 
LEU CD2 HD21 sing N N 256 
LEU CD2 HD22 sing N N 257 
LEU CD2 HD23 sing N N 258 
LEU OXT HXT  sing N N 259 
LYS N   CA   sing N N 260 
LYS N   H    sing N N 261 
LYS N   H2   sing N N 262 
LYS CA  C    sing N N 263 
LYS CA  CB   sing N N 264 
LYS CA  HA   sing N N 265 
LYS C   O    doub N N 266 
LYS C   OXT  sing N N 267 
LYS CB  CG   sing N N 268 
LYS CB  HB2  sing N N 269 
LYS CB  HB3  sing N N 270 
LYS CG  CD   sing N N 271 
LYS CG  HG2  sing N N 272 
LYS CG  HG3  sing N N 273 
LYS CD  CE   sing N N 274 
LYS CD  HD2  sing N N 275 
LYS CD  HD3  sing N N 276 
LYS CE  NZ   sing N N 277 
LYS CE  HE2  sing N N 278 
LYS CE  HE3  sing N N 279 
LYS NZ  HZ1  sing N N 280 
LYS NZ  HZ2  sing N N 281 
LYS NZ  HZ3  sing N N 282 
LYS OXT HXT  sing N N 283 
MET N   CA   sing N N 284 
MET N   H    sing N N 285 
MET N   H2   sing N N 286 
MET CA  C    sing N N 287 
MET CA  CB   sing N N 288 
MET CA  HA   sing N N 289 
MET C   O    doub N N 290 
MET C   OXT  sing N N 291 
MET CB  CG   sing N N 292 
MET CB  HB2  sing N N 293 
MET CB  HB3  sing N N 294 
MET CG  SD   sing N N 295 
MET CG  HG2  sing N N 296 
MET CG  HG3  sing N N 297 
MET SD  CE   sing N N 298 
MET CE  HE1  sing N N 299 
MET CE  HE2  sing N N 300 
MET CE  HE3  sing N N 301 
MET OXT HXT  sing N N 302 
NO3 N   O1   doub N N 303 
NO3 N   O2   sing N N 304 
NO3 N   O3   sing N N 305 
PHE N   CA   sing N N 306 
PHE N   H    sing N N 307 
PHE N   H2   sing N N 308 
PHE CA  C    sing N N 309 
PHE CA  CB   sing N N 310 
PHE CA  HA   sing N N 311 
PHE C   O    doub N N 312 
PHE C   OXT  sing N N 313 
PHE CB  CG   sing N N 314 
PHE CB  HB2  sing N N 315 
PHE CB  HB3  sing N N 316 
PHE CG  CD1  doub Y N 317 
PHE CG  CD2  sing Y N 318 
PHE CD1 CE1  sing Y N 319 
PHE CD1 HD1  sing N N 320 
PHE CD2 CE2  doub Y N 321 
PHE CD2 HD2  sing N N 322 
PHE CE1 CZ   doub Y N 323 
PHE CE1 HE1  sing N N 324 
PHE CE2 CZ   sing Y N 325 
PHE CE2 HE2  sing N N 326 
PHE CZ  HZ   sing N N 327 
PHE OXT HXT  sing N N 328 
PRO N   CA   sing N N 329 
PRO N   CD   sing N N 330 
PRO N   H    sing N N 331 
PRO CA  C    sing N N 332 
PRO CA  CB   sing N N 333 
PRO CA  HA   sing N N 334 
PRO C   O    doub N N 335 
PRO C   OXT  sing N N 336 
PRO CB  CG   sing N N 337 
PRO CB  HB2  sing N N 338 
PRO CB  HB3  sing N N 339 
PRO CG  CD   sing N N 340 
PRO CG  HG2  sing N N 341 
PRO CG  HG3  sing N N 342 
PRO CD  HD2  sing N N 343 
PRO CD  HD3  sing N N 344 
PRO OXT HXT  sing N N 345 
SER N   CA   sing N N 346 
SER N   H    sing N N 347 
SER N   H2   sing N N 348 
SER CA  C    sing N N 349 
SER CA  CB   sing N N 350 
SER CA  HA   sing N N 351 
SER C   O    doub N N 352 
SER C   OXT  sing N N 353 
SER CB  OG   sing N N 354 
SER CB  HB2  sing N N 355 
SER CB  HB3  sing N N 356 
SER OG  HG   sing N N 357 
SER OXT HXT  sing N N 358 
THR N   CA   sing N N 359 
THR N   H    sing N N 360 
THR N   H2   sing N N 361 
THR CA  C    sing N N 362 
THR CA  CB   sing N N 363 
THR CA  HA   sing N N 364 
THR C   O    doub N N 365 
THR C   OXT  sing N N 366 
THR CB  OG1  sing N N 367 
THR CB  CG2  sing N N 368 
THR CB  HB   sing N N 369 
THR OG1 HG1  sing N N 370 
THR CG2 HG21 sing N N 371 
THR CG2 HG22 sing N N 372 
THR CG2 HG23 sing N N 373 
THR OXT HXT  sing N N 374 
TRP N   CA   sing N N 375 
TRP N   H    sing N N 376 
TRP N   H2   sing N N 377 
TRP CA  C    sing N N 378 
TRP CA  CB   sing N N 379 
TRP CA  HA   sing N N 380 
TRP C   O    doub N N 381 
TRP C   OXT  sing N N 382 
TRP CB  CG   sing N N 383 
TRP CB  HB2  sing N N 384 
TRP CB  HB3  sing N N 385 
TRP CG  CD1  doub Y N 386 
TRP CG  CD2  sing Y N 387 
TRP CD1 NE1  sing Y N 388 
TRP CD1 HD1  sing N N 389 
TRP CD2 CE2  doub Y N 390 
TRP CD2 CE3  sing Y N 391 
TRP NE1 CE2  sing Y N 392 
TRP NE1 HE1  sing N N 393 
TRP CE2 CZ2  sing Y N 394 
TRP CE3 CZ3  doub Y N 395 
TRP CE3 HE3  sing N N 396 
TRP CZ2 CH2  doub Y N 397 
TRP CZ2 HZ2  sing N N 398 
TRP CZ3 CH2  sing Y N 399 
TRP CZ3 HZ3  sing N N 400 
TRP CH2 HH2  sing N N 401 
TRP OXT HXT  sing N N 402 
TYR N   CA   sing N N 403 
TYR N   H    sing N N 404 
TYR N   H2   sing N N 405 
TYR CA  C    sing N N 406 
TYR CA  CB   sing N N 407 
TYR CA  HA   sing N N 408 
TYR C   O    doub N N 409 
TYR C   OXT  sing N N 410 
TYR CB  CG   sing N N 411 
TYR CB  HB2  sing N N 412 
TYR CB  HB3  sing N N 413 
TYR CG  CD1  doub Y N 414 
TYR CG  CD2  sing Y N 415 
TYR CD1 CE1  sing Y N 416 
TYR CD1 HD1  sing N N 417 
TYR CD2 CE2  doub Y N 418 
TYR CD2 HD2  sing N N 419 
TYR CE1 CZ   doub Y N 420 
TYR CE1 HE1  sing N N 421 
TYR CE2 CZ   sing Y N 422 
TYR CE2 HE2  sing N N 423 
TYR CZ  OH   sing N N 424 
TYR OH  HH   sing N N 425 
TYR OXT HXT  sing N N 426 
VAL N   CA   sing N N 427 
VAL N   H    sing N N 428 
VAL N   H2   sing N N 429 
VAL CA  C    sing N N 430 
VAL CA  CB   sing N N 431 
VAL CA  HA   sing N N 432 
VAL C   O    doub N N 433 
VAL C   OXT  sing N N 434 
VAL CB  CG1  sing N N 435 
VAL CB  CG2  sing N N 436 
VAL CB  HB   sing N N 437 
VAL CG1 HG11 sing N N 438 
VAL CG1 HG12 sing N N 439 
VAL CG1 HG13 sing N N 440 
VAL CG2 HG21 sing N N 441 
VAL CG2 HG22 sing N N 442 
VAL CG2 HG23 sing N N 443 
VAL OXT HXT  sing N N 444 
# 
loop_
_pdbx_entity_nonpoly.entity_id 
_pdbx_entity_nonpoly.name 
_pdbx_entity_nonpoly.comp_id 
2 1,2-ETHANEDIOL                                                                         EDO 
3 'NITRATE ION'                                                                          NO3 
4 '2-chloro-N-(1-ethyl-2-oxo-1,2-dihydrobenzo[cd]indol-6-yl)-4-fluorobenzenesulfonamide' EB7 
5 GLYCEROL                                                                               GOL 
6 water                                                                                  HOH 
# 
_pdbx_initial_refinement_model.id               1 
_pdbx_initial_refinement_model.entity_id_list   ? 
_pdbx_initial_refinement_model.type             'experimental model' 
_pdbx_initial_refinement_model.source_name      PDB 
_pdbx_initial_refinement_model.accession_code   3MXF 
_pdbx_initial_refinement_model.details          ? 
# 
